data_9MPP
#
_entry.id   9MPP
#
_cell.length_a   1.00
_cell.length_b   1.00
_cell.length_c   1.00
_cell.angle_alpha   90.00
_cell.angle_beta   90.00
_cell.angle_gamma   90.00
#
_symmetry.space_group_name_H-M   'P 1'
#
loop_
_entity.id
_entity.type
_entity.pdbx_description
1 polymer 'Histone H3.2'
2 polymer 'Histone H4'
3 polymer 'Histone H2A type 1'
4 polymer 'Histone H2B 1.1'
5 polymer 'DNA (167-MER)'
6 polymer 'DNA (167-MER)'
7 polymer 'DNA (cytosine-5)-methyltransferase 3A'
8 polymer 'DNA (cytosine-5)-methyltransferase 3-like'
9 non-polymer 'ZINC ION'
10 non-polymer S-ADENOSYL-L-HOMOCYSTEINE
#
loop_
_entity_poly.entity_id
_entity_poly.type
_entity_poly.pdbx_seq_one_letter_code
_entity_poly.pdbx_strand_id
1 'polypeptide(L)'
;ARTKQTARKSTGGKAPRKQLATKAARKSAPATGGVKKPHRYRPGTVALREIRRYQKSTELLIRKLPFQRLVREIAQDFKT
DLRFQSSAVMALQEASEAYLVALFEDTNLCAIHAKRVTIMPKDIQLARRIRGERA
;
A,E
2 'polypeptide(L)'
;MSGRGKGGKGLGKGGAKRHRKVLRDNIQGITKPAIRRLARRGGVKRISGLIYEETRGVLKVFLENVIRDAVTYTEHAKRK
TVTAMDVVYALKRQGRTLYGFGG
;
B,F
3 'polypeptide(L)'
;SGRGKQGGKTRAKAKTRSSRAGLQFPVGRVHRLLRKGNYAERVGAGAPVYLAAVLEYLTAEILELAGNAARDNKKTRIIP
RHLQLAVRNDEELNKLLGRVTIAQGGVLPNIQSVLLPKKTESSKSAKSK
;
C,G
4 'polypeptide(L)'
;MAKSAPAPKKGSKKAVTKTQKKDGKKRRKTRKESYAIYVYKVLKQVHPDTGISSKAMSIMNSFVNDVFERIAGEASRLAH
YNKRSTITSREIQTAVRLLLPGELAKHAVSEGTKAVTKYTSAK
;
D,H
5 'polydeoxyribonucleotide'
;(DA)(DT)(DC)(DG)(DG)(DC)(DC)(DG)(DC)(DC)(DC)(DT)(DG)(DG)(DA)(DG)(DA)(DA)(DT)(DC)
(DC)(DC)(DG)(DG)(DT)(DG)(DC)(DC)(DG)(DA)(DG)(DG)(DC)(DC)(DG)(DC)(DT)(DC)(DA)(DA)
(DT)(DT)(DG)(DG)(DT)(DC)(DG)(DT)(DA)(DG)(DA)(DC)(DA)(DG)(DC)(DT)(DC)(DT)(DA)(DG)
(DC)(DA)(DC)(DC)(DG)(DC)(DT)(DT)(DA)(DA)(DA)(DC)(DG)(DC)(DA)(DC)(DG)(DT)(DA)(DC)
(DG)(DC)(DG)(DC)(DT)(DG)(DT)(DC)(DC)(DC)(DC)(DC)(DG)(DC)(DG)(DT)(DT)(DT)(DT)(DA)
(DA)(DC)(DC)(DG)(DC)(DC)(DA)(DA)(DG)(DG)(DG)(DG)(DA)(DT)(DT)(DA)(DC)(DT)(DC)(DC)
(DC)(DT)(DA)(DG)(DT)(DC)(DT)(DC)(DC)(DA)(DG)(DG)(DC)(DA)(DC)(DG)(DT)(DG)(DT)(DC)
(DA)(DG)(DA)(DT)(DA)(DT)(DA)(DT)(DA)(DC)(DA)(DT)(DC)(DC)(DT)(DG)(DT)(DG)(DG)(DC)
(DG)(DG)(DC)(DC)(DG)(DA)(DT)
;
I
6 'polydeoxyribonucleotide'
;(DA)(DT)(DC)(DG)(DG)(DC)(DC)(DG)(DC)(DC)(DA)(DC)(DA)(DG)(DG)(DA)(DT)(DG)(DT)(DA)
(DT)(DA)(DT)(DA)(DT)(DC)(DT)(DG)(DA)(DC)(DA)(DC)(DG)(DT)(DG)(DC)(DC)(DT)(DG)(DG)
(DA)(DG)(DA)(DC)(DT)(DA)(DG)(DG)(DG)(DA)(DG)(DT)(DA)(DA)(DT)(DC)(DC)(DC)(DC)(DT)
(DT)(DG)(DG)(DC)(DG)(DG)(DT)(DT)(DA)(DA)(DA)(DA)(DC)(DG)(DC)(DG)(DG)(DG)(DG)(DG)
(DA)(DC)(DA)(DG)(DC)(DG)(DC)(DG)(DT)(DA)(DC)(DG)(DT)(DG)(DC)(DG)(DT)(DT)(DT)(DA)
(DA)(DG)(DC)(DG)(DG)(DT)(DG)(DC)(DT)(DA)(DG)(DA)(DG)(DC)(DT)(DG)(DT)(DC)(DT)(DA)
(DC)(DG)(DA)(DC)(DC)(DA)(DA)(DT)(DT)(DG)(DA)(DG)(DC)(DG)(DG)(DC)(DC)(DT)(DC)(DG)
(DG)(DC)(DA)(DC)(DC)(DG)(DG)(DG)(DA)(DT)(DT)(DC)(DT)(DC)(DC)(DA)(DG)(DG)(DG)(DC)
(DG)(DG)(DC)(DC)(DG)(DA)(DT)
;
J
7 'polypeptide(L)'
;MNAVEENQGPGESQKVEEASPPAVQQPTDPASPTVATTPEPVGSDAGDKNATKAGDDEPEYEDGRGFGIGELVWGKLRGF
SWWPGRIVSWWMTGRSRAAEGTRWVMWFGDGKFSVVCVEKLMPLSSFCSAFHQATYNKQPMYRKAIYEVLQVASSRAGKL
FPVCHDSDESDTAKAVEVQNKPMIEWALGGFQPSGPKGLEPPEEEKNPYKEVYTDMWVEPEAAAYAPPPPAKKPRKSTAE
KPKVKEIIDERTRERLVYEVRQKCRNIEDICISCGSLNVTLEHPLFVGGMCQNCKNCFLECAYQYDDDGYQSYCTICCGG
REVLMCGNNNCCRCFCVECVDLLVGPGAAQAAIKEDPWNCYMCGHKGTYGLLRRREDWPSRLQMFFANNHDQEFDPPKVY
PPVPAEKRKPIRVLSLFDGIATGLLVLKDLGIQVDRYIASEVCEDSITVGMVRHQGKIMYVGDVRSVTQKHIQEWGPFDL
VIGGSPCNDLSIVNPARKGLYEGTGRLFFEFYRLLHDARPKEGDDRPFFWLFENVVAMGVSDKRDISRFLESNPVMIDAK
EVSAAHRARYFWGNLPGMNRPLASTVNDKLELQECLEHGRIAKFSKVRTITTRSNSIKQGKDQHFPVFMNEKEDILWCTE
MERVFGFPVHYTDVSNMSRLARQRLLGRSWSVPVIRHLFAPLKEYFACV
;
M,K
8 'polypeptide(L)'
;MAAITALDPEAEPSMDVILVGSSELSSSVSPGTGRDLIAYEVKANQRNIEDICICCGSLQVHTQHPLFEGGICAPCKDKF
LDALFLYDDDGYQSYCSICCSGETLLICGNPDCTRCYCFECVDSLVGPGTSGKVHAMSNWVCYLCLPSSRSGLLQRRRKW
RSQLKAFYDRESENPLEMFETVPVWRRQPVRVLSLFEDIKKELTSLGFLESGSDPGQLKHVVDVTDTVRKDVEEWGPFDL
VYGATPPLGHTCDRPPSWYLFQFHRLLQYARPKPGSPGPFFWMFVDNLVLNKEDLDVASRFLEMEPVTIPDVHGGSLQNA
VRVWSNIPAIRSRHWALVSEEELSLLAQNKQSSKLAAKWPTKLVKNCFLPLREYFKYFSTELTSSL
;
N,L
#
loop_
_chem_comp.id
_chem_comp.type
_chem_comp.name
_chem_comp.formula
DA DNA linking 2'-DEOXYADENOSINE-5'-MONOPHOSPHATE 'C10 H14 N5 O6 P'
DC DNA linking 2'-DEOXYCYTIDINE-5'-MONOPHOSPHATE 'C9 H14 N3 O7 P'
DG DNA linking 2'-DEOXYGUANOSINE-5'-MONOPHOSPHATE 'C10 H14 N5 O7 P'
DT DNA linking THYMIDINE-5'-MONOPHOSPHATE 'C10 H15 N2 O8 P'
SAH non-polymer S-ADENOSYL-L-HOMOCYSTEINE 'C14 H20 N6 O5 S'
ZN non-polymer 'ZINC ION' 'Zn 2'
#
# COMPACT_ATOMS: atom_id res chain seq x y z
N LYS A 36 -22.21 -23.85 7.01
CA LYS A 36 -21.08 -23.10 6.40
C LYS A 36 -19.91 -24.04 6.12
N LYS A 37 -20.22 -25.26 5.67
CA LYS A 37 -19.21 -26.30 5.38
C LYS A 37 -18.70 -26.22 3.93
N PRO A 38 -19.53 -26.11 2.88
CA PRO A 38 -18.95 -25.98 1.53
C PRO A 38 -18.30 -24.61 1.32
N HIS A 39 -16.99 -24.61 1.05
CA HIS A 39 -16.20 -23.39 0.86
C HIS A 39 -16.58 -22.74 -0.47
N ARG A 40 -16.54 -21.41 -0.49
CA ARG A 40 -16.87 -20.63 -1.70
C ARG A 40 -16.00 -19.37 -1.75
N TYR A 41 -15.43 -19.08 -2.92
CA TYR A 41 -14.50 -17.96 -3.13
C TYR A 41 -15.29 -16.69 -3.45
N ARG A 42 -14.57 -15.65 -3.87
CA ARG A 42 -15.12 -14.36 -4.31
C ARG A 42 -15.08 -14.29 -5.84
N PRO A 43 -15.94 -13.47 -6.48
CA PRO A 43 -15.90 -13.31 -7.93
C PRO A 43 -14.62 -12.69 -8.52
N GLY A 44 -13.83 -11.97 -7.73
CA GLY A 44 -12.55 -11.44 -8.22
C GLY A 44 -11.49 -12.51 -8.29
N THR A 45 -11.46 -13.41 -7.31
CA THR A 45 -10.35 -14.36 -7.08
C THR A 45 -10.27 -15.36 -8.22
N VAL A 46 -11.34 -16.11 -8.46
CA VAL A 46 -11.35 -17.25 -9.42
C VAL A 46 -11.09 -16.71 -10.82
N ALA A 47 -11.63 -15.54 -11.14
CA ALA A 47 -11.41 -14.87 -12.44
C ALA A 47 -9.93 -14.54 -12.60
N LEU A 48 -9.29 -13.98 -11.58
CA LEU A 48 -7.87 -13.57 -11.69
C LEU A 48 -6.95 -14.80 -11.69
N ARG A 49 -7.34 -15.88 -11.00
CA ARG A 49 -6.55 -17.13 -11.06
C ARG A 49 -6.62 -17.72 -12.47
N GLU A 50 -7.80 -17.64 -13.12
CA GLU A 50 -7.96 -18.08 -14.52
C GLU A 50 -7.12 -17.19 -15.43
N ILE A 51 -7.04 -15.89 -15.15
CA ILE A 51 -6.23 -14.95 -15.97
C ILE A 51 -4.75 -15.32 -15.87
N ARG A 52 -4.27 -15.63 -14.66
CA ARG A 52 -2.86 -16.04 -14.45
C ARG A 52 -2.60 -17.39 -15.12
N ARG A 53 -3.56 -18.31 -15.03
CA ARG A 53 -3.44 -19.67 -15.59
C ARG A 53 -3.35 -19.64 -17.12
N TYR A 54 -4.25 -18.89 -17.77
CA TYR A 54 -4.31 -18.85 -19.26
C TYR A 54 -3.35 -17.83 -19.86
N GLN A 55 -2.71 -16.99 -19.05
CA GLN A 55 -1.58 -16.17 -19.54
C GLN A 55 -0.28 -16.97 -19.47
N LYS A 56 -0.14 -17.85 -18.47
CA LYS A 56 1.09 -18.66 -18.32
C LYS A 56 1.06 -19.93 -19.19
N SER A 57 0.01 -20.15 -19.97
CA SER A 57 -0.11 -21.32 -20.85
C SER A 57 0.06 -20.91 -22.31
N THR A 58 0.23 -21.91 -23.18
CA THR A 58 0.49 -21.70 -24.63
C THR A 58 -0.49 -22.46 -25.52
N GLU A 59 -1.23 -23.42 -24.97
CA GLU A 59 -2.01 -24.36 -25.79
C GLU A 59 -3.22 -23.65 -26.39
N LEU A 60 -3.83 -24.29 -27.39
CA LEU A 60 -5.04 -23.75 -28.07
C LEU A 60 -6.25 -23.87 -27.15
N LEU A 61 -7.12 -22.87 -27.18
CA LEU A 61 -8.28 -22.78 -26.28
C LEU A 61 -9.59 -23.11 -26.99
N ILE A 62 -9.71 -22.77 -28.27
CA ILE A 62 -10.85 -23.22 -29.09
C ILE A 62 -10.67 -24.70 -29.39
N ARG A 63 -11.76 -25.47 -29.31
CA ARG A 63 -11.77 -26.90 -29.68
C ARG A 63 -11.46 -27.02 -31.16
N LYS A 64 -10.78 -28.10 -31.55
CA LYS A 64 -10.22 -28.24 -32.91
C LYS A 64 -11.29 -28.58 -33.94
N LEU A 65 -12.19 -29.51 -33.61
CA LEU A 65 -13.19 -30.01 -34.60
C LEU A 65 -14.32 -29.00 -34.85
N PRO A 66 -14.90 -28.29 -33.85
CA PRO A 66 -15.84 -27.22 -34.19
C PRO A 66 -15.23 -26.06 -34.98
N PHE A 67 -13.97 -25.71 -34.69
CA PHE A 67 -13.26 -24.67 -35.46
C PHE A 67 -13.01 -25.14 -36.89
N GLN A 68 -12.72 -26.44 -37.06
CA GLN A 68 -12.49 -27.04 -38.39
C GLN A 68 -13.80 -27.05 -39.19
N ARG A 69 -14.93 -27.35 -38.55
CA ARG A 69 -16.25 -27.32 -39.21
C ARG A 69 -16.62 -25.88 -39.56
N LEU A 70 -16.24 -24.91 -38.73
CA LEU A 70 -16.49 -23.48 -39.00
C LEU A 70 -15.69 -23.03 -40.23
N VAL A 71 -14.41 -23.41 -40.30
CA VAL A 71 -13.54 -23.07 -41.44
C VAL A 71 -14.08 -23.70 -42.73
N ARG A 72 -14.56 -24.94 -42.65
CA ARG A 72 -15.11 -25.65 -43.84
C ARG A 72 -16.41 -25.00 -44.29
N GLU A 73 -17.28 -24.59 -43.36
CA GLU A 73 -18.58 -23.96 -43.71
C GLU A 73 -18.35 -22.57 -44.30
N ILE A 74 -17.36 -21.83 -43.79
CA ILE A 74 -17.02 -20.50 -44.35
C ILE A 74 -16.39 -20.67 -45.74
N ALA A 75 -15.61 -21.73 -45.94
CA ALA A 75 -14.94 -22.01 -47.23
C ALA A 75 -15.92 -22.59 -48.25
N GLN A 76 -17.11 -23.04 -47.83
CA GLN A 76 -18.14 -23.55 -48.78
C GLN A 76 -18.61 -22.45 -49.73
N ASP A 77 -18.58 -21.18 -49.30
CA ASP A 77 -19.17 -20.07 -50.07
C ASP A 77 -18.26 -19.66 -51.23
N PHE A 78 -16.94 -19.68 -51.04
CA PHE A 78 -16.00 -19.12 -52.02
C PHE A 78 -15.71 -20.12 -53.14
N LYS A 79 -15.72 -21.41 -52.80
CA LYS A 79 -15.47 -22.50 -53.76
C LYS A 79 -16.11 -23.77 -53.21
N THR A 80 -16.65 -24.59 -54.10
CA THR A 80 -17.26 -25.89 -53.71
C THR A 80 -16.19 -26.97 -53.69
N ASP A 81 -16.29 -27.86 -52.70
CA ASP A 81 -15.46 -29.09 -52.58
C ASP A 81 -13.99 -28.70 -52.46
N LEU A 82 -13.64 -28.02 -51.37
CA LEU A 82 -12.22 -27.79 -51.03
C LEU A 82 -11.63 -29.07 -50.44
N ARG A 83 -10.32 -29.01 -50.20
CA ARG A 83 -9.61 -29.91 -49.28
C ARG A 83 -8.66 -29.03 -48.45
N PHE A 84 -8.48 -29.39 -47.20
CA PHE A 84 -7.55 -28.66 -46.31
C PHE A 84 -6.47 -29.63 -45.83
N GLN A 85 -5.33 -29.06 -45.46
CA GLN A 85 -4.28 -29.77 -44.73
C GLN A 85 -4.46 -29.48 -43.24
N SER A 86 -3.97 -30.40 -42.40
CA SER A 86 -4.08 -30.27 -40.93
C SER A 86 -3.27 -29.05 -40.47
N SER A 87 -2.09 -28.85 -41.06
CA SER A 87 -1.19 -27.71 -40.73
C SER A 87 -1.86 -26.38 -41.09
N ALA A 88 -2.65 -26.34 -42.17
CA ALA A 88 -3.34 -25.11 -42.62
C ALA A 88 -4.42 -24.72 -41.59
N VAL A 89 -5.20 -25.69 -41.15
CA VAL A 89 -6.30 -25.45 -40.16
C VAL A 89 -5.68 -25.06 -38.81
N MET A 90 -4.56 -25.68 -38.44
CA MET A 90 -3.86 -25.34 -37.18
C MET A 90 -3.26 -23.94 -37.27
N ALA A 91 -2.75 -23.54 -38.45
CA ALA A 91 -2.20 -22.19 -38.67
C ALA A 91 -3.31 -21.15 -38.58
N LEU A 92 -4.48 -21.44 -39.16
CA LEU A 92 -5.67 -20.57 -39.05
C LEU A 92 -6.09 -20.42 -37.58
N GLN A 93 -6.04 -21.51 -36.82
CA GLN A 93 -6.47 -21.49 -35.40
C GLN A 93 -5.47 -20.70 -34.55
N GLU A 94 -4.18 -20.86 -34.81
CA GLU A 94 -3.11 -20.09 -34.12
C GLU A 94 -3.30 -18.59 -34.35
N ALA A 95 -3.47 -18.18 -35.61
CA ALA A 95 -3.59 -16.76 -36.00
C ALA A 95 -4.92 -16.19 -35.48
N SER A 96 -5.99 -16.98 -35.50
CA SER A 96 -7.34 -16.53 -35.08
C SER A 96 -7.39 -16.34 -33.57
N GLU A 97 -6.80 -17.26 -32.80
CA GLU A 97 -6.78 -17.14 -31.33
C GLU A 97 -5.87 -15.98 -30.90
N ALA A 98 -4.74 -15.78 -31.57
CA ALA A 98 -3.82 -14.66 -31.26
C ALA A 98 -4.51 -13.32 -31.57
N TYR A 99 -5.24 -13.26 -32.69
CA TYR A 99 -6.03 -12.06 -33.08
C TYR A 99 -7.09 -11.76 -32.03
N LEU A 100 -7.81 -12.80 -31.56
CA LEU A 100 -8.88 -12.60 -30.56
C LEU A 100 -8.29 -12.19 -29.20
N VAL A 101 -7.11 -12.69 -28.85
CA VAL A 101 -6.49 -12.35 -27.54
C VAL A 101 -6.02 -10.89 -27.58
N ALA A 102 -5.45 -10.44 -28.70
CA ALA A 102 -5.07 -9.01 -28.87
C ALA A 102 -6.34 -8.14 -28.87
N LEU A 103 -7.42 -8.62 -29.47
CA LEU A 103 -8.70 -7.88 -29.54
C LEU A 103 -9.30 -7.73 -28.15
N PHE A 104 -9.25 -8.78 -27.31
CA PHE A 104 -9.75 -8.69 -25.93
C PHE A 104 -8.80 -7.88 -25.04
N GLU A 105 -7.52 -7.75 -25.41
CA GLU A 105 -6.60 -6.84 -24.71
C GLU A 105 -7.05 -5.39 -24.93
N ASP A 106 -7.30 -4.99 -26.18
CA ASP A 106 -7.77 -3.62 -26.49
C ASP A 106 -9.20 -3.42 -25.97
N THR A 107 -10.01 -4.48 -25.97
CA THR A 107 -11.38 -4.44 -25.43
C THR A 107 -11.33 -4.16 -23.93
N ASN A 108 -10.41 -4.81 -23.21
CA ASN A 108 -10.23 -4.63 -21.76
C ASN A 108 -9.74 -3.22 -21.46
N LEU A 109 -8.86 -2.68 -22.31
CA LEU A 109 -8.38 -1.28 -22.14
C LEU A 109 -9.53 -0.29 -22.33
N CYS A 110 -10.39 -0.54 -23.32
CA CYS A 110 -11.59 0.30 -23.57
C CYS A 110 -12.57 0.21 -22.40
N ALA A 111 -12.66 -0.96 -21.76
CA ALA A 111 -13.56 -1.16 -20.59
C ALA A 111 -13.00 -0.42 -19.37
N ILE A 112 -11.68 -0.47 -19.18
CA ILE A 112 -11.01 0.20 -18.03
C ILE A 112 -11.11 1.72 -18.20
N HIS A 113 -11.02 2.22 -19.44
CA HIS A 113 -11.05 3.67 -19.74
C HIS A 113 -12.40 4.29 -19.39
N ALA A 114 -13.49 3.51 -19.44
CA ALA A 114 -14.84 3.98 -19.11
C ALA A 114 -15.17 3.72 -17.63
N LYS A 115 -14.14 3.62 -16.78
CA LYS A 115 -14.24 3.43 -15.31
C LYS A 115 -14.96 2.12 -14.96
N ARG A 116 -14.96 1.15 -15.86
CA ARG A 116 -15.62 -0.16 -15.64
C ARG A 116 -14.56 -1.26 -15.59
N VAL A 117 -15.00 -2.47 -15.27
CA VAL A 117 -14.15 -3.69 -15.40
C VAL A 117 -14.79 -4.70 -16.34
N THR A 118 -16.12 -4.63 -16.54
CA THR A 118 -16.84 -5.57 -17.44
C THR A 118 -16.78 -5.04 -18.86
N ILE A 119 -16.37 -5.89 -19.80
CA ILE A 119 -16.32 -5.54 -21.24
C ILE A 119 -17.72 -5.63 -21.82
N MET A 120 -17.98 -4.85 -22.87
CA MET A 120 -19.28 -4.73 -23.54
C MET A 120 -19.05 -4.71 -25.05
N PRO A 121 -20.08 -4.95 -25.89
CA PRO A 121 -19.91 -4.82 -27.34
C PRO A 121 -19.50 -3.42 -27.83
N LYS A 122 -19.77 -2.38 -27.03
CA LYS A 122 -19.29 -1.01 -27.32
C LYS A 122 -17.76 -1.00 -27.35
N ASP A 123 -17.13 -1.78 -26.46
CA ASP A 123 -15.65 -1.83 -26.32
C ASP A 123 -15.03 -2.51 -27.55
N ILE A 124 -15.65 -3.60 -28.03
CA ILE A 124 -15.15 -4.33 -29.22
C ILE A 124 -15.34 -3.47 -30.47
N GLN A 125 -16.48 -2.77 -30.57
CA GLN A 125 -16.75 -1.86 -31.70
C GLN A 125 -15.79 -0.67 -31.67
N LEU A 126 -15.48 -0.15 -30.49
CA LEU A 126 -14.54 0.99 -30.36
C LEU A 126 -13.12 0.54 -30.73
N ALA A 127 -12.69 -0.63 -30.26
CA ALA A 127 -11.34 -1.15 -30.54
C ALA A 127 -11.16 -1.43 -32.03
N ARG A 128 -12.19 -1.97 -32.69
CA ARG A 128 -12.12 -2.25 -34.15
C ARG A 128 -12.28 -0.97 -34.96
N ARG A 129 -12.90 0.06 -34.40
CA ARG A 129 -13.08 1.35 -35.11
C ARG A 129 -11.81 2.19 -35.01
N ILE A 130 -11.04 2.03 -33.93
CA ILE A 130 -9.73 2.72 -33.78
C ILE A 130 -8.65 1.94 -34.52
N ARG A 131 -8.78 0.62 -34.65
CA ARG A 131 -7.86 -0.18 -35.48
C ARG A 131 -8.11 0.05 -36.97
N GLY A 132 -9.25 0.64 -37.34
CA GLY A 132 -9.56 0.92 -38.76
C GLY A 132 -9.92 -0.34 -39.51
N GLU A 133 -10.88 -1.10 -38.98
CA GLU A 133 -11.30 -2.39 -39.57
C GLU A 133 -12.82 -2.44 -39.82
N ARG A 134 -13.52 -1.32 -39.64
CA ARG A 134 -14.97 -1.26 -39.87
C ARG A 134 -15.24 -1.02 -41.35
N ALA A 135 -15.45 -2.10 -42.10
CA ALA A 135 -15.69 -2.05 -43.55
C ALA A 135 -16.58 -3.22 -43.98
N VAL B 22 -27.71 -28.22 -38.65
CA VAL B 22 -26.51 -29.06 -38.86
C VAL B 22 -25.49 -28.29 -39.70
N LEU B 23 -25.92 -27.79 -40.86
CA LEU B 23 -25.05 -27.03 -41.79
C LEU B 23 -25.18 -25.52 -41.57
N ARG B 24 -25.60 -25.08 -40.39
CA ARG B 24 -25.74 -23.64 -40.07
C ARG B 24 -25.17 -23.26 -38.71
N ASP B 25 -25.03 -24.20 -37.76
CA ASP B 25 -24.74 -23.88 -36.34
C ASP B 25 -23.28 -24.16 -35.99
N ASN B 26 -22.36 -24.07 -36.95
CA ASN B 26 -20.92 -24.28 -36.66
C ASN B 26 -20.28 -22.98 -36.18
N ILE B 27 -20.96 -21.84 -36.32
CA ILE B 27 -20.51 -20.58 -35.67
C ILE B 27 -20.75 -20.69 -34.17
N GLN B 28 -21.75 -21.48 -33.76
CA GLN B 28 -22.03 -21.78 -32.34
C GLN B 28 -21.14 -22.94 -31.85
N GLY B 29 -20.39 -23.58 -32.74
CA GLY B 29 -19.33 -24.52 -32.35
C GLY B 29 -18.23 -23.83 -31.56
N ILE B 30 -18.01 -22.55 -31.85
CA ILE B 30 -17.31 -21.64 -30.90
C ILE B 30 -18.23 -21.47 -29.71
N THR B 31 -17.84 -22.02 -28.56
CA THR B 31 -18.70 -22.07 -27.36
C THR B 31 -18.44 -20.86 -26.47
N LYS B 32 -19.24 -20.77 -25.42
CA LYS B 32 -19.11 -19.72 -24.38
C LYS B 32 -17.85 -19.94 -23.54
N PRO B 33 -17.50 -21.17 -23.08
CA PRO B 33 -16.21 -21.32 -22.39
C PRO B 33 -14.95 -21.11 -23.25
N ALA B 34 -15.05 -21.24 -24.57
CA ALA B 34 -13.89 -21.00 -25.47
C ALA B 34 -13.57 -19.50 -25.49
N ILE B 35 -14.60 -18.67 -25.65
CA ILE B 35 -14.47 -17.20 -25.64
C ILE B 35 -14.11 -16.74 -24.22
N ARG B 36 -14.59 -17.47 -23.20
CA ARG B 36 -14.24 -17.22 -21.79
C ARG B 36 -12.73 -17.42 -21.58
N ARG B 37 -12.18 -18.53 -22.07
CA ARG B 37 -10.74 -18.86 -21.91
C ARG B 37 -9.88 -17.88 -22.70
N LEU B 38 -10.31 -17.50 -23.91
CA LEU B 38 -9.55 -16.56 -24.76
C LEU B 38 -9.52 -15.17 -24.13
N ALA B 39 -10.60 -14.76 -23.49
CA ALA B 39 -10.66 -13.45 -22.79
C ALA B 39 -9.92 -13.52 -21.45
N ARG B 40 -9.80 -14.69 -20.82
CA ARG B 40 -8.94 -14.85 -19.63
C ARG B 40 -7.47 -14.72 -20.04
N ARG B 41 -7.09 -15.27 -21.20
CA ARG B 41 -5.73 -15.11 -21.75
C ARG B 41 -5.49 -13.64 -22.09
N GLY B 42 -6.52 -12.97 -22.64
CA GLY B 42 -6.46 -11.54 -22.97
C GLY B 42 -6.49 -10.64 -21.74
N GLY B 43 -6.68 -11.20 -20.55
CA GLY B 43 -6.61 -10.44 -19.29
C GLY B 43 -7.91 -9.75 -18.93
N VAL B 44 -9.04 -10.29 -19.38
CA VAL B 44 -10.38 -9.71 -19.09
C VAL B 44 -10.90 -10.33 -17.80
N LYS B 45 -11.26 -9.48 -16.85
CA LYS B 45 -11.73 -9.92 -15.51
C LYS B 45 -13.21 -10.31 -15.57
N ARG B 46 -14.03 -9.55 -16.29
CA ARG B 46 -15.49 -9.79 -16.34
C ARG B 46 -16.02 -9.60 -17.76
N ILE B 47 -16.91 -10.49 -18.15
CA ILE B 47 -17.48 -10.56 -19.52
C ILE B 47 -18.99 -10.41 -19.38
N SER B 48 -19.59 -9.53 -20.17
CA SER B 48 -21.06 -9.38 -20.21
C SER B 48 -21.66 -10.45 -21.13
N GLY B 49 -22.97 -10.64 -21.02
CA GLY B 49 -23.70 -11.69 -21.76
C GLY B 49 -23.86 -11.40 -23.24
N LEU B 50 -23.54 -10.18 -23.69
CA LEU B 50 -23.68 -9.79 -25.11
C LEU B 50 -22.34 -9.87 -25.85
N ILE B 51 -21.26 -10.22 -25.17
CA ILE B 51 -19.93 -10.36 -25.81
C ILE B 51 -19.94 -11.53 -26.79
N TYR B 52 -20.58 -12.63 -26.41
CA TYR B 52 -20.47 -13.92 -27.12
C TYR B 52 -21.16 -13.87 -28.48
N GLU B 53 -22.22 -13.08 -28.62
CA GLU B 53 -22.86 -12.86 -29.93
C GLU B 53 -21.99 -11.93 -30.79
N GLU B 54 -21.29 -10.99 -30.15
CA GLU B 54 -20.46 -9.99 -30.87
C GLU B 54 -19.21 -10.65 -31.43
N THR B 55 -18.47 -11.38 -30.60
CA THR B 55 -17.14 -11.95 -30.94
C THR B 55 -17.30 -12.99 -32.06
N ARG B 56 -18.35 -13.82 -32.00
CA ARG B 56 -18.65 -14.80 -33.05
C ARG B 56 -18.86 -14.11 -34.40
N GLY B 57 -19.38 -12.86 -34.39
CA GLY B 57 -19.43 -12.05 -35.61
C GLY B 57 -18.02 -11.72 -36.10
N VAL B 58 -17.19 -11.16 -35.22
CA VAL B 58 -15.88 -10.57 -35.58
C VAL B 58 -14.93 -11.66 -36.07
N LEU B 59 -14.82 -12.76 -35.29
CA LEU B 59 -14.02 -13.94 -35.67
C LEU B 59 -14.45 -14.47 -37.03
N LYS B 60 -15.76 -14.52 -37.30
CA LYS B 60 -16.29 -14.99 -38.60
C LYS B 60 -15.79 -14.10 -39.73
N VAL B 61 -15.80 -12.78 -39.53
CA VAL B 61 -15.30 -11.81 -40.53
C VAL B 61 -13.79 -12.03 -40.70
N PHE B 62 -13.08 -12.27 -39.59
CA PHE B 62 -11.62 -12.48 -39.62
C PHE B 62 -11.26 -13.78 -40.34
N LEU B 63 -12.18 -14.76 -40.36
CA LEU B 63 -11.92 -15.98 -41.16
C LEU B 63 -12.13 -15.67 -42.65
N GLU B 64 -13.20 -14.93 -42.98
CA GLU B 64 -13.58 -14.69 -44.39
C GLU B 64 -12.48 -13.93 -45.14
N ASN B 65 -12.00 -12.84 -44.55
CA ASN B 65 -10.94 -11.99 -45.15
C ASN B 65 -9.65 -12.79 -45.36
N VAL B 66 -9.45 -13.88 -44.61
CA VAL B 66 -8.28 -14.77 -44.84
C VAL B 66 -8.64 -15.81 -45.90
N ILE B 67 -9.79 -16.46 -45.77
CA ILE B 67 -10.13 -17.64 -46.60
C ILE B 67 -10.45 -17.20 -48.03
N ARG B 68 -11.06 -16.02 -48.19
CA ARG B 68 -11.26 -15.39 -49.52
C ARG B 68 -9.92 -15.24 -50.23
N ASP B 69 -8.85 -14.95 -49.49
CA ASP B 69 -7.49 -14.88 -50.07
C ASP B 69 -6.92 -16.30 -50.20
N ALA B 70 -7.14 -17.16 -49.21
CA ALA B 70 -6.48 -18.48 -49.11
C ALA B 70 -7.00 -19.42 -50.20
N VAL B 71 -8.28 -19.32 -50.55
CA VAL B 71 -8.83 -20.09 -51.69
C VAL B 71 -8.24 -19.54 -52.99
N THR B 72 -8.00 -18.23 -53.05
CA THR B 72 -7.63 -17.53 -54.30
C THR B 72 -6.23 -17.93 -54.76
N TYR B 73 -5.27 -18.08 -53.83
CA TYR B 73 -3.94 -18.65 -54.15
C TYR B 73 -4.10 -20.10 -54.63
N THR B 74 -5.01 -20.85 -54.00
CA THR B 74 -5.34 -22.23 -54.40
C THR B 74 -5.99 -22.23 -55.79
N GLU B 75 -6.71 -21.16 -56.14
CA GLU B 75 -7.25 -20.97 -57.50
C GLU B 75 -6.10 -20.80 -58.49
N HIS B 76 -5.11 -19.97 -58.14
CA HIS B 76 -4.04 -19.58 -59.07
C HIS B 76 -3.03 -20.72 -59.25
N ALA B 77 -2.89 -21.60 -58.27
CA ALA B 77 -1.97 -22.76 -58.32
C ALA B 77 -2.60 -23.94 -59.05
N LYS B 78 -3.87 -23.83 -59.44
CA LYS B 78 -4.66 -24.91 -60.10
C LYS B 78 -4.68 -26.17 -59.23
N ARG B 79 -4.79 -25.99 -57.91
CA ARG B 79 -4.95 -27.10 -56.96
C ARG B 79 -6.39 -27.14 -56.44
N LYS B 80 -6.66 -28.09 -55.56
CA LYS B 80 -7.92 -28.15 -54.80
C LYS B 80 -7.66 -28.21 -53.29
N THR B 81 -6.41 -28.43 -52.87
CA THR B 81 -6.03 -28.44 -51.45
C THR B 81 -5.53 -27.06 -51.04
N VAL B 82 -6.10 -26.52 -49.98
CA VAL B 82 -5.58 -25.29 -49.34
C VAL B 82 -4.47 -25.71 -48.38
N THR B 83 -3.24 -25.42 -48.75
CA THR B 83 -2.06 -25.80 -47.95
C THR B 83 -1.83 -24.78 -46.85
N ALA B 84 -0.86 -25.04 -45.97
CA ALA B 84 -0.48 -24.10 -44.90
C ALA B 84 0.22 -22.88 -45.51
N MET B 85 0.87 -23.04 -46.66
CA MET B 85 1.59 -21.94 -47.33
C MET B 85 0.59 -20.90 -47.84
N ASP B 86 -0.60 -21.33 -48.27
CA ASP B 86 -1.66 -20.41 -48.71
C ASP B 86 -2.18 -19.58 -47.54
N VAL B 87 -2.26 -20.18 -46.35
CA VAL B 87 -2.69 -19.49 -45.12
C VAL B 87 -1.61 -18.49 -44.70
N VAL B 88 -0.34 -18.89 -44.76
CA VAL B 88 0.81 -18.02 -44.39
C VAL B 88 0.88 -16.83 -45.35
N TYR B 89 0.63 -17.05 -46.65
CA TYR B 89 0.68 -15.97 -47.67
C TYR B 89 -0.54 -15.05 -47.55
N ALA B 90 -1.71 -15.59 -47.19
CA ALA B 90 -2.93 -14.79 -47.01
C ALA B 90 -2.83 -13.93 -45.75
N LEU B 91 -2.11 -14.40 -44.73
CA LEU B 91 -1.89 -13.62 -43.49
C LEU B 91 -0.78 -12.60 -43.69
N LYS B 92 0.27 -12.96 -44.44
CA LYS B 92 1.38 -12.05 -44.77
C LYS B 92 0.88 -10.90 -45.63
N ARG B 93 -0.13 -11.14 -46.48
CA ARG B 93 -0.74 -10.09 -47.31
C ARG B 93 -1.44 -9.05 -46.43
N GLN B 94 -2.06 -9.48 -45.32
CA GLN B 94 -2.83 -8.58 -44.44
C GLN B 94 -1.98 -8.07 -43.26
N GLY B 95 -0.67 -8.27 -43.30
CA GLY B 95 0.23 -7.77 -42.24
C GLY B 95 0.05 -8.52 -40.94
N ARG B 96 -0.10 -9.85 -41.00
CA ARG B 96 -0.24 -10.72 -39.81
C ARG B 96 0.66 -11.94 -40.00
N THR B 97 1.93 -11.69 -40.31
CA THR B 97 2.93 -12.73 -40.66
C THR B 97 3.01 -13.78 -39.56
N LEU B 98 2.65 -15.01 -39.88
CA LEU B 98 2.62 -16.14 -38.92
C LEU B 98 3.87 -17.01 -39.12
N TYR B 99 4.51 -17.39 -38.02
CA TYR B 99 5.76 -18.16 -38.03
C TYR B 99 5.48 -19.63 -37.71
N GLY B 100 6.39 -20.50 -38.15
CA GLY B 100 6.42 -21.91 -37.74
C GLY B 100 5.49 -22.79 -38.54
N PHE B 101 5.17 -22.43 -39.79
CA PHE B 101 4.38 -23.32 -40.69
C PHE B 101 4.97 -23.40 -42.09
N GLY B 102 5.98 -22.59 -42.41
CA GLY B 102 6.67 -22.65 -43.70
C GLY B 102 8.14 -22.99 -43.52
N GLY B 103 8.64 -23.90 -44.35
CA GLY B 103 10.04 -24.38 -44.27
C GLY B 103 11.02 -23.44 -44.97
N ALA C 14 0.39 1.47 -89.11
CA ALA C 14 0.83 1.51 -87.70
C ALA C 14 -0.38 1.64 -86.77
N LYS C 15 -0.84 0.51 -86.24
CA LYS C 15 -1.98 0.46 -85.30
C LYS C 15 -1.45 0.12 -83.92
N THR C 16 -1.65 1.02 -82.96
CA THR C 16 -1.13 0.87 -81.59
C THR C 16 -1.93 -0.20 -80.85
N ARG C 17 -1.33 -0.80 -79.82
CA ARG C 17 -1.96 -1.86 -79.02
C ARG C 17 -3.03 -1.28 -78.10
N SER C 18 -3.08 0.04 -77.90
CA SER C 18 -4.10 0.70 -77.06
C SER C 18 -5.47 0.62 -77.76
N SER C 19 -5.53 0.98 -79.04
CA SER C 19 -6.78 0.96 -79.84
C SER C 19 -7.04 -0.43 -80.40
N ARG C 20 -6.05 -1.31 -80.40
CA ARG C 20 -6.23 -2.72 -80.83
C ARG C 20 -7.10 -3.47 -79.82
N ALA C 21 -7.00 -3.11 -78.54
CA ALA C 21 -7.80 -3.72 -77.45
C ALA C 21 -8.97 -2.82 -77.03
N GLY C 22 -9.17 -1.69 -77.71
CA GLY C 22 -10.25 -0.75 -77.39
C GLY C 22 -10.03 -0.02 -76.07
N LEU C 23 -8.78 0.10 -75.62
CA LEU C 23 -8.45 0.74 -74.34
C LEU C 23 -7.92 2.15 -74.58
N GLN C 24 -7.58 2.84 -73.49
CA GLN C 24 -7.07 4.24 -73.53
C GLN C 24 -5.68 4.34 -72.92
N PHE C 25 -5.40 3.63 -71.84
CA PHE C 25 -4.06 3.65 -71.20
C PHE C 25 -3.05 2.96 -72.12
N PRO C 26 -1.79 3.45 -72.15
CA PRO C 26 -0.82 2.93 -73.11
C PRO C 26 -0.35 1.52 -72.74
N VAL C 27 -0.56 0.59 -73.67
CA VAL C 27 -0.17 -0.82 -73.47
C VAL C 27 1.36 -0.91 -73.47
N GLY C 28 2.02 -0.14 -74.33
CA GLY C 28 3.48 -0.18 -74.48
C GLY C 28 4.20 0.35 -73.25
N ARG C 29 3.69 1.43 -72.65
CA ARG C 29 4.32 2.03 -71.46
C ARG C 29 4.18 1.10 -70.27
N VAL C 30 2.99 0.48 -70.10
CA VAL C 30 2.75 -0.52 -69.04
C VAL C 30 3.65 -1.73 -69.27
N HIS C 31 3.87 -2.11 -70.54
CA HIS C 31 4.72 -3.27 -70.91
C HIS C 31 6.17 -3.00 -70.53
N ARG C 32 6.70 -1.81 -70.83
CA ARG C 32 8.11 -1.48 -70.53
C ARG C 32 8.29 -1.18 -69.04
N LEU C 33 7.24 -0.74 -68.34
CA LEU C 33 7.34 -0.53 -66.88
C LEU C 33 7.24 -1.86 -66.12
N LEU C 34 6.60 -2.87 -66.72
CA LEU C 34 6.66 -4.25 -66.17
C LEU C 34 8.06 -4.83 -66.41
N ARG C 35 8.61 -4.64 -67.60
CA ARG C 35 9.95 -5.18 -67.93
C ARG C 35 11.06 -4.43 -67.19
N LYS C 36 10.82 -3.18 -66.78
CA LYS C 36 11.86 -2.36 -66.12
C LYS C 36 11.86 -2.60 -64.61
N GLY C 37 10.70 -2.90 -64.01
CA GLY C 37 10.54 -2.94 -62.55
C GLY C 37 11.08 -4.19 -61.88
N ASN C 38 11.75 -5.09 -62.61
CA ASN C 38 12.36 -6.33 -62.08
C ASN C 38 11.31 -7.20 -61.38
N TYR C 39 10.13 -7.34 -61.97
CA TYR C 39 9.04 -8.12 -61.34
C TYR C 39 9.23 -9.61 -61.59
N ALA C 40 9.41 -9.99 -62.86
CA ALA C 40 9.71 -11.38 -63.24
C ALA C 40 10.72 -11.37 -64.38
N GLU C 41 11.20 -12.55 -64.77
CA GLU C 41 12.19 -12.67 -65.86
C GLU C 41 11.51 -12.41 -67.21
N ARG C 42 10.30 -12.93 -67.40
CA ARG C 42 9.53 -12.76 -68.65
C ARG C 42 8.21 -12.05 -68.32
N VAL C 43 7.68 -11.35 -69.32
CA VAL C 43 6.39 -10.64 -69.21
C VAL C 43 5.52 -11.06 -70.38
N GLY C 44 4.31 -11.55 -70.09
CA GLY C 44 3.37 -12.04 -71.10
C GLY C 44 2.86 -10.93 -71.98
N ALA C 45 2.21 -11.31 -73.09
CA ALA C 45 1.70 -10.35 -74.09
C ALA C 45 0.35 -9.78 -73.63
N GLY C 46 -0.50 -10.60 -73.00
CA GLY C 46 -1.83 -10.16 -72.56
C GLY C 46 -1.81 -9.40 -71.25
N ALA C 47 -0.71 -9.50 -70.47
CA ALA C 47 -0.63 -8.91 -69.12
C ALA C 47 -0.68 -7.38 -69.13
N PRO C 48 0.06 -6.64 -69.99
CA PRO C 48 -0.11 -5.18 -69.99
C PRO C 48 -1.48 -4.72 -70.53
N VAL C 49 -2.10 -5.52 -71.40
CA VAL C 49 -3.46 -5.23 -71.92
C VAL C 49 -4.46 -5.35 -70.76
N TYR C 50 -4.37 -6.44 -69.99
CA TYR C 50 -5.26 -6.71 -68.85
C TYR C 50 -5.07 -5.66 -67.76
N LEU C 51 -3.82 -5.27 -67.49
CA LEU C 51 -3.50 -4.29 -66.43
C LEU C 51 -3.88 -2.87 -66.86
N ALA C 52 -3.75 -2.54 -68.14
CA ALA C 52 -4.20 -1.24 -68.68
C ALA C 52 -5.72 -1.13 -68.59
N ALA C 53 -6.45 -2.24 -68.83
CA ALA C 53 -7.92 -2.26 -68.73
C ALA C 53 -8.34 -2.06 -67.27
N VAL C 54 -7.66 -2.72 -66.32
CA VAL C 54 -7.98 -2.62 -64.88
C VAL C 54 -7.72 -1.20 -64.40
N LEU C 55 -6.58 -0.62 -64.78
CA LEU C 55 -6.23 0.77 -64.39
C LEU C 55 -7.21 1.76 -65.02
N GLU C 56 -7.67 1.49 -66.25
CA GLU C 56 -8.62 2.38 -66.94
C GLU C 56 -9.98 2.36 -66.25
N TYR C 57 -10.43 1.20 -65.78
CA TYR C 57 -11.71 1.08 -65.04
C TYR C 57 -11.60 1.78 -63.68
N LEU C 58 -10.47 1.62 -62.98
CA LEU C 58 -10.28 2.23 -61.65
C LEU C 58 -10.10 3.75 -61.78
N THR C 59 -9.62 4.24 -62.92
CA THR C 59 -9.52 5.68 -63.18
C THR C 59 -10.90 6.24 -63.51
N ALA C 60 -11.65 5.53 -64.37
CA ALA C 60 -12.97 5.99 -64.87
C ALA C 60 -13.99 6.07 -63.75
N GLU C 61 -13.93 5.15 -62.76
CA GLU C 61 -14.90 5.15 -61.64
C GLU C 61 -14.66 6.37 -60.74
N ILE C 62 -13.39 6.67 -60.43
CA ILE C 62 -13.05 7.82 -59.56
C ILE C 62 -13.32 9.13 -60.29
N LEU C 63 -13.11 9.19 -61.61
CA LEU C 63 -13.41 10.41 -62.38
C LEU C 63 -14.92 10.61 -62.51
N GLU C 64 -15.70 9.52 -62.55
CA GLU C 64 -17.18 9.62 -62.57
C GLU C 64 -17.68 10.17 -61.23
N LEU C 65 -17.18 9.64 -60.12
CA LEU C 65 -17.63 10.09 -58.78
C LEU C 65 -17.13 11.50 -58.47
N ALA C 66 -15.93 11.85 -58.96
CA ALA C 66 -15.37 13.21 -58.79
C ALA C 66 -16.13 14.22 -59.64
N GLY C 67 -16.59 13.82 -60.83
CA GLY C 67 -17.43 14.67 -61.69
C GLY C 67 -18.81 14.88 -61.09
N ASN C 68 -19.35 13.86 -60.42
CA ASN C 68 -20.65 13.98 -59.71
C ASN C 68 -20.50 14.90 -58.49
N ALA C 69 -19.39 14.78 -57.75
CA ALA C 69 -19.10 15.65 -56.60
C ALA C 69 -18.85 17.09 -57.07
N ALA C 70 -18.28 17.27 -58.25
CA ALA C 70 -18.05 18.60 -58.84
C ALA C 70 -19.39 19.22 -59.24
N ARG C 71 -20.28 18.42 -59.82
CA ARG C 71 -21.61 18.90 -60.25
C ARG C 71 -22.46 19.27 -59.03
N ASP C 72 -22.30 18.56 -57.91
CA ASP C 72 -23.02 18.90 -56.65
C ASP C 72 -22.47 20.20 -56.07
N ASN C 73 -21.19 20.50 -56.30
CA ASN C 73 -20.53 21.69 -55.73
C ASN C 73 -20.67 22.89 -56.69
N LYS C 74 -21.42 22.74 -57.78
CA LYS C 74 -21.61 23.76 -58.84
C LYS C 74 -20.25 24.23 -59.37
N LYS C 75 -19.41 23.27 -59.76
CA LYS C 75 -18.08 23.53 -60.34
C LYS C 75 -17.84 22.59 -61.52
N THR C 76 -17.16 23.09 -62.54
CA THR C 76 -16.83 22.32 -63.75
C THR C 76 -15.35 21.94 -63.78
N ARG C 77 -14.63 22.17 -62.68
CA ARG C 77 -13.24 21.69 -62.52
C ARG C 77 -13.16 20.82 -61.30
N ILE C 78 -12.52 19.66 -61.43
CA ILE C 78 -12.28 18.73 -60.31
C ILE C 78 -11.09 19.24 -59.52
N ILE C 79 -11.34 19.69 -58.29
CA ILE C 79 -10.31 20.10 -57.31
C ILE C 79 -10.00 18.86 -56.47
N PRO C 80 -8.88 18.82 -55.72
CA PRO C 80 -8.61 17.67 -54.83
C PRO C 80 -9.66 17.41 -53.74
N ARG C 81 -10.49 18.40 -53.39
CA ARG C 81 -11.64 18.21 -52.48
C ARG C 81 -12.66 17.27 -53.12
N HIS C 82 -12.82 17.34 -54.45
CA HIS C 82 -13.78 16.49 -55.18
C HIS C 82 -13.27 15.05 -55.25
N LEU C 83 -11.96 14.84 -55.37
CA LEU C 83 -11.38 13.49 -55.31
C LEU C 83 -11.48 12.93 -53.88
N GLN C 84 -11.34 13.80 -52.87
CA GLN C 84 -11.48 13.42 -51.45
C GLN C 84 -12.90 12.93 -51.19
N LEU C 85 -13.90 13.71 -51.61
CA LEU C 85 -15.33 13.35 -51.42
C LEU C 85 -15.70 12.15 -52.30
N ALA C 86 -15.04 11.96 -53.44
CA ALA C 86 -15.32 10.82 -54.34
C ALA C 86 -14.79 9.52 -53.76
N VAL C 87 -13.62 9.55 -53.12
CA VAL C 87 -13.00 8.33 -52.57
C VAL C 87 -13.63 7.99 -51.22
N ARG C 88 -13.84 8.98 -50.35
CA ARG C 88 -14.26 8.72 -48.95
C ARG C 88 -15.75 8.33 -48.88
N ASN C 89 -16.59 8.80 -49.79
CA ASN C 89 -18.04 8.52 -49.74
C ASN C 89 -18.32 7.07 -50.15
N ASP C 90 -17.68 6.59 -51.22
CA ASP C 90 -17.80 5.18 -51.64
C ASP C 90 -17.00 4.31 -50.66
N GLU C 91 -17.57 3.18 -50.26
CA GLU C 91 -16.99 2.33 -49.19
C GLU C 91 -15.95 1.36 -49.76
N GLU C 92 -16.11 0.92 -51.01
CA GLU C 92 -15.12 0.02 -51.65
C GLU C 92 -13.85 0.79 -52.02
N LEU C 93 -13.97 2.05 -52.47
CA LEU C 93 -12.78 2.89 -52.75
C LEU C 93 -12.14 3.35 -51.43
N ASN C 94 -12.93 3.46 -50.37
CA ASN C 94 -12.39 3.79 -49.03
C ASN C 94 -11.62 2.59 -48.48
N LYS C 95 -12.11 1.37 -48.74
CA LYS C 95 -11.39 0.14 -48.36
C LYS C 95 -10.12 -0.01 -49.20
N LEU C 96 -10.15 0.42 -50.46
CA LEU C 96 -8.95 0.36 -51.34
C LEU C 96 -7.91 1.38 -50.87
N LEU C 97 -8.34 2.58 -50.48
CA LEU C 97 -7.41 3.68 -50.12
C LEU C 97 -7.56 4.06 -48.65
N GLY C 98 -7.58 3.06 -47.76
CA GLY C 98 -7.77 3.29 -46.32
C GLY C 98 -6.56 3.91 -45.67
N ARG C 99 -5.36 3.58 -46.15
CA ARG C 99 -4.09 4.07 -45.57
C ARG C 99 -3.45 5.10 -46.51
N VAL C 100 -4.28 5.83 -47.26
CA VAL C 100 -3.81 6.78 -48.29
C VAL C 100 -4.35 8.16 -47.96
N THR C 101 -3.44 9.12 -47.80
CA THR C 101 -3.78 10.55 -47.63
C THR C 101 -3.76 11.23 -49.00
N ILE C 102 -4.87 11.87 -49.36
CA ILE C 102 -4.95 12.73 -50.56
C ILE C 102 -4.70 14.16 -50.12
N ALA C 103 -3.69 14.80 -50.70
CA ALA C 103 -3.29 16.18 -50.36
C ALA C 103 -4.34 17.17 -50.85
N GLN C 104 -4.46 18.29 -50.14
CA GLN C 104 -5.41 19.39 -50.42
C GLN C 104 -6.85 18.85 -50.36
N GLY C 105 -7.11 17.92 -49.45
CA GLY C 105 -8.37 17.15 -49.44
C GLY C 105 -9.31 17.48 -48.30
N GLY C 106 -8.78 17.71 -47.10
CA GLY C 106 -9.63 17.85 -45.91
C GLY C 106 -10.22 16.51 -45.50
N VAL C 107 -11.32 16.54 -44.75
CA VAL C 107 -12.04 15.32 -44.29
C VAL C 107 -13.51 15.48 -44.63
N LEU C 108 -14.29 14.43 -44.36
CA LEU C 108 -15.75 14.44 -44.60
C LEU C 108 -16.43 15.32 -43.54
N PRO C 109 -17.45 16.11 -43.94
CA PRO C 109 -18.31 16.81 -42.97
C PRO C 109 -19.25 15.86 -42.24
N ASN C 110 -18.71 15.10 -41.29
CA ASN C 110 -19.46 14.09 -40.52
C ASN C 110 -19.38 14.45 -39.04
N ILE C 111 -20.51 14.85 -38.46
CA ILE C 111 -20.62 15.27 -37.04
C ILE C 111 -21.36 14.17 -36.28
N GLN C 112 -20.80 13.77 -35.14
CA GLN C 112 -21.39 12.73 -34.27
C GLN C 112 -22.70 13.24 -33.68
N SER C 113 -23.66 12.33 -33.49
CA SER C 113 -25.00 12.66 -32.92
C SER C 113 -24.93 12.69 -31.40
N LYS D 22 12.92 29.66 -85.56
CA LYS D 22 12.21 29.37 -84.29
C LYS D 22 13.20 28.89 -83.23
N ASP D 23 12.99 29.30 -81.98
CA ASP D 23 13.83 28.88 -80.84
C ASP D 23 13.52 27.42 -80.50
N GLY D 24 14.54 26.68 -80.08
CA GLY D 24 14.40 25.26 -79.74
C GLY D 24 15.59 24.74 -78.96
N LYS D 25 15.31 23.86 -77.98
CA LYS D 25 16.31 23.21 -77.10
C LYS D 25 17.16 24.27 -76.38
N LYS D 26 16.50 25.06 -75.54
CA LYS D 26 17.18 26.07 -74.70
C LYS D 26 17.73 25.41 -73.43
N ARG D 27 16.87 24.68 -72.72
CA ARG D 27 17.20 24.10 -71.39
C ARG D 27 16.95 22.60 -71.45
N ARG D 28 18.02 21.81 -71.49
CA ARG D 28 17.92 20.34 -71.58
C ARG D 28 17.43 19.79 -70.25
N LYS D 29 16.19 19.31 -70.23
CA LYS D 29 15.56 18.71 -69.04
C LYS D 29 15.00 17.34 -69.42
N THR D 30 15.24 16.35 -68.57
CA THR D 30 14.77 14.97 -68.81
C THR D 30 13.24 14.93 -68.73
N ARG D 31 12.61 14.40 -69.76
CA ARG D 31 11.14 14.34 -69.88
C ARG D 31 10.61 13.32 -68.87
N LYS D 32 10.13 13.80 -67.73
CA LYS D 32 9.47 12.95 -66.72
C LYS D 32 8.13 12.48 -67.28
N GLU D 33 7.98 11.16 -67.46
CA GLU D 33 6.72 10.59 -67.97
C GLU D 33 5.61 10.78 -66.93
N SER D 34 4.37 10.65 -67.39
CA SER D 34 3.18 10.79 -66.55
C SER D 34 2.05 9.97 -67.17
N TYR D 35 0.82 10.18 -66.67
CA TYR D 35 -0.41 9.59 -67.24
C TYR D 35 -1.44 10.69 -67.49
N ALA D 36 -1.01 11.95 -67.57
CA ALA D 36 -1.90 13.11 -67.48
C ALA D 36 -2.84 13.19 -68.68
N ILE D 37 -2.33 12.99 -69.89
CA ILE D 37 -3.16 13.10 -71.12
C ILE D 37 -4.13 11.92 -71.21
N TYR D 38 -3.78 10.78 -70.62
CA TYR D 38 -4.65 9.58 -70.64
C TYR D 38 -5.81 9.76 -69.67
N VAL D 39 -5.53 10.26 -68.47
CA VAL D 39 -6.58 10.59 -67.46
C VAL D 39 -7.47 11.69 -68.02
N TYR D 40 -6.90 12.62 -68.78
CA TYR D 40 -7.65 13.67 -69.49
C TYR D 40 -8.61 13.05 -70.53
N LYS D 41 -8.14 12.06 -71.28
CA LYS D 41 -8.97 11.36 -72.29
C LYS D 41 -10.11 10.61 -71.63
N VAL D 42 -9.82 9.90 -70.53
CA VAL D 42 -10.85 9.11 -69.80
C VAL D 42 -11.87 10.07 -69.19
N LEU D 43 -11.42 11.23 -68.67
CA LEU D 43 -12.33 12.24 -68.09
C LEU D 43 -13.22 12.85 -69.16
N LYS D 44 -12.71 13.06 -70.37
CA LYS D 44 -13.53 13.58 -71.49
C LYS D 44 -14.46 12.50 -72.02
N GLN D 45 -14.14 11.21 -71.77
CA GLN D 45 -15.06 10.12 -72.15
C GLN D 45 -16.20 9.96 -71.14
N VAL D 46 -15.97 10.30 -69.86
CA VAL D 46 -17.03 10.12 -68.82
C VAL D 46 -17.70 11.46 -68.48
N HIS D 47 -17.05 12.59 -68.71
CA HIS D 47 -17.63 13.94 -68.48
C HIS D 47 -17.16 14.89 -69.58
N PRO D 48 -17.98 15.10 -70.63
CA PRO D 48 -17.53 15.86 -71.79
C PRO D 48 -17.29 17.36 -71.57
N ASP D 49 -17.54 17.91 -70.39
CA ASP D 49 -17.38 19.35 -70.13
C ASP D 49 -16.64 19.65 -68.83
N THR D 50 -16.33 18.64 -68.01
CA THR D 50 -15.67 18.84 -66.71
C THR D 50 -14.16 18.87 -66.91
N GLY D 51 -13.51 19.93 -66.42
CA GLY D 51 -12.05 20.04 -66.38
C GLY D 51 -11.50 19.50 -65.07
N ILE D 52 -10.19 19.67 -64.89
CA ILE D 52 -9.47 19.15 -63.69
C ILE D 52 -8.22 20.01 -63.49
N SER D 53 -7.89 20.31 -62.24
CA SER D 53 -6.72 21.11 -61.88
C SER D 53 -5.45 20.25 -62.01
N SER D 54 -4.29 20.90 -61.95
CA SER D 54 -2.99 20.22 -62.06
C SER D 54 -2.67 19.47 -60.77
N LYS D 55 -3.13 19.98 -59.62
CA LYS D 55 -2.90 19.31 -58.33
C LYS D 55 -3.66 17.98 -58.31
N ALA D 56 -4.95 18.00 -58.69
CA ALA D 56 -5.77 16.78 -58.79
C ALA D 56 -5.22 15.85 -59.88
N MET D 57 -4.62 16.42 -60.93
CA MET D 57 -3.99 15.61 -61.99
C MET D 57 -2.74 14.90 -61.45
N SER D 58 -1.98 15.57 -60.57
CA SER D 58 -0.83 14.94 -59.89
C SER D 58 -1.30 13.84 -58.95
N ILE D 59 -2.45 14.04 -58.30
CA ILE D 59 -3.05 13.03 -57.39
C ILE D 59 -3.49 11.81 -58.19
N MET D 60 -4.11 12.02 -59.35
CA MET D 60 -4.56 10.90 -60.23
C MET D 60 -3.35 10.18 -60.83
N ASN D 61 -2.29 10.91 -61.14
CA ASN D 61 -1.03 10.32 -61.66
C ASN D 61 -0.40 9.44 -60.57
N SER D 62 -0.33 9.94 -59.34
CA SER D 62 0.22 9.18 -58.20
C SER D 62 -0.66 7.97 -57.87
N PHE D 63 -1.98 8.10 -58.06
CA PHE D 63 -2.93 6.99 -57.86
C PHE D 63 -2.66 5.87 -58.87
N VAL D 64 -2.47 6.23 -60.14
CA VAL D 64 -2.22 5.24 -61.22
C VAL D 64 -0.87 4.56 -60.99
N ASN D 65 0.15 5.32 -60.57
CA ASN D 65 1.48 4.75 -60.23
C ASN D 65 1.35 3.81 -59.03
N ASP D 66 0.59 4.21 -58.01
CA ASP D 66 0.44 3.44 -56.76
C ASP D 66 -0.24 2.10 -57.04
N VAL D 67 -1.37 2.13 -57.74
CA VAL D 67 -2.17 0.91 -58.03
C VAL D 67 -1.41 0.03 -59.04
N PHE D 68 -0.63 0.63 -59.94
CA PHE D 68 0.25 -0.11 -60.87
C PHE D 68 1.31 -0.89 -60.08
N GLU D 69 1.95 -0.23 -59.10
CA GLU D 69 2.98 -0.87 -58.25
C GLU D 69 2.34 -1.97 -57.39
N ARG D 70 1.13 -1.75 -56.88
CA ARG D 70 0.42 -2.73 -56.04
C ARG D 70 0.13 -4.01 -56.85
N ILE D 71 -0.49 -3.86 -58.02
CA ILE D 71 -0.91 -5.03 -58.83
C ILE D 71 0.32 -5.73 -59.42
N ALA D 72 1.36 -4.98 -59.78
CA ALA D 72 2.59 -5.55 -60.35
C ALA D 72 3.37 -6.31 -59.28
N GLY D 73 3.49 -5.75 -58.07
CA GLY D 73 4.17 -6.43 -56.95
C GLY D 73 3.42 -7.65 -56.49
N GLU D 74 2.08 -7.59 -56.45
CA GLU D 74 1.23 -8.74 -56.07
C GLU D 74 1.36 -9.84 -57.12
N ALA D 75 1.42 -9.47 -58.41
CA ALA D 75 1.59 -10.44 -59.51
C ALA D 75 3.00 -11.03 -59.49
N SER D 76 4.00 -10.25 -59.06
CA SER D 76 5.39 -10.74 -58.90
C SER D 76 5.46 -11.79 -57.79
N ARG D 77 4.77 -11.56 -56.68
CA ARG D 77 4.69 -12.53 -55.57
C ARG D 77 3.92 -13.77 -56.02
N LEU D 78 2.82 -13.59 -56.78
CA LEU D 78 2.02 -14.73 -57.29
C LEU D 78 2.83 -15.56 -58.28
N ALA D 79 3.73 -14.94 -59.04
CA ALA D 79 4.60 -15.66 -59.98
C ALA D 79 5.70 -16.41 -59.21
N HIS D 80 6.28 -15.77 -58.19
CA HIS D 80 7.40 -16.36 -57.43
C HIS D 80 6.91 -17.53 -56.56
N TYR D 81 5.66 -17.48 -56.08
CA TYR D 81 5.12 -18.52 -55.19
C TYR D 81 4.94 -19.84 -55.94
N ASN D 82 4.64 -19.79 -57.23
CA ASN D 82 4.37 -21.00 -58.04
C ASN D 82 5.59 -21.39 -58.87
N LYS D 83 6.76 -20.80 -58.59
CA LYS D 83 8.05 -21.08 -59.27
C LYS D 83 7.93 -20.87 -60.77
N ARG D 84 7.24 -19.80 -61.17
CA ARG D 84 7.10 -19.39 -62.59
C ARG D 84 7.71 -18.01 -62.78
N SER D 85 8.46 -17.84 -63.88
CA SER D 85 9.19 -16.60 -64.19
C SER D 85 8.51 -15.82 -65.31
N THR D 86 7.21 -16.05 -65.54
CA THR D 86 6.41 -15.30 -66.54
C THR D 86 5.18 -14.71 -65.86
N ILE D 87 4.96 -13.42 -66.05
CA ILE D 87 3.70 -12.75 -65.63
C ILE D 87 2.81 -12.66 -66.86
N THR D 88 1.75 -13.46 -66.89
CA THR D 88 0.69 -13.40 -67.91
C THR D 88 -0.52 -12.68 -67.31
N SER D 89 -1.62 -12.65 -68.06
CA SER D 89 -2.87 -11.99 -67.63
C SER D 89 -3.50 -12.69 -66.43
N ARG D 90 -3.20 -13.98 -66.22
CA ARG D 90 -3.77 -14.77 -65.11
C ARG D 90 -3.22 -14.28 -63.76
N GLU D 91 -1.92 -13.95 -63.71
CA GLU D 91 -1.29 -13.42 -62.48
C GLU D 91 -1.87 -12.05 -62.15
N ILE D 92 -2.12 -11.22 -63.19
CA ILE D 92 -2.72 -9.88 -63.01
C ILE D 92 -4.17 -10.04 -62.56
N GLN D 93 -4.87 -11.05 -63.07
CA GLN D 93 -6.28 -11.31 -62.71
C GLN D 93 -6.38 -11.74 -61.24
N THR D 94 -5.48 -12.60 -60.78
CA THR D 94 -5.47 -13.06 -59.37
C THR D 94 -5.05 -11.90 -58.47
N ALA D 95 -4.13 -11.04 -58.92
CA ALA D 95 -3.71 -9.85 -58.15
C ALA D 95 -4.87 -8.86 -58.02
N VAL D 96 -5.70 -8.72 -59.06
CA VAL D 96 -6.88 -7.84 -59.03
C VAL D 96 -7.94 -8.43 -58.09
N ARG D 97 -8.17 -9.75 -58.16
CA ARG D 97 -9.13 -10.44 -57.27
C ARG D 97 -8.68 -10.38 -55.81
N LEU D 98 -7.38 -10.23 -55.55
CA LEU D 98 -6.90 -10.08 -54.16
C LEU D 98 -6.97 -8.62 -53.71
N LEU D 99 -6.59 -7.67 -54.56
CA LEU D 99 -6.39 -6.27 -54.09
C LEU D 99 -7.68 -5.46 -54.08
N LEU D 100 -8.53 -5.60 -55.11
CA LEU D 100 -9.76 -4.77 -55.21
C LEU D 100 -10.88 -5.42 -54.42
N PRO D 101 -11.42 -4.75 -53.39
CA PRO D 101 -12.48 -5.35 -52.59
C PRO D 101 -13.87 -5.24 -53.23
N GLY D 102 -14.67 -6.28 -53.05
CA GLY D 102 -16.10 -6.26 -53.39
C GLY D 102 -16.34 -6.24 -54.88
N GLU D 103 -17.21 -5.34 -55.33
CA GLU D 103 -17.67 -5.27 -56.74
C GLU D 103 -16.57 -4.73 -57.67
N LEU D 104 -15.55 -4.07 -57.12
CA LEU D 104 -14.46 -3.48 -57.95
C LEU D 104 -13.72 -4.61 -58.69
N ALA D 105 -13.41 -5.70 -58.01
CA ALA D 105 -12.77 -6.87 -58.63
C ALA D 105 -13.74 -7.53 -59.63
N LYS D 106 -15.01 -7.63 -59.25
CA LYS D 106 -16.03 -8.33 -60.07
C LYS D 106 -16.33 -7.58 -61.36
N HIS D 107 -16.06 -6.27 -61.42
CA HIS D 107 -16.20 -5.48 -62.68
C HIS D 107 -14.87 -5.36 -63.40
N ALA D 108 -13.75 -5.22 -62.68
CA ALA D 108 -12.42 -5.03 -63.29
C ALA D 108 -11.98 -6.31 -64.01
N VAL D 109 -12.33 -7.47 -63.47
CA VAL D 109 -11.99 -8.77 -64.11
C VAL D 109 -12.79 -8.92 -65.41
N SER D 110 -14.05 -8.50 -65.42
CA SER D 110 -14.89 -8.51 -66.64
C SER D 110 -14.34 -7.54 -67.69
N GLU D 111 -13.90 -6.36 -67.25
CA GLU D 111 -13.34 -5.32 -68.16
C GLU D 111 -12.01 -5.80 -68.75
N GLY D 112 -11.15 -6.40 -67.91
CA GLY D 112 -9.84 -6.89 -68.36
C GLY D 112 -9.96 -8.09 -69.29
N THR D 113 -10.88 -9.01 -68.99
CA THR D 113 -11.12 -10.21 -69.83
C THR D 113 -11.71 -9.79 -71.17
N LYS D 114 -12.63 -8.81 -71.16
CA LYS D 114 -13.21 -8.26 -72.40
C LYS D 114 -12.12 -7.59 -73.24
N ALA D 115 -11.17 -6.89 -72.61
CA ALA D 115 -10.07 -6.20 -73.32
C ALA D 115 -9.10 -7.22 -73.91
N VAL D 116 -8.79 -8.29 -73.19
CA VAL D 116 -7.86 -9.34 -73.67
C VAL D 116 -8.53 -10.15 -74.80
N THR D 117 -9.83 -10.38 -74.70
CA THR D 117 -10.61 -11.05 -75.77
C THR D 117 -10.64 -10.17 -77.02
N LYS D 118 -10.77 -8.86 -76.84
CA LYS D 118 -10.74 -7.91 -77.97
C LYS D 118 -9.34 -7.91 -78.60
N TYR D 119 -8.30 -7.91 -77.76
CA TYR D 119 -6.89 -7.79 -78.22
C TYR D 119 -6.45 -9.04 -78.99
N THR D 120 -6.90 -10.23 -78.56
CA THR D 120 -6.49 -11.51 -79.17
C THR D 120 -7.13 -11.68 -80.54
N SER D 121 -8.37 -11.20 -80.71
CA SER D 121 -9.15 -11.39 -81.96
C SER D 121 -9.43 -10.06 -82.65
N ALA D 122 -8.41 -9.21 -82.80
CA ALA D 122 -8.52 -7.92 -83.50
C ALA D 122 -7.85 -7.97 -84.88
N LYS D 123 -7.19 -9.07 -85.22
CA LYS D 123 -6.49 -9.22 -86.52
C LYS D 123 -7.51 -9.58 -87.60
N VAL E 35 -26.73 46.49 -18.46
CA VAL E 35 -26.62 46.57 -19.94
C VAL E 35 -26.60 45.16 -20.52
N LYS E 36 -27.53 44.88 -21.43
CA LYS E 36 -27.65 43.57 -22.12
C LYS E 36 -27.49 43.76 -23.62
N LYS E 37 -26.62 44.70 -24.02
CA LYS E 37 -26.40 45.06 -25.44
C LYS E 37 -25.38 44.14 -26.11
N PRO E 38 -24.15 43.86 -25.57
CA PRO E 38 -23.21 43.01 -26.31
C PRO E 38 -23.68 41.55 -26.37
N HIS E 39 -24.00 41.10 -27.58
CA HIS E 39 -24.50 39.73 -27.84
C HIS E 39 -23.37 38.72 -27.62
N ARG E 40 -23.59 37.75 -26.76
CA ARG E 40 -22.61 36.68 -26.44
C ARG E 40 -23.26 35.33 -26.70
N TYR E 41 -22.51 34.41 -27.31
CA TYR E 41 -23.00 33.06 -27.65
C TYR E 41 -22.81 32.11 -26.47
N ARG E 42 -23.31 30.88 -26.65
CA ARG E 42 -23.12 29.75 -25.73
C ARG E 42 -21.85 29.00 -26.10
N PRO E 43 -21.24 28.26 -25.16
CA PRO E 43 -20.09 27.40 -25.50
C PRO E 43 -20.37 26.19 -26.40
N GLY E 44 -21.61 26.01 -26.87
CA GLY E 44 -21.95 24.89 -27.77
C GLY E 44 -22.48 25.38 -29.12
N THR E 45 -22.27 26.64 -29.45
CA THR E 45 -22.75 27.24 -30.71
C THR E 45 -21.57 27.56 -31.64
N VAL E 46 -20.65 28.40 -31.18
CA VAL E 46 -19.46 28.81 -31.97
C VAL E 46 -18.53 27.61 -32.14
N ALA E 47 -18.55 26.68 -31.18
CA ALA E 47 -17.78 25.42 -31.26
C ALA E 47 -18.25 24.58 -32.44
N LEU E 48 -19.55 24.29 -32.52
CA LEU E 48 -20.13 23.51 -33.63
C LEU E 48 -20.02 24.29 -34.95
N ARG E 49 -20.12 25.61 -34.88
CA ARG E 49 -20.01 26.49 -36.07
C ARG E 49 -18.60 26.38 -36.67
N GLU E 50 -17.57 26.36 -35.83
CA GLU E 50 -16.18 26.27 -36.31
C GLU E 50 -15.83 24.83 -36.68
N ILE E 51 -16.48 23.83 -36.07
CA ILE E 51 -16.33 22.42 -36.51
C ILE E 51 -16.84 22.29 -37.94
N ARG E 52 -18.03 22.82 -38.22
CA ARG E 52 -18.62 22.80 -39.57
C ARG E 52 -17.80 23.67 -40.53
N ARG E 53 -17.15 24.72 -40.02
CA ARG E 53 -16.32 25.61 -40.85
C ARG E 53 -15.02 24.91 -41.25
N TYR E 54 -14.33 24.26 -40.30
CA TYR E 54 -13.00 23.67 -40.53
C TYR E 54 -13.06 22.21 -40.98
N GLN E 55 -14.26 21.62 -41.10
CA GLN E 55 -14.39 20.30 -41.75
C GLN E 55 -14.65 20.47 -43.25
N LYS E 56 -15.22 21.60 -43.67
CA LYS E 56 -15.52 21.87 -45.10
C LYS E 56 -14.35 22.58 -45.79
N SER E 57 -13.29 22.90 -45.06
CA SER E 57 -12.10 23.61 -45.60
C SER E 57 -10.98 22.61 -45.87
N THR E 58 -10.07 22.97 -46.78
CA THR E 58 -8.95 22.11 -47.21
C THR E 58 -7.59 22.79 -47.02
N GLU E 59 -7.55 24.04 -46.58
CA GLU E 59 -6.28 24.76 -46.40
C GLU E 59 -5.54 24.18 -45.18
N LEU E 60 -4.26 24.53 -45.06
CA LEU E 60 -3.41 24.11 -43.93
C LEU E 60 -3.74 24.96 -42.71
N LEU E 61 -3.71 24.34 -41.53
CA LEU E 61 -4.12 24.97 -40.25
C LEU E 61 -2.92 25.34 -39.39
N ILE E 62 -1.88 24.52 -39.39
CA ILE E 62 -0.59 24.91 -38.76
C ILE E 62 0.05 25.98 -39.63
N ARG E 63 0.61 27.01 -39.00
CA ARG E 63 1.32 28.09 -39.70
C ARG E 63 2.58 27.52 -40.34
N LYS E 64 2.93 28.00 -41.53
CA LYS E 64 3.93 27.35 -42.39
C LYS E 64 5.34 27.55 -41.82
N LEU E 65 5.69 28.78 -41.43
CA LEU E 65 7.08 29.10 -41.01
C LEU E 65 7.43 28.47 -39.66
N PRO E 66 6.59 28.48 -38.61
CA PRO E 66 6.93 27.73 -37.40
C PRO E 66 7.01 26.21 -37.59
N PHE E 67 6.19 25.64 -38.47
CA PHE E 67 6.25 24.20 -38.80
C PHE E 67 7.54 23.90 -39.55
N GLN E 68 7.98 24.81 -40.43
CA GLN E 68 9.24 24.67 -41.17
C GLN E 68 10.43 24.73 -40.21
N ARG E 69 10.40 25.65 -39.24
CA ARG E 69 11.47 25.75 -38.22
C ARG E 69 11.48 24.50 -37.34
N LEU E 70 10.31 23.93 -37.05
CA LEU E 70 10.22 22.68 -36.26
C LEU E 70 10.83 21.51 -37.05
N VAL E 71 10.55 21.44 -38.35
CA VAL E 71 11.10 20.38 -39.24
C VAL E 71 12.63 20.51 -39.31
N ARG E 72 13.13 21.74 -39.41
CA ARG E 72 14.60 21.98 -39.47
C ARG E 72 15.26 21.63 -38.14
N GLU E 73 14.61 21.97 -37.01
CA GLU E 73 15.16 21.68 -35.67
C GLU E 73 15.24 20.17 -35.46
N ILE E 74 14.18 19.44 -35.84
CA ILE E 74 14.14 17.96 -35.67
C ILE E 74 15.14 17.32 -36.64
N ALA E 75 15.39 17.93 -37.80
CA ALA E 75 16.36 17.41 -38.79
C ALA E 75 17.80 17.66 -38.37
N GLN E 76 18.05 18.69 -37.55
CA GLN E 76 19.43 19.05 -37.12
C GLN E 76 20.05 17.96 -36.23
N ASP E 77 19.23 17.11 -35.59
CA ASP E 77 19.75 16.04 -34.72
C ASP E 77 20.25 14.86 -35.54
N PHE E 78 19.66 14.61 -36.71
CA PHE E 78 20.02 13.44 -37.55
C PHE E 78 21.22 13.78 -38.44
N LYS E 79 21.16 14.92 -39.12
CA LYS E 79 22.24 15.37 -40.02
C LYS E 79 22.38 16.88 -39.90
N THR E 80 23.63 17.35 -39.94
CA THR E 80 23.93 18.79 -39.94
C THR E 80 24.02 19.29 -41.38
N ASP E 81 23.75 20.58 -41.55
CA ASP E 81 23.87 21.31 -42.84
C ASP E 81 22.96 20.67 -43.89
N LEU E 82 21.69 20.45 -43.53
CA LEU E 82 20.69 19.93 -44.47
C LEU E 82 20.08 21.08 -45.27
N ARG E 83 19.19 20.72 -46.19
CA ARG E 83 18.58 21.67 -47.15
C ARG E 83 17.28 21.05 -47.63
N PHE E 84 16.17 21.76 -47.46
CA PHE E 84 14.84 21.24 -47.79
C PHE E 84 14.32 21.89 -49.05
N GLN E 85 13.68 21.10 -49.91
CA GLN E 85 12.83 21.64 -50.97
C GLN E 85 11.51 22.09 -50.34
N SER E 86 10.91 23.13 -50.91
CA SER E 86 9.67 23.72 -50.37
C SER E 86 8.53 22.71 -50.49
N SER E 87 8.49 21.96 -51.58
CA SER E 87 7.47 20.90 -51.81
C SER E 87 7.60 19.79 -50.77
N ALA E 88 8.83 19.49 -50.31
CA ALA E 88 9.07 18.48 -49.27
C ALA E 88 8.45 18.92 -47.94
N VAL E 89 8.61 20.20 -47.59
CA VAL E 89 8.06 20.76 -46.33
C VAL E 89 6.53 20.81 -46.44
N MET E 90 5.99 21.09 -47.63
CA MET E 90 4.54 21.13 -47.84
C MET E 90 3.95 19.71 -47.75
N ALA E 91 4.67 18.70 -48.24
CA ALA E 91 4.25 17.29 -48.16
C ALA E 91 4.27 16.82 -46.70
N LEU E 92 5.31 17.19 -45.95
CA LEU E 92 5.39 16.90 -44.50
C LEU E 92 4.23 17.55 -43.75
N GLN E 93 3.86 18.78 -44.13
CA GLN E 93 2.79 19.53 -43.43
C GLN E 93 1.43 18.92 -43.74
N GLU E 94 1.18 18.54 -45.00
CA GLU E 94 -0.05 17.83 -45.42
C GLU E 94 -0.20 16.53 -44.62
N ALA E 95 0.88 15.72 -44.55
CA ALA E 95 0.84 14.39 -43.91
C ALA E 95 0.67 14.54 -42.40
N SER E 96 1.33 15.52 -41.78
CA SER E 96 1.28 15.71 -40.32
C SER E 96 -0.07 16.27 -39.88
N GLU E 97 -0.68 17.16 -40.67
CA GLU E 97 -2.01 17.70 -40.32
C GLU E 97 -3.09 16.64 -40.52
N ALA E 98 -2.97 15.81 -41.56
CA ALA E 98 -3.93 14.70 -41.80
C ALA E 98 -3.80 13.66 -40.69
N TYR E 99 -2.58 13.35 -40.26
CA TYR E 99 -2.31 12.42 -39.14
C TYR E 99 -2.92 12.96 -37.85
N LEU E 100 -2.78 14.26 -37.59
CA LEU E 100 -3.31 14.85 -36.34
C LEU E 100 -4.84 14.92 -36.37
N VAL E 101 -5.44 15.14 -37.55
CA VAL E 101 -6.92 15.18 -37.65
C VAL E 101 -7.50 13.78 -37.43
N ALA E 102 -6.87 12.75 -38.00
CA ALA E 102 -7.28 11.35 -37.76
C ALA E 102 -7.10 10.98 -36.28
N LEU E 103 -6.00 11.43 -35.67
CA LEU E 103 -5.73 11.14 -34.24
C LEU E 103 -6.76 11.82 -33.35
N PHE E 104 -7.19 13.05 -33.69
CA PHE E 104 -8.24 13.74 -32.91
C PHE E 104 -9.61 13.12 -33.18
N GLU E 105 -9.83 12.44 -34.31
CA GLU E 105 -11.08 11.71 -34.55
C GLU E 105 -11.16 10.50 -33.62
N ASP E 106 -10.09 9.72 -33.50
CA ASP E 106 -10.05 8.56 -32.58
C ASP E 106 -10.04 9.05 -31.12
N THR E 107 -9.42 10.20 -30.86
CA THR E 107 -9.40 10.83 -29.52
C THR E 107 -10.81 11.27 -29.13
N ASN E 108 -11.59 11.77 -30.09
CA ASN E 108 -12.99 12.19 -29.86
C ASN E 108 -13.86 10.96 -29.59
N LEU E 109 -13.60 9.85 -30.29
CA LEU E 109 -14.35 8.59 -30.04
C LEU E 109 -14.04 8.05 -28.64
N CYS E 110 -12.76 8.12 -28.21
CA CYS E 110 -12.36 7.70 -26.85
C CYS E 110 -12.97 8.64 -25.79
N ALA E 111 -13.17 9.91 -26.12
CA ALA E 111 -13.78 10.88 -25.17
C ALA E 111 -15.28 10.61 -25.02
N ILE E 112 -15.96 10.33 -26.13
CA ILE E 112 -17.42 10.06 -26.13
C ILE E 112 -17.70 8.72 -25.43
N HIS E 113 -16.81 7.75 -25.59
CA HIS E 113 -16.98 6.40 -25.00
C HIS E 113 -16.94 6.45 -23.47
N ALA E 114 -16.21 7.42 -22.90
CA ALA E 114 -16.11 7.60 -21.44
C ALA E 114 -17.20 8.57 -20.93
N LYS E 115 -18.30 8.72 -21.68
CA LYS E 115 -19.47 9.55 -21.33
C LYS E 115 -19.04 11.01 -21.10
N ARG E 116 -18.12 11.50 -21.92
CA ARG E 116 -17.62 12.88 -21.84
C ARG E 116 -17.64 13.53 -23.21
N VAL E 117 -17.59 14.85 -23.24
CA VAL E 117 -17.41 15.64 -24.49
C VAL E 117 -16.05 16.33 -24.47
N THR E 118 -15.25 16.13 -23.42
CA THR E 118 -13.94 16.77 -23.26
C THR E 118 -12.85 15.72 -23.53
N ILE E 119 -12.04 15.95 -24.55
CA ILE E 119 -10.86 15.10 -24.81
C ILE E 119 -9.81 15.41 -23.74
N MET E 120 -9.05 14.40 -23.35
CA MET E 120 -8.00 14.49 -22.31
C MET E 120 -6.79 13.70 -22.80
N PRO E 121 -5.58 13.90 -22.23
CA PRO E 121 -4.42 13.10 -22.65
C PRO E 121 -4.58 11.59 -22.48
N LYS E 122 -5.50 11.14 -21.61
CA LYS E 122 -5.87 9.72 -21.50
C LYS E 122 -6.41 9.20 -22.83
N ASP E 123 -7.18 10.03 -23.54
CA ASP E 123 -7.82 9.65 -24.83
C ASP E 123 -6.76 9.52 -25.92
N ILE E 124 -5.76 10.42 -25.94
CA ILE E 124 -4.68 10.38 -26.95
C ILE E 124 -3.79 9.17 -26.68
N GLN E 125 -3.51 8.88 -25.40
CA GLN E 125 -2.70 7.71 -25.00
C GLN E 125 -3.45 6.41 -25.33
N LEU E 126 -4.78 6.39 -25.16
CA LEU E 126 -5.59 5.19 -25.46
C LEU E 126 -5.65 4.99 -26.98
N ALA E 127 -5.78 6.06 -27.76
CA ALA E 127 -5.84 5.98 -29.24
C ALA E 127 -4.51 5.47 -29.80
N ARG E 128 -3.38 5.96 -29.28
CA ARG E 128 -2.05 5.53 -29.73
C ARG E 128 -1.67 4.17 -29.13
N ARG E 129 -2.40 3.69 -28.11
CA ARG E 129 -2.21 2.33 -27.58
C ARG E 129 -2.98 1.32 -28.44
N ILE E 130 -4.21 1.65 -28.84
CA ILE E 130 -5.06 0.73 -29.65
C ILE E 130 -4.54 0.69 -31.09
N ARG E 131 -3.98 1.79 -31.60
CA ARG E 131 -3.35 1.80 -32.94
C ARG E 131 -2.09 0.94 -32.95
N GLY E 132 -1.40 0.82 -31.81
CA GLY E 132 -0.14 0.08 -31.72
C GLY E 132 1.04 0.97 -32.04
N GLU E 133 1.07 2.18 -31.46
CA GLU E 133 2.13 3.17 -31.68
C GLU E 133 2.77 3.58 -30.35
N ARG E 134 2.69 2.71 -29.34
CA ARG E 134 3.47 2.86 -28.10
C ARG E 134 4.72 1.98 -28.21
N ALA E 135 5.54 2.25 -29.22
CA ALA E 135 6.73 1.44 -29.55
C ALA E 135 7.79 2.29 -30.26
N ARG F 18 29.38 25.94 -37.39
CA ARG F 18 30.09 27.07 -38.03
C ARG F 18 29.12 28.25 -38.21
N HIS F 19 28.64 28.46 -39.44
CA HIS F 19 27.65 29.51 -39.76
C HIS F 19 26.26 28.88 -39.83
N ARG F 20 25.80 28.37 -38.68
CA ARG F 20 24.44 27.81 -38.54
C ARG F 20 24.03 27.93 -37.08
N LYS F 21 23.17 28.90 -36.78
CA LYS F 21 22.58 29.06 -35.44
C LYS F 21 21.63 27.88 -35.21
N VAL F 22 21.80 27.20 -34.07
CA VAL F 22 20.98 26.01 -33.73
C VAL F 22 19.56 26.49 -33.42
N LEU F 23 18.60 26.07 -34.24
CA LEU F 23 17.18 26.40 -34.02
C LEU F 23 16.68 25.68 -32.77
N ARG F 24 15.94 26.39 -31.93
CA ARG F 24 15.47 25.84 -30.63
C ARG F 24 14.10 26.43 -30.29
N ASP F 25 13.34 25.67 -29.48
CA ASP F 25 12.02 26.06 -28.93
C ASP F 25 11.02 26.35 -30.07
N ASN F 26 11.11 25.59 -31.15
CA ASN F 26 10.16 25.71 -32.29
C ASN F 26 8.99 24.74 -32.13
N ILE F 27 8.99 23.92 -31.08
CA ILE F 27 7.81 23.08 -30.74
C ILE F 27 6.70 23.99 -30.18
N GLN F 28 7.07 25.15 -29.63
CA GLN F 28 6.11 26.18 -29.19
C GLN F 28 5.65 27.04 -30.37
N GLY F 29 6.25 26.87 -31.55
CA GLY F 29 5.73 27.46 -32.79
C GLY F 29 4.40 26.84 -33.19
N ILE F 30 4.15 25.60 -32.79
CA ILE F 30 2.82 24.96 -32.89
C ILE F 30 1.94 25.60 -31.82
N THR F 31 1.16 26.61 -32.21
CA THR F 31 0.44 27.45 -31.24
C THR F 31 -0.82 26.74 -30.76
N LYS F 32 -1.44 27.29 -29.72
CA LYS F 32 -2.69 26.75 -29.15
C LYS F 32 -3.85 26.86 -30.14
N PRO F 33 -4.08 27.97 -30.88
CA PRO F 33 -5.13 27.96 -31.89
C PRO F 33 -4.88 27.03 -33.09
N ALA F 34 -3.63 26.63 -33.34
CA ALA F 34 -3.33 25.65 -34.41
C ALA F 34 -3.88 24.27 -34.02
N ILE F 35 -3.62 23.85 -32.78
CA ILE F 35 -4.14 22.57 -32.25
C ILE F 35 -5.65 22.69 -32.05
N ARG F 36 -6.15 23.90 -31.77
CA ARG F 36 -7.60 24.16 -31.67
C ARG F 36 -8.27 23.90 -33.02
N ARG F 37 -7.71 24.45 -34.11
CA ARG F 37 -8.28 24.30 -35.47
C ARG F 37 -8.15 22.85 -35.94
N LEU F 38 -7.07 22.16 -35.59
CA LEU F 38 -6.89 20.73 -35.94
C LEU F 38 -7.86 19.84 -35.14
N ALA F 39 -8.31 20.31 -33.98
CA ALA F 39 -9.36 19.62 -33.20
C ALA F 39 -10.75 19.96 -33.74
N ARG F 40 -10.92 21.13 -34.35
CA ARG F 40 -12.19 21.50 -35.01
C ARG F 40 -12.40 20.63 -36.25
N ARG F 41 -11.34 20.41 -37.04
CA ARG F 41 -11.45 19.55 -38.24
C ARG F 41 -11.65 18.09 -37.81
N GLY F 42 -11.09 17.70 -36.66
CA GLY F 42 -11.25 16.34 -36.11
C GLY F 42 -12.61 16.10 -35.47
N GLY F 43 -13.45 17.13 -35.35
CA GLY F 43 -14.83 16.99 -34.85
C GLY F 43 -14.95 17.16 -33.35
N VAL F 44 -13.89 17.60 -32.67
CA VAL F 44 -13.86 17.70 -31.20
C VAL F 44 -14.59 18.97 -30.76
N LYS F 45 -15.52 18.83 -29.83
CA LYS F 45 -16.38 19.94 -29.35
C LYS F 45 -15.75 20.70 -28.18
N ARG F 46 -14.90 20.03 -27.39
CA ARG F 46 -14.39 20.62 -26.14
C ARG F 46 -13.03 20.02 -25.81
N ILE F 47 -12.03 20.87 -25.63
CA ILE F 47 -10.61 20.47 -25.50
C ILE F 47 -10.14 20.87 -24.11
N SER F 48 -9.49 19.95 -23.40
CA SER F 48 -8.95 20.23 -22.05
C SER F 48 -7.61 20.95 -22.17
N GLY F 49 -7.15 21.51 -21.05
CA GLY F 49 -5.96 22.36 -21.01
C GLY F 49 -4.65 21.60 -21.21
N LEU F 50 -4.63 20.30 -20.89
CA LEU F 50 -3.40 19.48 -20.98
C LEU F 50 -3.30 18.77 -22.34
N ILE F 51 -4.22 19.04 -23.27
CA ILE F 51 -4.19 18.44 -24.62
C ILE F 51 -2.95 18.91 -25.37
N TYR F 52 -2.57 20.17 -25.19
CA TYR F 52 -1.67 20.89 -26.11
C TYR F 52 -0.23 20.38 -25.99
N GLU F 53 0.22 20.10 -24.76
CA GLU F 53 1.58 19.56 -24.54
C GLU F 53 1.67 18.14 -25.11
N GLU F 54 0.64 17.33 -24.89
CA GLU F 54 0.59 15.94 -25.39
C GLU F 54 0.56 15.93 -26.92
N THR F 55 -0.17 16.86 -27.53
CA THR F 55 -0.29 16.96 -29.00
C THR F 55 1.03 17.41 -29.61
N ARG F 56 1.74 18.35 -28.97
CA ARG F 56 3.08 18.77 -29.39
C ARG F 56 4.05 17.58 -29.30
N GLY F 57 3.96 16.79 -28.24
CA GLY F 57 4.84 15.61 -28.05
C GLY F 57 4.60 14.55 -29.11
N VAL F 58 3.34 14.28 -29.45
CA VAL F 58 2.98 13.24 -30.44
C VAL F 58 3.38 13.70 -31.84
N LEU F 59 3.15 14.98 -32.17
CA LEU F 59 3.57 15.55 -33.47
C LEU F 59 5.10 15.54 -33.59
N LYS F 60 5.80 15.75 -32.47
CA LYS F 60 7.28 15.74 -32.45
C LYS F 60 7.79 14.33 -32.74
N VAL F 61 7.18 13.30 -32.14
CA VAL F 61 7.59 11.89 -32.33
C VAL F 61 7.27 11.44 -33.76
N PHE F 62 6.14 11.89 -34.31
CA PHE F 62 5.74 11.57 -35.70
C PHE F 62 6.73 12.18 -36.69
N LEU F 63 7.11 13.45 -36.50
CA LEU F 63 8.11 14.12 -37.36
C LEU F 63 9.49 13.48 -37.17
N GLU F 64 9.81 13.02 -35.96
CA GLU F 64 11.08 12.30 -35.70
C GLU F 64 11.16 11.04 -36.56
N ASN F 65 10.08 10.25 -36.59
CA ASN F 65 10.05 8.99 -37.37
C ASN F 65 10.17 9.27 -38.87
N VAL F 66 9.40 10.24 -39.38
CA VAL F 66 9.31 10.50 -40.83
C VAL F 66 10.63 11.13 -41.32
N ILE F 67 11.18 12.09 -40.57
CA ILE F 67 12.45 12.76 -40.95
C ILE F 67 13.62 11.80 -40.73
N ARG F 68 13.51 10.86 -39.78
CA ARG F 68 14.55 9.82 -39.55
C ARG F 68 14.62 8.90 -40.77
N ASP F 69 13.50 8.60 -41.41
CA ASP F 69 13.51 7.83 -42.67
C ASP F 69 14.02 8.70 -43.82
N ALA F 70 13.53 9.94 -43.94
CA ALA F 70 13.77 10.79 -45.13
C ALA F 70 15.23 11.25 -45.21
N VAL F 71 15.87 11.52 -44.08
CA VAL F 71 17.30 11.93 -44.04
C VAL F 71 18.17 10.74 -44.45
N THR F 72 17.75 9.51 -44.15
CA THR F 72 18.49 8.29 -44.56
C THR F 72 18.30 8.03 -46.05
N TYR F 73 17.13 8.33 -46.60
CA TYR F 73 16.92 8.31 -48.07
C TYR F 73 17.81 9.34 -48.76
N THR F 74 18.01 10.50 -48.14
CA THR F 74 18.89 11.56 -48.68
C THR F 74 20.35 11.12 -48.56
N GLU F 75 20.70 10.45 -47.47
CA GLU F 75 22.08 9.95 -47.21
C GLU F 75 22.51 8.97 -48.29
N HIS F 76 21.68 7.97 -48.60
CA HIS F 76 22.04 6.93 -49.58
C HIS F 76 22.09 7.49 -51.00
N ALA F 77 21.36 8.58 -51.27
CA ALA F 77 21.32 9.20 -52.62
C ALA F 77 22.54 10.09 -52.87
N LYS F 78 23.45 10.22 -51.88
CA LYS F 78 24.69 11.01 -51.97
C LYS F 78 24.38 12.49 -52.27
N ARG F 79 23.27 12.99 -51.74
CA ARG F 79 22.89 14.41 -51.87
C ARG F 79 23.04 15.11 -50.53
N LYS F 80 22.66 16.38 -50.48
CA LYS F 80 22.50 17.15 -49.22
C LYS F 80 21.16 17.88 -49.21
N THR F 81 20.29 17.59 -50.17
CA THR F 81 18.95 18.22 -50.27
C THR F 81 17.89 17.14 -50.09
N VAL F 82 17.00 17.36 -49.12
CA VAL F 82 15.82 16.47 -48.93
C VAL F 82 14.76 16.90 -49.94
N THR F 83 14.34 15.96 -50.79
CA THR F 83 13.34 16.21 -51.85
C THR F 83 11.96 15.84 -51.32
N ALA F 84 10.93 16.15 -52.10
CA ALA F 84 9.54 15.74 -51.81
C ALA F 84 9.39 14.24 -52.08
N MET F 85 10.18 13.69 -53.00
CA MET F 85 10.13 12.24 -53.33
C MET F 85 10.65 11.42 -52.15
N ASP F 86 11.64 11.93 -51.41
CA ASP F 86 12.17 11.24 -50.21
C ASP F 86 11.15 11.28 -49.08
N VAL F 87 10.33 12.34 -49.03
CA VAL F 87 9.23 12.44 -48.04
C VAL F 87 8.14 11.43 -48.40
N VAL F 88 7.81 11.32 -49.69
CA VAL F 88 6.77 10.37 -50.18
C VAL F 88 7.25 8.93 -49.96
N TYR F 89 8.54 8.66 -50.12
CA TYR F 89 9.12 7.32 -49.88
C TYR F 89 9.14 7.00 -48.39
N ALA F 90 9.45 8.00 -47.56
CA ALA F 90 9.48 7.84 -46.08
C ALA F 90 8.08 7.58 -45.54
N LEU F 91 7.05 8.16 -46.16
CA LEU F 91 5.66 7.99 -45.71
C LEU F 91 5.05 6.70 -46.27
N LYS F 92 5.36 6.36 -47.52
CA LYS F 92 4.90 5.12 -48.17
C LYS F 92 5.58 3.90 -47.53
N ARG F 93 6.75 4.08 -46.92
CA ARG F 93 7.40 3.02 -46.14
C ARG F 93 6.66 2.80 -44.82
N GLN F 94 6.15 3.87 -44.21
CA GLN F 94 5.42 3.79 -42.92
C GLN F 94 3.93 3.50 -43.13
N GLY F 95 3.53 3.04 -44.33
CA GLY F 95 2.14 2.66 -44.61
C GLY F 95 1.19 3.84 -44.60
N ARG F 96 1.69 5.04 -44.96
CA ARG F 96 0.87 6.27 -45.08
C ARG F 96 1.16 6.88 -46.45
N THR F 97 0.51 6.36 -47.48
CA THR F 97 0.82 6.73 -48.88
C THR F 97 0.24 8.12 -49.17
N LEU F 98 1.11 9.07 -49.49
CA LEU F 98 0.72 10.47 -49.76
C LEU F 98 0.65 10.69 -51.27
N TYR F 99 -0.41 11.36 -51.73
CA TYR F 99 -0.61 11.68 -53.15
C TYR F 99 -0.38 13.18 -53.38
N GLY F 100 -0.17 13.53 -54.66
CA GLY F 100 -0.05 14.92 -55.10
C GLY F 100 1.39 15.40 -55.21
N PHE F 101 2.37 14.55 -54.94
CA PHE F 101 3.81 14.94 -54.95
C PHE F 101 4.66 13.98 -55.76
N GLY F 102 4.05 13.02 -56.46
CA GLY F 102 4.79 11.99 -57.21
C GLY F 102 5.00 10.74 -56.37
N GLY F 103 4.46 9.62 -56.82
CA GLY F 103 4.48 8.35 -56.07
C GLY F 103 5.84 7.68 -56.09
N LYS G 9 44.80 -27.80 -64.06
CA LYS G 9 43.54 -27.25 -63.48
C LYS G 9 43.87 -26.41 -62.25
N THR G 10 42.86 -26.07 -61.46
CA THR G 10 43.02 -25.28 -60.23
C THR G 10 43.63 -26.16 -59.13
N ARG G 11 44.62 -25.61 -58.43
CA ARG G 11 45.28 -26.26 -57.28
C ARG G 11 45.34 -25.26 -56.13
N ALA G 12 44.25 -25.16 -55.39
CA ALA G 12 44.12 -24.22 -54.26
C ALA G 12 43.16 -24.80 -53.23
N LYS G 13 43.30 -24.34 -51.99
CA LYS G 13 42.47 -24.81 -50.87
C LYS G 13 41.04 -24.28 -51.05
N ALA G 14 40.07 -25.19 -51.05
CA ALA G 14 38.64 -24.86 -51.25
C ALA G 14 38.11 -24.17 -49.99
N LYS G 15 38.34 -22.86 -49.92
CA LYS G 15 37.97 -22.03 -48.75
C LYS G 15 36.68 -21.28 -49.07
N THR G 16 35.62 -21.57 -48.33
CA THR G 16 34.28 -20.98 -48.56
C THR G 16 34.29 -19.52 -48.17
N ARG G 17 33.37 -18.75 -48.77
CA ARG G 17 33.30 -17.29 -48.56
C ARG G 17 32.82 -16.96 -47.15
N SER G 18 32.09 -17.88 -46.51
CA SER G 18 31.65 -17.72 -45.11
C SER G 18 32.86 -17.67 -44.18
N SER G 19 33.84 -18.55 -44.42
CA SER G 19 35.02 -18.70 -43.54
C SER G 19 35.97 -17.52 -43.70
N ARG G 20 36.05 -16.91 -44.89
CA ARG G 20 36.94 -15.76 -45.11
C ARG G 20 36.37 -14.52 -44.42
N ALA G 21 35.05 -14.43 -44.26
CA ALA G 21 34.37 -13.29 -43.63
C ALA G 21 34.31 -13.45 -42.11
N GLY G 22 34.57 -14.65 -41.58
CA GLY G 22 34.44 -14.93 -40.15
C GLY G 22 32.99 -15.03 -39.72
N LEU G 23 32.12 -15.51 -40.61
CA LEU G 23 30.68 -15.63 -40.35
C LEU G 23 30.28 -17.10 -40.29
N GLN G 24 28.99 -17.35 -40.04
CA GLN G 24 28.41 -18.72 -39.98
C GLN G 24 27.34 -18.90 -41.04
N PHE G 25 26.53 -17.89 -41.33
CA PHE G 25 25.45 -17.99 -42.34
C PHE G 25 26.07 -18.06 -43.73
N PRO G 26 25.51 -18.90 -44.63
CA PRO G 26 26.16 -19.15 -45.92
C PRO G 26 26.08 -17.95 -46.85
N VAL G 27 27.24 -17.49 -47.32
CA VAL G 27 27.34 -16.35 -48.25
C VAL G 27 26.80 -16.77 -49.62
N GLY G 28 27.10 -18.00 -50.03
CA GLY G 28 26.71 -18.50 -51.36
C GLY G 28 25.20 -18.66 -51.49
N ARG G 29 24.55 -19.17 -50.45
CA ARG G 29 23.09 -19.36 -50.47
C ARG G 29 22.38 -18.01 -50.50
N VAL G 30 22.84 -17.05 -49.69
CA VAL G 30 22.29 -15.67 -49.67
C VAL G 30 22.51 -15.03 -51.04
N HIS G 31 23.66 -15.30 -51.67
CA HIS G 31 24.01 -14.70 -52.97
C HIS G 31 23.10 -15.24 -54.08
N ARG G 32 22.84 -16.55 -54.11
CA ARG G 32 21.97 -17.13 -55.15
C ARG G 32 20.49 -16.84 -54.85
N LEU G 33 20.12 -16.58 -53.59
CA LEU G 33 18.72 -16.17 -53.28
C LEU G 33 18.51 -14.69 -53.61
N LEU G 34 19.58 -13.89 -53.61
CA LEU G 34 19.49 -12.50 -54.15
C LEU G 34 19.38 -12.57 -55.67
N ARG G 35 20.16 -13.45 -56.31
CA ARG G 35 20.14 -13.59 -57.79
C ARG G 35 18.83 -14.22 -58.28
N LYS G 36 18.14 -14.99 -57.43
CA LYS G 36 16.93 -15.72 -57.85
C LYS G 36 15.67 -14.88 -57.64
N GLY G 37 15.62 -14.06 -56.59
CA GLY G 37 14.39 -13.38 -56.13
C GLY G 37 13.96 -12.20 -56.99
N ASN G 38 14.71 -11.87 -58.05
CA ASN G 38 14.42 -10.73 -58.97
C ASN G 38 14.36 -9.42 -58.17
N TYR G 39 15.47 -9.04 -57.55
CA TYR G 39 15.59 -7.78 -56.78
C TYR G 39 16.27 -6.70 -57.61
N ALA G 40 17.35 -7.05 -58.32
CA ALA G 40 18.03 -6.15 -59.26
C ALA G 40 18.69 -7.00 -60.35
N GLU G 41 19.21 -6.34 -61.37
CA GLU G 41 19.90 -7.04 -62.48
C GLU G 41 21.23 -7.61 -61.97
N ARG G 42 22.06 -6.75 -61.37
CA ARG G 42 23.39 -7.15 -60.86
C ARG G 42 23.36 -7.17 -59.33
N VAL G 43 24.16 -8.06 -58.74
CA VAL G 43 24.28 -8.22 -57.28
C VAL G 43 25.77 -8.17 -56.91
N GLY G 44 26.15 -7.19 -56.10
CA GLY G 44 27.54 -6.96 -55.72
C GLY G 44 28.11 -8.09 -54.89
N ALA G 45 29.43 -8.07 -54.68
CA ALA G 45 30.18 -9.14 -54.00
C ALA G 45 30.14 -8.98 -52.49
N GLY G 46 30.13 -7.74 -51.99
CA GLY G 46 30.09 -7.48 -50.54
C GLY G 46 28.69 -7.61 -49.96
N ALA G 47 27.65 -7.58 -50.80
CA ALA G 47 26.25 -7.53 -50.35
C ALA G 47 25.81 -8.82 -49.65
N PRO G 48 26.05 -10.06 -50.17
CA PRO G 48 25.68 -11.24 -49.39
C PRO G 48 26.51 -11.45 -48.12
N VAL G 49 27.76 -10.99 -48.12
CA VAL G 49 28.62 -11.04 -46.91
C VAL G 49 28.03 -10.13 -45.83
N TYR G 50 27.66 -8.90 -46.22
CA TYR G 50 27.08 -7.90 -45.30
C TYR G 50 25.73 -8.38 -44.78
N LEU G 51 24.90 -8.96 -45.65
CA LEU G 51 23.54 -9.41 -45.28
C LEU G 51 23.62 -10.65 -44.38
N ALA G 52 24.58 -11.55 -44.64
CA ALA G 52 24.80 -12.74 -43.79
C ALA G 52 25.29 -12.32 -42.40
N ALA G 53 26.10 -11.26 -42.32
CA ALA G 53 26.56 -10.72 -41.02
C ALA G 53 25.39 -10.10 -40.25
N VAL G 54 24.49 -9.40 -40.95
CA VAL G 54 23.31 -8.76 -40.31
C VAL G 54 22.36 -9.85 -39.81
N LEU G 55 22.09 -10.86 -40.64
CA LEU G 55 21.19 -11.97 -40.26
C LEU G 55 21.79 -12.76 -39.08
N GLU G 56 23.12 -12.95 -39.07
CA GLU G 56 23.78 -13.74 -38.01
C GLU G 56 23.75 -12.96 -36.69
N TYR G 57 23.84 -11.63 -36.72
CA TYR G 57 23.72 -10.81 -35.49
C TYR G 57 22.28 -10.84 -34.97
N LEU G 58 21.29 -10.76 -35.88
CA LEU G 58 19.86 -10.75 -35.49
C LEU G 58 19.43 -12.13 -35.00
N THR G 59 20.06 -13.20 -35.49
CA THR G 59 19.80 -14.56 -35.00
C THR G 59 20.45 -14.76 -33.63
N ALA G 60 21.71 -14.32 -33.47
CA ALA G 60 22.48 -14.51 -32.21
C ALA G 60 21.86 -13.73 -31.06
N GLU G 61 21.26 -12.57 -31.33
CA GLU G 61 20.62 -11.75 -30.26
C GLU G 61 19.37 -12.46 -29.74
N ILE G 62 18.53 -12.99 -30.63
CA ILE G 62 17.27 -13.69 -30.23
C ILE G 62 17.60 -15.01 -29.58
N LEU G 63 18.63 -15.73 -30.04
CA LEU G 63 19.04 -17.00 -29.41
C LEU G 63 19.70 -16.75 -28.05
N GLU G 64 20.34 -15.60 -27.85
CA GLU G 64 20.92 -15.25 -26.53
C GLU G 64 19.80 -14.95 -25.54
N LEU G 65 18.78 -14.19 -25.96
CA LEU G 65 17.63 -13.87 -25.08
C LEU G 65 16.76 -15.10 -24.85
N ALA G 66 16.67 -16.00 -25.82
CA ALA G 66 15.91 -17.26 -25.69
C ALA G 66 16.64 -18.25 -24.78
N GLY G 67 17.98 -18.26 -24.82
CA GLY G 67 18.78 -19.08 -23.90
C GLY G 67 18.70 -18.57 -22.48
N ASN G 68 18.57 -17.26 -22.30
CA ASN G 68 18.34 -16.66 -20.95
C ASN G 68 16.92 -16.99 -20.47
N ALA G 69 15.93 -16.95 -21.37
CA ALA G 69 14.53 -17.28 -21.02
C ALA G 69 14.39 -18.77 -20.72
N ALA G 70 15.19 -19.62 -21.38
CA ALA G 70 15.19 -21.07 -21.13
C ALA G 70 15.86 -21.37 -19.79
N ARG G 71 16.95 -20.67 -19.49
CA ARG G 71 17.69 -20.85 -18.21
C ARG G 71 16.82 -20.38 -17.04
N ASP G 72 15.99 -19.35 -17.25
CA ASP G 72 15.05 -18.86 -16.20
C ASP G 72 13.97 -19.92 -15.94
N ASN G 73 13.55 -20.64 -16.98
CA ASN G 73 12.43 -21.60 -16.90
C ASN G 73 12.93 -22.99 -16.49
N LYS G 74 14.21 -23.11 -16.15
CA LYS G 74 14.88 -24.39 -15.78
C LYS G 74 14.69 -25.42 -16.89
N LYS G 75 15.07 -25.05 -18.12
CA LYS G 75 15.02 -25.93 -19.29
C LYS G 75 16.26 -25.72 -20.13
N THR G 76 16.79 -26.80 -20.72
CA THR G 76 17.95 -26.76 -21.63
C THR G 76 17.49 -27.07 -23.05
N ARG G 77 16.35 -26.53 -23.44
CA ARG G 77 15.83 -26.64 -24.82
C ARG G 77 14.85 -25.49 -25.05
N ILE G 78 15.09 -24.72 -26.11
CA ILE G 78 14.26 -23.53 -26.42
C ILE G 78 12.96 -24.01 -27.06
N ILE G 79 11.84 -23.75 -26.38
CA ILE G 79 10.47 -23.97 -26.90
C ILE G 79 9.98 -22.63 -27.44
N PRO G 80 8.97 -22.59 -28.34
CA PRO G 80 8.46 -21.31 -28.83
C PRO G 80 7.92 -20.33 -27.78
N ARG G 81 7.61 -20.80 -26.56
CA ARG G 81 7.29 -19.91 -25.42
C ARG G 81 8.53 -19.08 -25.06
N HIS G 82 9.73 -19.67 -25.15
CA HIS G 82 10.99 -18.98 -24.82
C HIS G 82 11.30 -17.91 -25.87
N LEU G 83 11.07 -18.19 -27.16
CA LEU G 83 11.23 -17.19 -28.23
C LEU G 83 10.20 -16.07 -28.05
N GLN G 84 8.98 -16.41 -27.64
CA GLN G 84 7.90 -15.41 -27.40
C GLN G 84 8.32 -14.46 -26.28
N LEU G 85 8.77 -15.01 -25.14
CA LEU G 85 9.23 -14.19 -23.99
C LEU G 85 10.51 -13.42 -24.35
N ALA G 86 11.35 -13.98 -25.23
CA ALA G 86 12.63 -13.35 -25.61
C ALA G 86 12.37 -12.12 -26.48
N VAL G 87 11.48 -12.25 -27.46
CA VAL G 87 11.20 -11.15 -28.42
C VAL G 87 10.36 -10.07 -27.72
N ARG G 88 9.29 -10.47 -27.03
CA ARG G 88 8.28 -9.51 -26.53
C ARG G 88 8.77 -8.73 -25.31
N ASN G 89 9.73 -9.26 -24.54
CA ASN G 89 10.30 -8.52 -23.40
C ASN G 89 11.26 -7.44 -23.91
N ASP G 90 12.03 -7.75 -24.95
CA ASP G 90 12.88 -6.74 -25.61
C ASP G 90 11.99 -5.75 -26.34
N GLU G 91 12.36 -4.47 -26.32
CA GLU G 91 11.53 -3.39 -26.89
C GLU G 91 11.87 -3.18 -28.36
N GLU G 92 13.14 -3.32 -28.74
CA GLU G 92 13.57 -3.14 -30.15
C GLU G 92 13.16 -4.34 -31.00
N LEU G 93 13.18 -5.55 -30.43
CA LEU G 93 12.70 -6.76 -31.14
C LEU G 93 11.17 -6.77 -31.22
N ASN G 94 10.50 -6.16 -30.24
CA ASN G 94 9.03 -6.01 -30.27
C ASN G 94 8.63 -4.95 -31.29
N LYS G 95 9.45 -3.91 -31.45
CA LYS G 95 9.24 -2.91 -32.51
C LYS G 95 9.48 -3.55 -33.88
N LEU G 96 10.48 -4.44 -33.98
CA LEU G 96 10.80 -5.13 -35.24
C LEU G 96 9.70 -6.13 -35.60
N LEU G 97 9.20 -6.87 -34.61
CA LEU G 97 8.20 -7.94 -34.85
C LEU G 97 6.87 -7.57 -34.19
N GLY G 98 6.41 -6.34 -34.40
CA GLY G 98 5.12 -5.89 -33.85
C GLY G 98 3.96 -6.57 -34.55
N ARG G 99 3.92 -6.52 -35.87
CA ARG G 99 2.84 -7.13 -36.69
C ARG G 99 3.25 -8.54 -37.10
N VAL G 100 3.68 -9.34 -36.13
CA VAL G 100 4.18 -10.72 -36.35
C VAL G 100 3.65 -11.61 -35.23
N THR G 101 2.96 -12.67 -35.60
CA THR G 101 2.47 -13.69 -34.65
C THR G 101 3.43 -14.88 -34.66
N ILE G 102 3.86 -15.31 -33.49
CA ILE G 102 4.70 -16.52 -33.32
C ILE G 102 3.79 -17.64 -32.81
N ALA G 103 3.76 -18.76 -33.53
CA ALA G 103 2.88 -19.90 -33.21
C ALA G 103 3.34 -20.59 -31.92
N GLN G 104 2.37 -21.06 -31.15
CA GLN G 104 2.55 -21.73 -29.83
C GLN G 104 3.31 -20.83 -28.85
N GLY G 105 3.09 -19.53 -28.92
CA GLY G 105 3.76 -18.57 -28.04
C GLY G 105 2.93 -18.23 -26.82
N GLY G 106 1.68 -17.83 -27.03
CA GLY G 106 0.83 -17.25 -25.98
C GLY G 106 0.95 -15.75 -25.94
N VAL G 107 0.95 -15.16 -24.74
CA VAL G 107 1.20 -13.71 -24.54
C VAL G 107 2.09 -13.54 -23.30
N LEU G 108 2.47 -12.30 -23.02
CA LEU G 108 3.27 -11.98 -21.83
C LEU G 108 2.40 -12.05 -20.58
N PRO G 109 2.91 -12.61 -19.47
CA PRO G 109 2.20 -12.55 -18.19
C PRO G 109 2.23 -11.14 -17.62
N ASN G 110 1.32 -10.28 -18.08
CA ASN G 110 1.27 -8.86 -17.68
C ASN G 110 -0.18 -8.50 -17.33
N ILE G 111 -0.46 -8.33 -16.04
CA ILE G 111 -1.80 -8.02 -15.50
C ILE G 111 -1.85 -6.53 -15.13
N GLN G 112 -2.92 -5.85 -15.53
CA GLN G 112 -3.11 -4.41 -15.25
C GLN G 112 -3.29 -4.20 -13.75
N SER G 113 -2.94 -3.00 -13.28
CA SER G 113 -2.88 -2.65 -11.85
C SER G 113 -4.23 -2.13 -11.33
N VAL G 114 -5.30 -2.28 -12.09
CA VAL G 114 -6.66 -1.85 -11.65
C VAL G 114 -7.59 -3.05 -11.46
N LEU G 115 -7.29 -4.20 -12.08
CA LEU G 115 -8.15 -5.41 -11.98
C LEU G 115 -7.80 -6.23 -10.73
N LEU G 116 -6.71 -5.90 -10.04
CA LEU G 116 -6.30 -6.62 -8.81
C LEU G 116 -7.06 -6.06 -7.62
N PRO G 117 -7.41 -6.90 -6.63
CA PRO G 117 -8.03 -6.41 -5.40
C PRO G 117 -6.98 -5.72 -4.53
N LYS G 118 -7.42 -4.67 -3.82
CA LYS G 118 -6.51 -3.84 -2.99
C LYS G 118 -6.07 -4.65 -1.77
N LYS G 119 -4.83 -5.16 -1.82
CA LYS G 119 -4.20 -5.87 -0.69
C LYS G 119 -3.37 -4.86 0.10
N THR G 120 -4.08 -3.96 0.78
CA THR G 120 -3.48 -2.87 1.57
C THR G 120 -4.20 -2.78 2.92
N GLU G 121 -3.65 -1.98 3.82
CA GLU G 121 -4.20 -1.77 5.17
C GLU G 121 -4.38 -0.28 5.40
N SER G 122 -5.52 0.10 5.97
CA SER G 122 -5.86 1.51 6.27
C SER G 122 -4.96 2.02 7.40
N SER G 123 -4.28 3.14 7.17
CA SER G 123 -3.32 3.71 8.15
C SER G 123 -4.06 4.28 9.35
N LYS G 124 -5.28 4.78 9.16
CA LYS G 124 -6.11 5.32 10.27
C LYS G 124 -6.85 4.17 10.96
N LYS H 25 15.29 -44.81 -54.08
CA LYS H 25 14.34 -43.67 -54.29
C LYS H 25 15.01 -42.61 -55.16
N LYS H 26 14.76 -42.66 -56.47
CA LYS H 26 15.31 -41.69 -57.44
C LYS H 26 14.24 -40.69 -57.91
N ARG H 27 12.95 -41.05 -57.81
CA ARG H 27 11.85 -40.11 -58.13
C ARG H 27 11.39 -39.38 -56.88
N ARG H 28 11.69 -39.90 -55.70
CA ARG H 28 11.46 -39.22 -54.41
C ARG H 28 12.78 -38.55 -54.00
N LYS H 29 13.08 -37.41 -54.63
CA LYS H 29 14.32 -36.66 -54.39
C LYS H 29 14.05 -35.18 -54.64
N THR H 30 13.68 -34.46 -53.58
CA THR H 30 13.48 -33.01 -53.60
C THR H 30 13.89 -32.45 -52.24
N ARG H 31 15.04 -31.80 -52.19
CA ARG H 31 15.61 -31.28 -50.93
C ARG H 31 15.26 -29.80 -50.82
N LYS H 32 14.35 -29.48 -49.91
CA LYS H 32 14.02 -28.08 -49.56
C LYS H 32 15.12 -27.54 -48.66
N GLU H 33 15.67 -26.37 -49.01
CA GLU H 33 16.70 -25.72 -48.19
C GLU H 33 16.05 -25.16 -46.93
N SER H 34 16.88 -24.89 -45.93
CA SER H 34 16.43 -24.31 -44.65
C SER H 34 17.59 -23.49 -44.07
N TYR H 35 17.50 -23.15 -42.79
CA TYR H 35 18.61 -22.50 -42.04
C TYR H 35 18.79 -23.20 -40.69
N ALA H 36 18.49 -24.50 -40.62
CA ALA H 36 18.54 -25.24 -39.35
C ALA H 36 19.98 -25.52 -38.93
N ILE H 37 20.81 -25.94 -39.89
CA ILE H 37 22.21 -26.36 -39.61
C ILE H 37 23.09 -25.16 -39.29
N TYR H 38 22.60 -23.93 -39.53
CA TYR H 38 23.34 -22.69 -39.25
C TYR H 38 22.89 -22.06 -37.93
N VAL H 39 21.58 -21.93 -37.73
CA VAL H 39 20.99 -21.39 -36.49
C VAL H 39 21.35 -22.30 -35.31
N TYR H 40 21.52 -23.61 -35.58
CA TYR H 40 21.99 -24.58 -34.57
C TYR H 40 23.43 -24.27 -34.16
N LYS H 41 24.29 -23.93 -35.12
CA LYS H 41 25.71 -23.64 -34.84
C LYS H 41 25.87 -22.28 -34.15
N VAL H 42 25.04 -21.30 -34.53
CA VAL H 42 25.04 -19.97 -33.85
C VAL H 42 24.55 -20.14 -32.42
N LEU H 43 23.58 -21.02 -32.19
CA LEU H 43 23.07 -21.32 -30.82
C LEU H 43 24.16 -21.98 -30.00
N LYS H 44 24.92 -22.92 -30.59
CA LYS H 44 26.02 -23.60 -29.87
C LYS H 44 27.19 -22.66 -29.62
N GLN H 45 27.35 -21.62 -30.44
CA GLN H 45 28.38 -20.59 -30.18
C GLN H 45 27.92 -19.65 -29.06
N VAL H 46 26.61 -19.41 -28.93
CA VAL H 46 26.08 -18.49 -27.89
C VAL H 46 25.85 -19.25 -26.57
N HIS H 47 25.11 -20.36 -26.62
CA HIS H 47 24.84 -21.22 -25.45
C HIS H 47 25.34 -22.64 -25.74
N PRO H 48 26.51 -23.03 -25.19
CA PRO H 48 27.14 -24.29 -25.60
C PRO H 48 26.42 -25.58 -25.16
N ASP H 49 25.37 -25.49 -24.32
CA ASP H 49 24.64 -26.69 -23.86
C ASP H 49 23.12 -26.61 -24.10
N THR H 50 22.58 -25.41 -24.31
CA THR H 50 21.13 -25.26 -24.55
C THR H 50 20.78 -25.80 -25.93
N GLY H 51 19.72 -26.59 -26.01
CA GLY H 51 19.18 -27.10 -27.26
C GLY H 51 18.00 -26.28 -27.75
N ILE H 52 17.26 -26.83 -28.71
CA ILE H 52 16.11 -26.15 -29.35
C ILE H 52 15.22 -27.23 -29.97
N SER H 53 13.91 -27.01 -29.93
CA SER H 53 12.92 -27.90 -30.54
C SER H 53 12.88 -27.67 -32.05
N SER H 54 12.09 -28.46 -32.77
CA SER H 54 11.93 -28.34 -34.23
C SER H 54 10.89 -27.28 -34.58
N LYS H 55 9.91 -27.05 -33.70
CA LYS H 55 8.90 -25.99 -33.90
C LYS H 55 9.54 -24.62 -33.78
N ALA H 56 10.36 -24.43 -32.74
CA ALA H 56 11.16 -23.20 -32.56
C ALA H 56 12.18 -23.07 -33.68
N MET H 57 12.68 -24.19 -34.21
CA MET H 57 13.62 -24.18 -35.35
C MET H 57 12.92 -23.67 -36.61
N SER H 58 11.67 -24.08 -36.83
CA SER H 58 10.87 -23.59 -37.99
C SER H 58 10.51 -22.12 -37.80
N ILE H 59 10.31 -21.68 -36.56
CA ILE H 59 10.03 -20.25 -36.26
C ILE H 59 11.29 -19.41 -36.53
N MET H 60 12.47 -19.92 -36.20
CA MET H 60 13.74 -19.23 -36.48
C MET H 60 14.04 -19.24 -37.99
N ASN H 61 13.63 -20.30 -38.69
CA ASN H 61 13.77 -20.41 -40.16
C ASN H 61 12.89 -19.37 -40.85
N SER H 62 11.64 -19.25 -40.41
CA SER H 62 10.68 -18.25 -40.95
C SER H 62 11.12 -16.84 -40.59
N PHE H 63 11.76 -16.65 -39.43
CA PHE H 63 12.31 -15.35 -39.02
C PHE H 63 13.45 -14.92 -39.95
N VAL H 64 14.37 -15.85 -40.25
CA VAL H 64 15.52 -15.57 -41.14
C VAL H 64 15.01 -15.27 -42.55
N ASN H 65 14.04 -16.02 -43.04
CA ASN H 65 13.44 -15.78 -44.38
C ASN H 65 12.69 -14.46 -44.39
N ASP H 66 12.01 -14.11 -43.30
CA ASP H 66 11.23 -12.85 -43.22
C ASP H 66 12.18 -11.66 -43.29
N VAL H 67 13.21 -11.65 -42.46
CA VAL H 67 14.17 -10.50 -42.37
C VAL H 67 14.99 -10.44 -43.66
N PHE H 68 15.31 -11.60 -44.24
CA PHE H 68 16.01 -11.68 -45.54
C PHE H 68 15.18 -10.99 -46.62
N GLU H 69 13.90 -11.34 -46.73
CA GLU H 69 13.02 -10.77 -47.79
C GLU H 69 12.73 -9.29 -47.51
N ARG H 70 12.68 -8.90 -46.24
CA ARG H 70 12.51 -7.47 -45.86
C ARG H 70 13.69 -6.64 -46.35
N ILE H 71 14.91 -7.05 -46.02
CA ILE H 71 16.13 -6.26 -46.34
C ILE H 71 16.40 -6.32 -47.84
N ALA H 72 16.10 -7.45 -48.48
CA ALA H 72 16.32 -7.62 -49.95
C ALA H 72 15.32 -6.76 -50.72
N GLY H 73 14.03 -6.76 -50.34
CA GLY H 73 13.00 -5.95 -51.00
C GLY H 73 13.22 -4.46 -50.76
N GLU H 74 13.62 -4.08 -49.55
CA GLU H 74 13.90 -2.67 -49.20
C GLU H 74 15.12 -2.18 -49.98
N ALA H 75 16.17 -3.00 -50.10
CA ALA H 75 17.39 -2.63 -50.85
C ALA H 75 17.09 -2.58 -52.35
N SER H 76 16.18 -3.43 -52.83
CA SER H 76 15.74 -3.42 -54.25
C SER H 76 15.01 -2.12 -54.55
N ARG H 77 14.16 -1.66 -53.63
CA ARG H 77 13.48 -0.35 -53.76
C ARG H 77 14.51 0.78 -53.70
N LEU H 78 15.49 0.67 -52.80
CA LEU H 78 16.54 1.71 -52.63
C LEU H 78 17.48 1.76 -53.83
N ALA H 79 17.61 0.66 -54.58
CA ALA H 79 18.37 0.66 -55.84
C ALA H 79 17.52 1.27 -56.96
N HIS H 80 16.24 0.89 -57.02
CA HIS H 80 15.32 1.36 -58.08
C HIS H 80 15.05 2.86 -57.95
N TYR H 81 15.10 3.41 -56.73
CA TYR H 81 14.86 4.85 -56.49
C TYR H 81 15.97 5.68 -57.13
N ASN H 82 17.22 5.21 -57.05
CA ASN H 82 18.40 5.95 -57.53
C ASN H 82 18.83 5.48 -58.92
N LYS H 83 17.94 4.78 -59.63
CA LYS H 83 18.14 4.36 -61.05
C LYS H 83 19.40 3.51 -61.19
N ARG H 84 19.68 2.66 -60.21
CA ARG H 84 20.87 1.79 -60.19
C ARG H 84 20.43 0.33 -60.28
N SER H 85 21.00 -0.40 -61.23
CA SER H 85 20.68 -1.82 -61.49
C SER H 85 21.69 -2.73 -60.80
N THR H 86 22.18 -2.34 -59.62
CA THR H 86 23.15 -3.15 -58.86
C THR H 86 22.87 -2.96 -57.37
N ILE H 87 22.81 -4.07 -56.63
CA ILE H 87 22.77 -4.05 -55.15
C ILE H 87 24.17 -4.39 -54.65
N THR H 88 24.73 -3.48 -53.86
CA THR H 88 26.02 -3.67 -53.15
C THR H 88 25.75 -3.57 -51.65
N SER H 89 26.83 -3.56 -50.86
CA SER H 89 26.73 -3.52 -49.39
C SER H 89 26.22 -2.16 -48.89
N ARG H 90 26.24 -1.12 -49.73
CA ARG H 90 25.75 0.21 -49.33
C ARG H 90 24.21 0.21 -49.25
N GLU H 91 23.53 -0.41 -50.22
CA GLU H 91 22.05 -0.49 -50.22
C GLU H 91 21.59 -1.36 -49.05
N ILE H 92 22.32 -2.44 -48.76
CA ILE H 92 22.01 -3.33 -47.61
C ILE H 92 22.26 -2.58 -46.31
N GLN H 93 23.28 -1.71 -46.29
CA GLN H 93 23.61 -0.91 -45.09
C GLN H 93 22.49 0.08 -44.77
N THR H 94 22.02 0.82 -45.77
CA THR H 94 20.93 1.81 -45.57
C THR H 94 19.59 1.10 -45.36
N ALA H 95 19.40 -0.10 -45.91
CA ALA H 95 18.18 -0.89 -45.66
C ALA H 95 18.15 -1.38 -44.22
N VAL H 96 19.31 -1.75 -43.67
CA VAL H 96 19.43 -2.13 -42.25
C VAL H 96 19.20 -0.90 -41.37
N ARG H 97 19.69 0.27 -41.80
CA ARG H 97 19.49 1.54 -41.07
C ARG H 97 18.02 1.97 -41.11
N LEU H 98 17.25 1.50 -42.10
CA LEU H 98 15.80 1.83 -42.18
C LEU H 98 14.97 0.81 -41.40
N LEU H 99 15.23 -0.50 -41.58
CA LEU H 99 14.30 -1.55 -41.10
C LEU H 99 14.51 -1.87 -39.63
N LEU H 100 15.74 -1.93 -39.15
CA LEU H 100 16.00 -2.25 -37.74
C LEU H 100 15.89 -0.98 -36.90
N PRO H 101 15.14 -1.02 -35.78
CA PRO H 101 14.98 0.16 -34.93
C PRO H 101 16.05 0.31 -33.86
N GLY H 102 16.45 1.56 -33.60
CA GLY H 102 17.25 1.94 -32.44
C GLY H 102 18.70 1.47 -32.54
N GLU H 103 19.25 1.01 -31.42
CA GLU H 103 20.67 0.59 -31.32
C GLU H 103 20.90 -0.71 -32.09
N LEU H 104 19.85 -1.50 -32.31
CA LEU H 104 19.95 -2.80 -33.04
C LEU H 104 20.49 -2.56 -34.45
N ALA H 105 20.05 -1.49 -35.11
CA ALA H 105 20.52 -1.11 -36.45
C ALA H 105 22.00 -0.73 -36.39
N LYS H 106 22.41 0.01 -35.35
CA LYS H 106 23.80 0.46 -35.20
C LYS H 106 24.73 -0.74 -35.00
N HIS H 107 24.34 -1.70 -34.15
CA HIS H 107 25.15 -2.90 -33.90
C HIS H 107 25.19 -3.81 -35.14
N ALA H 108 24.10 -3.88 -35.90
CA ALA H 108 24.04 -4.70 -37.13
C ALA H 108 24.89 -4.08 -38.24
N VAL H 109 24.94 -2.75 -38.32
CA VAL H 109 25.78 -2.03 -39.31
C VAL H 109 27.26 -2.19 -38.92
N SER H 110 27.58 -2.13 -37.63
CA SER H 110 28.95 -2.33 -37.12
C SER H 110 29.43 -3.75 -37.44
N GLU H 111 28.60 -4.76 -37.15
CA GLU H 111 28.95 -6.18 -37.38
C GLU H 111 29.09 -6.44 -38.88
N GLY H 112 28.20 -5.89 -39.70
CA GLY H 112 28.25 -6.07 -41.17
C GLY H 112 29.49 -5.44 -41.78
N THR H 113 29.84 -4.23 -41.34
CA THR H 113 31.04 -3.51 -41.85
C THR H 113 32.30 -4.26 -41.44
N LYS H 114 32.35 -4.75 -40.20
CA LYS H 114 33.51 -5.52 -39.69
C LYS H 114 33.68 -6.81 -40.48
N ALA H 115 32.57 -7.49 -40.82
CA ALA H 115 32.61 -8.77 -41.56
C ALA H 115 33.01 -8.53 -43.01
N VAL H 116 32.57 -7.43 -43.62
CA VAL H 116 32.93 -7.11 -45.03
C VAL H 116 34.41 -6.74 -45.11
N THR H 117 34.90 -5.94 -44.16
CA THR H 117 36.32 -5.52 -44.12
C THR H 117 37.22 -6.75 -43.86
N LYS H 118 36.77 -7.67 -43.00
CA LYS H 118 37.51 -8.93 -42.75
C LYS H 118 37.46 -9.81 -44.01
N TYR H 119 36.38 -9.74 -44.78
CA TYR H 119 36.18 -10.60 -45.97
C TYR H 119 37.05 -10.12 -47.14
N THR H 120 37.23 -8.82 -47.30
CA THR H 120 37.89 -8.26 -48.51
C THR H 120 39.40 -8.49 -48.43
N SER H 121 40.01 -8.25 -47.26
CA SER H 121 41.48 -8.30 -47.07
C SER H 121 41.90 -9.61 -46.39
N ALA H 122 41.23 -10.72 -46.70
CA ALA H 122 41.57 -12.05 -46.17
C ALA H 122 42.45 -12.79 -47.19
N LYS H 123 42.75 -14.06 -46.90
CA LYS H 123 43.58 -14.92 -47.79
C LYS H 123 42.74 -15.37 -48.98
N ARG K 251 22.01 -39.17 12.32
CA ARG K 251 22.50 -40.48 11.78
C ARG K 251 24.01 -40.59 12.02
N THR K 252 24.80 -39.75 11.35
CA THR K 252 26.28 -39.72 11.49
C THR K 252 26.62 -39.36 12.94
N ARG K 253 25.93 -38.37 13.50
CA ARG K 253 26.14 -37.91 14.90
C ARG K 253 25.84 -39.09 15.84
N GLU K 254 24.75 -39.81 15.59
CA GLU K 254 24.35 -40.99 16.41
C GLU K 254 25.46 -42.05 16.34
N ARG K 255 26.00 -42.29 15.15
CA ARG K 255 27.09 -43.28 14.92
C ARG K 255 28.33 -42.87 15.71
N LEU K 256 28.65 -41.56 15.73
CA LEU K 256 29.82 -41.02 16.47
C LEU K 256 29.66 -41.27 17.96
N VAL K 257 28.49 -40.93 18.51
CA VAL K 257 28.17 -41.11 19.95
C VAL K 257 28.41 -42.57 20.34
N TYR K 258 28.24 -43.49 19.39
CA TYR K 258 28.62 -44.91 19.55
C TYR K 258 30.11 -45.02 19.92
N GLU K 259 30.98 -44.33 19.17
CA GLU K 259 32.43 -44.34 19.46
C GLU K 259 32.73 -43.58 20.74
N VAL K 260 31.86 -42.65 21.15
CA VAL K 260 32.02 -41.94 22.44
C VAL K 260 31.79 -42.93 23.59
N ARG K 261 30.75 -43.76 23.51
CA ARG K 261 30.40 -44.69 24.61
C ARG K 261 31.28 -45.95 24.58
N GLN K 262 31.93 -46.25 23.45
CA GLN K 262 32.89 -47.37 23.36
C GLN K 262 34.27 -46.97 23.90
N LYS K 263 34.37 -45.81 24.56
CA LYS K 263 35.64 -45.25 25.12
C LYS K 263 36.69 -45.08 24.03
N CYS K 264 36.24 -44.69 22.82
CA CYS K 264 37.13 -44.39 21.69
C CYS K 264 37.15 -42.88 21.38
N ARG K 265 36.15 -42.15 21.88
CA ARG K 265 36.08 -40.68 21.73
C ARG K 265 35.65 -40.07 23.04
N ASN K 266 36.31 -38.97 23.44
CA ASN K 266 35.92 -38.19 24.62
C ASN K 266 34.70 -37.34 24.28
N ILE K 267 33.69 -37.38 25.15
CA ILE K 267 32.44 -36.60 25.01
C ILE K 267 32.77 -35.10 24.99
N GLU K 268 33.87 -34.71 25.62
CA GLU K 268 34.31 -33.30 25.69
C GLU K 268 34.96 -32.86 24.36
N ASP K 269 35.26 -33.82 23.47
CA ASP K 269 35.94 -33.55 22.18
C ASP K 269 34.93 -33.48 21.04
N ILE K 270 33.65 -33.68 21.31
CA ILE K 270 32.59 -33.67 20.26
C ILE K 270 31.56 -32.60 20.60
N CYS K 271 30.99 -31.99 19.56
CA CYS K 271 29.88 -31.01 19.68
C CYS K 271 28.57 -31.78 19.88
N ILE K 272 28.07 -31.82 21.11
CA ILE K 272 26.92 -32.65 21.51
C ILE K 272 25.60 -32.13 20.92
N SER K 273 25.61 -30.94 20.30
CA SER K 273 24.40 -30.35 19.69
C SER K 273 24.12 -30.98 18.33
N CYS K 274 25.10 -30.94 17.41
CA CYS K 274 24.91 -31.37 16.00
C CYS K 274 25.93 -32.41 15.54
N GLY K 275 26.90 -32.78 16.38
CA GLY K 275 27.90 -33.80 16.03
C GLY K 275 28.98 -33.30 15.08
N SER K 276 29.18 -31.99 15.00
CA SER K 276 30.30 -31.40 14.23
C SER K 276 31.62 -31.69 14.94
N LEU K 277 32.71 -31.73 14.18
CA LEU K 277 34.05 -31.96 14.72
C LEU K 277 34.75 -30.63 15.05
N ASN K 278 34.19 -29.50 14.60
CA ASN K 278 34.76 -28.14 14.80
C ASN K 278 34.47 -27.66 16.22
N VAL K 279 34.88 -28.45 17.22
CA VAL K 279 34.68 -28.09 18.64
C VAL K 279 35.64 -26.97 19.00
N THR K 280 35.08 -25.85 19.46
CA THR K 280 35.87 -24.67 19.90
C THR K 280 35.56 -24.35 21.36
N LEU K 281 34.29 -24.11 21.70
CA LEU K 281 33.86 -23.83 23.08
C LEU K 281 33.32 -25.10 23.73
N GLU K 282 33.18 -25.06 25.05
CA GLU K 282 32.51 -26.11 25.84
C GLU K 282 31.05 -25.73 26.05
N HIS K 283 30.19 -26.74 26.15
CA HIS K 283 28.75 -26.56 26.42
C HIS K 283 28.59 -26.02 27.83
N PRO K 284 27.91 -24.87 28.03
CA PRO K 284 27.84 -24.25 29.36
C PRO K 284 26.99 -25.04 30.35
N LEU K 285 25.96 -25.76 29.90
CA LEU K 285 24.98 -26.40 30.81
C LEU K 285 25.41 -27.82 31.16
N PHE K 286 25.95 -28.57 30.20
CA PHE K 286 26.28 -30.00 30.35
C PHE K 286 27.68 -30.27 29.84
N VAL K 287 28.11 -31.52 29.98
CA VAL K 287 29.47 -31.95 29.55
C VAL K 287 29.46 -32.14 28.04
N GLY K 288 30.37 -31.46 27.36
CA GLY K 288 30.52 -31.59 25.90
C GLY K 288 31.04 -30.31 25.28
N GLY K 289 31.36 -30.39 24.00
CA GLY K 289 31.85 -29.26 23.21
C GLY K 289 30.73 -28.53 22.50
N MET K 290 31.08 -27.42 21.85
CA MET K 290 30.13 -26.63 21.06
C MET K 290 30.85 -25.99 19.89
N CYS K 291 30.28 -26.12 18.69
CA CYS K 291 30.76 -25.44 17.48
C CYS K 291 30.15 -24.04 17.42
N GLN K 292 30.74 -23.17 16.59
CA GLN K 292 30.36 -21.74 16.50
C GLN K 292 28.91 -21.61 15.99
N ASN K 293 28.54 -22.42 14.99
CA ASN K 293 27.20 -22.39 14.36
C ASN K 293 26.14 -22.68 15.42
N CYS K 294 26.38 -23.72 16.24
CA CYS K 294 25.48 -24.10 17.34
C CYS K 294 25.48 -23.03 18.44
N LYS K 295 26.60 -22.35 18.65
CA LYS K 295 26.69 -21.23 19.62
C LYS K 295 25.73 -20.12 19.22
N ASN K 296 25.68 -19.77 17.93
CA ASN K 296 24.76 -18.74 17.41
C ASN K 296 23.32 -19.20 17.62
N CYS K 297 23.01 -20.44 17.26
CA CYS K 297 21.70 -21.07 17.49
C CYS K 297 21.36 -21.06 18.99
N PHE K 298 22.36 -21.30 19.84
CA PHE K 298 22.21 -21.33 21.31
C PHE K 298 21.91 -19.92 21.84
N LEU K 299 22.46 -18.89 21.21
CA LEU K 299 22.13 -17.49 21.58
C LEU K 299 20.64 -17.24 21.33
N GLU K 300 20.15 -17.54 20.13
CA GLU K 300 18.73 -17.29 19.76
C GLU K 300 17.78 -18.08 20.67
N CYS K 301 18.00 -19.37 20.85
CA CYS K 301 16.90 -20.33 21.12
C CYS K 301 16.66 -20.62 22.60
N ALA K 302 17.71 -20.55 23.44
CA ALA K 302 17.63 -20.90 24.87
C ALA K 302 16.48 -20.15 25.56
N TYR K 303 16.45 -18.82 25.43
CA TYR K 303 15.46 -17.95 26.11
C TYR K 303 14.25 -17.64 25.22
N GLN K 304 13.87 -18.55 24.34
CA GLN K 304 12.61 -18.44 23.55
C GLN K 304 11.53 -19.26 24.24
N TYR K 305 10.40 -18.65 24.54
CA TYR K 305 9.27 -19.32 25.21
C TYR K 305 8.03 -19.21 24.32
N ASP K 306 7.24 -20.28 24.30
CA ASP K 306 5.96 -20.31 23.56
C ASP K 306 4.85 -19.73 24.44
N ASP K 307 3.62 -19.71 23.92
CA ASP K 307 2.46 -19.09 24.58
C ASP K 307 2.03 -19.88 25.83
N ASP K 308 2.47 -21.13 25.96
CA ASP K 308 2.16 -21.97 27.14
C ASP K 308 3.10 -21.63 28.30
N GLY K 309 4.10 -20.78 28.08
CA GLY K 309 5.08 -20.38 29.11
C GLY K 309 6.26 -21.34 29.20
N TYR K 310 6.30 -22.37 28.35
CA TYR K 310 7.45 -23.29 28.24
C TYR K 310 8.32 -22.88 27.06
N GLN K 311 9.57 -23.34 27.07
CA GLN K 311 10.56 -23.02 26.02
C GLN K 311 10.06 -23.47 24.65
N SER K 312 10.42 -22.69 23.62
CA SER K 312 10.03 -22.95 22.22
C SER K 312 10.81 -24.12 21.63
N TYR K 313 12.07 -24.30 22.04
CA TYR K 313 12.95 -25.35 21.51
C TYR K 313 13.73 -26.00 22.64
N CYS K 314 14.38 -27.11 22.32
CA CYS K 314 15.21 -27.90 23.25
C CYS K 314 16.38 -27.05 23.72
N THR K 315 16.75 -27.15 25.00
CA THR K 315 17.87 -26.35 25.55
C THR K 315 19.22 -26.91 25.08
N ILE K 316 19.28 -28.19 24.69
CA ILE K 316 20.57 -28.85 24.34
C ILE K 316 20.99 -28.46 22.91
N CYS K 317 20.28 -28.97 21.91
CA CYS K 317 20.66 -28.83 20.48
C CYS K 317 20.04 -27.57 19.88
N CYS K 318 19.15 -26.90 20.62
CA CYS K 318 18.41 -25.70 20.19
C CYS K 318 17.68 -25.93 18.86
N GLY K 319 17.29 -27.18 18.60
CA GLY K 319 16.39 -27.54 17.50
C GLY K 319 15.34 -28.51 17.99
N GLY K 320 15.10 -29.58 17.26
CA GLY K 320 14.17 -30.64 17.67
C GLY K 320 12.76 -30.41 17.16
N ARG K 321 12.08 -31.49 16.80
CA ARG K 321 10.73 -31.44 16.19
C ARG K 321 9.63 -31.65 17.24
N GLU K 322 9.86 -32.56 18.19
CA GLU K 322 8.92 -32.81 19.31
C GLU K 322 9.70 -32.77 20.61
N VAL K 323 9.26 -31.93 21.54
CA VAL K 323 9.96 -31.68 22.82
C VAL K 323 9.12 -32.23 23.97
N LEU K 324 9.79 -32.51 25.07
CA LEU K 324 9.16 -32.92 26.35
C LEU K 324 9.16 -31.71 27.29
N MET K 325 7.97 -31.32 27.73
CA MET K 325 7.77 -30.22 28.69
C MET K 325 8.05 -30.74 30.10
N CYS K 326 8.34 -29.82 31.02
CA CYS K 326 8.76 -30.13 32.40
C CYS K 326 7.59 -29.91 33.37
N GLY K 327 7.33 -30.90 34.23
CA GLY K 327 6.22 -30.85 35.18
C GLY K 327 6.53 -30.00 36.40
N ASN K 328 7.79 -30.01 36.85
CA ASN K 328 8.25 -29.34 38.08
C ASN K 328 7.94 -27.84 38.05
N ASN K 329 7.71 -27.27 39.23
CA ASN K 329 7.29 -25.86 39.40
C ASN K 329 8.43 -24.91 39.00
N ASN K 330 8.05 -23.82 38.32
CA ASN K 330 8.89 -22.65 37.96
C ASN K 330 9.85 -22.95 36.81
N CYS K 331 9.98 -24.22 36.42
CA CYS K 331 10.81 -24.63 35.28
C CYS K 331 10.01 -24.49 33.99
N CYS K 332 10.65 -23.95 32.95
CA CYS K 332 10.01 -23.67 31.65
C CYS K 332 10.73 -24.39 30.52
N ARG K 333 11.68 -25.26 30.84
CA ARG K 333 12.57 -25.87 29.82
C ARG K 333 11.85 -27.00 29.08
N CYS K 334 12.34 -27.32 27.90
CA CYS K 334 11.89 -28.48 27.09
C CYS K 334 13.10 -29.23 26.57
N PHE K 335 12.95 -30.55 26.40
CA PHE K 335 13.99 -31.44 25.85
C PHE K 335 13.43 -32.19 24.66
N CYS K 336 14.06 -32.02 23.49
CA CYS K 336 13.65 -32.75 22.26
C CYS K 336 13.95 -34.23 22.42
N VAL K 337 13.01 -35.06 21.94
CA VAL K 337 13.04 -36.54 22.06
C VAL K 337 14.39 -37.11 21.60
N GLU K 338 14.93 -36.58 20.49
CA GLU K 338 16.13 -37.15 19.81
C GLU K 338 17.35 -37.10 20.73
N CYS K 339 17.66 -35.92 21.26
CA CYS K 339 18.81 -35.69 22.17
C CYS K 339 18.72 -36.62 23.38
N VAL K 340 17.52 -36.77 23.94
CA VAL K 340 17.29 -37.62 25.14
C VAL K 340 17.55 -39.08 24.76
N ASP K 341 17.11 -39.50 23.57
CA ASP K 341 17.31 -40.89 23.09
C ASP K 341 18.76 -41.12 22.65
N LEU K 342 19.65 -40.14 22.80
CA LEU K 342 21.09 -40.36 22.54
C LEU K 342 21.90 -40.20 23.84
N LEU K 343 21.93 -39.01 24.43
CA LEU K 343 22.89 -38.70 25.50
C LEU K 343 22.54 -39.43 26.79
N VAL K 344 21.27 -39.64 27.07
CA VAL K 344 20.84 -40.37 28.30
C VAL K 344 20.87 -41.87 28.03
N GLY K 345 20.14 -42.30 27.01
CA GLY K 345 20.02 -43.71 26.64
C GLY K 345 18.85 -43.93 25.70
N PRO K 346 18.80 -45.09 25.01
CA PRO K 346 17.69 -45.37 24.11
C PRO K 346 16.40 -45.69 24.88
N GLY K 347 15.28 -45.15 24.40
CA GLY K 347 13.94 -45.37 24.98
C GLY K 347 13.70 -44.61 26.27
N ALA K 348 14.65 -43.81 26.75
CA ALA K 348 14.48 -43.00 27.98
C ALA K 348 13.42 -41.91 27.75
N ALA K 349 13.32 -41.40 26.52
CA ALA K 349 12.39 -40.31 26.17
C ALA K 349 10.94 -40.78 26.32
N GLN K 350 10.58 -41.90 25.68
CA GLN K 350 9.20 -42.45 25.75
C GLN K 350 8.90 -42.91 27.18
N ALA K 351 9.92 -43.32 27.94
CA ALA K 351 9.78 -43.65 29.37
C ALA K 351 9.45 -42.38 30.15
N ALA K 352 10.00 -41.23 29.75
CA ALA K 352 9.69 -39.93 30.37
C ALA K 352 8.30 -39.46 29.94
N ILE K 353 7.86 -39.81 28.74
CA ILE K 353 6.49 -39.49 28.24
C ILE K 353 5.46 -40.14 29.15
N LYS K 354 5.71 -41.38 29.57
CA LYS K 354 4.73 -42.18 30.33
C LYS K 354 4.67 -41.74 31.80
N GLU K 355 5.67 -41.00 32.27
CA GLU K 355 5.76 -40.54 33.68
C GLU K 355 4.90 -39.30 33.86
N ASP K 356 3.72 -39.44 34.48
CA ASP K 356 2.79 -38.30 34.67
C ASP K 356 3.40 -37.27 35.61
N PRO K 357 3.92 -37.60 36.84
CA PRO K 357 4.74 -36.63 37.55
C PRO K 357 6.21 -36.71 37.13
N TRP K 358 6.56 -36.02 36.06
CA TRP K 358 7.94 -36.06 35.50
C TRP K 358 8.68 -34.76 35.79
N ASN K 359 9.94 -34.89 36.17
CA ASN K 359 10.89 -33.78 36.33
C ASN K 359 11.93 -33.88 35.21
N CYS K 360 12.22 -32.78 34.55
CA CYS K 360 13.27 -32.77 33.51
C CYS K 360 14.63 -32.80 34.19
N TYR K 361 15.66 -33.17 33.43
CA TYR K 361 17.00 -33.50 33.94
C TYR K 361 17.73 -32.25 34.45
N MET K 362 17.25 -31.05 34.09
CA MET K 362 17.78 -29.77 34.62
C MET K 362 17.31 -29.55 36.07
N CYS K 363 16.26 -30.26 36.52
CA CYS K 363 15.60 -30.00 37.82
C CYS K 363 15.87 -31.10 38.84
N GLY K 364 15.77 -32.37 38.45
CA GLY K 364 15.91 -33.54 39.33
C GLY K 364 17.10 -33.45 40.28
N HIS K 365 16.90 -33.90 41.53
CA HIS K 365 17.84 -33.77 42.66
C HIS K 365 19.23 -34.33 42.33
N LYS K 366 19.27 -35.48 41.66
CA LYS K 366 20.55 -36.17 41.34
C LYS K 366 21.23 -35.43 40.17
N GLY K 367 22.56 -35.52 40.10
CA GLY K 367 23.35 -34.83 39.07
C GLY K 367 23.82 -35.71 37.94
N THR K 368 23.94 -37.02 38.17
CA THR K 368 24.40 -38.00 37.16
C THR K 368 23.19 -38.61 36.45
N TYR K 369 23.24 -38.65 35.11
CA TYR K 369 22.18 -39.25 34.27
C TYR K 369 22.80 -39.92 33.04
N GLY K 370 23.22 -41.17 33.19
CA GLY K 370 23.85 -41.93 32.10
C GLY K 370 25.13 -41.26 31.62
N LEU K 371 25.28 -41.12 30.30
CA LEU K 371 26.42 -40.43 29.66
C LEU K 371 26.26 -38.91 29.78
N LEU K 372 25.07 -38.43 30.15
CA LEU K 372 24.79 -36.99 30.34
C LEU K 372 25.17 -36.61 31.76
N ARG K 373 26.06 -35.62 31.89
CA ARG K 373 26.51 -35.10 33.20
C ARG K 373 26.34 -33.59 33.21
N ARG K 374 25.81 -33.08 34.32
CA ARG K 374 25.53 -31.64 34.49
C ARG K 374 26.55 -31.06 35.45
N ARG K 375 27.30 -30.06 35.01
CA ARG K 375 28.26 -29.35 35.89
C ARG K 375 27.46 -28.35 36.73
N GLU K 376 27.80 -28.25 38.01
CA GLU K 376 27.01 -27.47 38.98
C GLU K 376 27.26 -25.96 38.85
N ASP K 377 28.31 -25.56 38.14
CA ASP K 377 28.67 -24.13 38.01
C ASP K 377 28.02 -23.51 36.76
N TRP K 378 26.97 -24.15 36.22
CA TRP K 378 26.36 -23.73 34.93
C TRP K 378 25.72 -22.34 34.98
N PRO K 379 25.09 -21.83 36.08
CA PRO K 379 24.61 -20.45 36.05
C PRO K 379 25.72 -19.41 35.90
N SER K 380 26.85 -19.60 36.59
CA SER K 380 27.98 -18.64 36.57
C SER K 380 28.66 -18.66 35.20
N ARG K 381 28.83 -19.85 34.62
CA ARG K 381 29.43 -19.98 33.28
C ARG K 381 28.49 -19.39 32.23
N LEU K 382 27.18 -19.60 32.40
CA LEU K 382 26.16 -19.00 31.52
C LEU K 382 26.19 -17.48 31.64
N GLN K 383 26.33 -16.97 32.87
CA GLN K 383 26.43 -15.52 33.14
C GLN K 383 27.58 -14.92 32.34
N MET K 384 28.77 -15.51 32.46
CA MET K 384 29.98 -15.00 31.77
C MET K 384 29.84 -15.22 30.26
N PHE K 385 29.17 -16.30 29.86
CA PHE K 385 28.86 -16.62 28.44
C PHE K 385 28.12 -15.45 27.78
N PHE K 386 27.13 -14.88 28.49
CA PHE K 386 26.35 -13.71 28.03
C PHE K 386 26.93 -12.40 28.56
N ALA K 387 28.23 -12.35 28.83
CA ALA K 387 28.89 -11.12 29.32
C ALA K 387 30.37 -11.11 28.91
N LYS K 398 35.47 5.24 25.71
CA LYS K 398 35.49 6.58 26.34
C LYS K 398 34.76 6.51 27.69
N VAL K 399 35.52 6.36 28.77
CA VAL K 399 34.99 6.22 30.14
C VAL K 399 35.15 7.57 30.86
N TYR K 400 34.03 8.17 31.25
CA TYR K 400 34.02 9.49 31.92
C TYR K 400 34.39 9.31 33.38
N PRO K 401 35.19 10.24 33.96
CA PRO K 401 35.55 10.17 35.37
C PRO K 401 34.35 10.52 36.26
N PRO K 402 34.47 10.37 37.59
CA PRO K 402 33.50 10.99 38.50
C PRO K 402 33.55 12.52 38.48
N VAL K 403 32.37 13.11 38.63
CA VAL K 403 32.19 14.58 38.73
C VAL K 403 32.00 14.93 40.20
N PRO K 404 32.75 15.92 40.74
CA PRO K 404 32.59 16.29 42.14
C PRO K 404 31.24 16.96 42.41
N ALA K 405 30.75 16.80 43.64
CA ALA K 405 29.32 16.95 44.00
C ALA K 405 28.85 18.39 43.77
N GLU K 406 29.65 19.38 44.15
CA GLU K 406 29.26 20.80 44.03
C GLU K 406 29.08 21.18 42.56
N LYS K 407 29.82 20.53 41.66
CA LYS K 407 29.77 20.83 40.22
C LYS K 407 28.57 20.15 39.56
N ARG K 408 27.95 19.19 40.25
CA ARG K 408 26.82 18.42 39.69
C ARG K 408 25.65 19.36 39.37
N LYS K 409 24.91 19.01 38.32
CA LYS K 409 23.78 19.81 37.79
C LYS K 409 22.59 18.89 37.63
N PRO K 410 21.36 19.43 37.49
CA PRO K 410 20.21 18.61 37.12
C PRO K 410 20.39 17.90 35.78
N ILE K 411 19.89 16.68 35.70
CA ILE K 411 20.04 15.80 34.50
C ILE K 411 19.05 16.26 33.44
N ARG K 412 19.46 16.22 32.18
CA ARG K 412 18.59 16.45 31.01
C ARG K 412 18.46 15.13 30.26
N VAL K 413 17.22 14.68 30.06
CA VAL K 413 16.95 13.31 29.59
C VAL K 413 16.09 13.35 28.32
N LEU K 414 16.58 12.74 27.26
CA LEU K 414 15.80 12.43 26.05
C LEU K 414 15.42 10.97 26.09
N SER K 415 14.12 10.69 26.00
CA SER K 415 13.59 9.32 26.04
C SER K 415 12.82 9.09 24.75
N LEU K 416 13.37 8.28 23.85
CA LEU K 416 12.76 7.98 22.55
C LEU K 416 12.03 6.64 22.65
N PHE K 417 10.88 6.55 22.02
CA PHE K 417 9.90 5.46 22.22
C PHE K 417 9.64 5.35 23.71
N ASP K 418 9.30 6.49 24.30
CA ASP K 418 9.20 6.72 25.75
C ASP K 418 8.15 5.82 26.40
N GLY K 419 7.08 5.49 25.68
CA GLY K 419 5.98 4.71 26.26
C GLY K 419 5.29 5.49 27.37
N ILE K 420 5.29 4.93 28.58
CA ILE K 420 4.56 5.50 29.74
C ILE K 420 5.50 6.30 30.64
N ALA K 421 6.63 6.77 30.10
CA ALA K 421 7.61 7.63 30.80
C ALA K 421 8.16 6.94 32.05
N THR K 422 8.57 5.68 31.89
CA THR K 422 9.16 4.87 32.98
C THR K 422 10.47 5.50 33.46
N GLY K 423 11.28 6.02 32.52
CA GLY K 423 12.61 6.59 32.83
C GLY K 423 12.53 7.78 33.77
N LEU K 424 11.58 8.69 33.55
CA LEU K 424 11.41 9.87 34.43
C LEU K 424 10.98 9.42 35.82
N LEU K 425 10.08 8.43 35.89
CA LEU K 425 9.57 7.87 37.16
C LEU K 425 10.71 7.24 37.96
N VAL K 426 11.62 6.56 37.28
CA VAL K 426 12.80 5.91 37.93
C VAL K 426 13.73 6.99 38.48
N LEU K 427 14.00 8.04 37.70
CA LEU K 427 14.89 9.14 38.11
C LEU K 427 14.30 9.93 39.27
N LYS K 428 12.97 10.10 39.29
CA LYS K 428 12.27 10.71 40.43
C LYS K 428 12.39 9.83 41.68
N ASP K 429 12.16 8.52 41.54
CA ASP K 429 12.33 7.54 42.64
C ASP K 429 13.76 7.58 43.19
N LEU K 430 14.75 7.85 42.34
CA LEU K 430 16.16 7.97 42.78
C LEU K 430 16.45 9.38 43.29
N GLY K 431 15.53 10.33 43.08
CA GLY K 431 15.64 11.69 43.59
C GLY K 431 16.65 12.51 42.82
N ILE K 432 16.78 12.30 41.52
CA ILE K 432 17.66 13.10 40.65
C ILE K 432 16.84 14.25 40.08
N GLN K 433 17.37 15.47 40.19
CA GLN K 433 16.71 16.69 39.69
C GLN K 433 16.71 16.68 38.16
N VAL K 434 15.51 16.80 37.58
CA VAL K 434 15.28 16.71 36.13
C VAL K 434 14.94 18.10 35.61
N ASP K 435 15.88 18.74 34.90
CA ASP K 435 15.67 20.06 34.29
C ASP K 435 14.50 19.97 33.29
N ARG K 436 14.58 19.01 32.36
CA ARG K 436 13.59 18.83 31.29
C ARG K 436 13.48 17.35 30.97
N TYR K 437 12.34 16.94 30.41
CA TYR K 437 12.08 15.53 30.05
C TYR K 437 11.27 15.48 28.76
N ILE K 438 11.98 15.45 27.63
CA ILE K 438 11.40 15.41 26.29
C ILE K 438 11.15 13.96 25.89
N ALA K 439 9.95 13.68 25.40
CA ALA K 439 9.50 12.30 25.11
C ALA K 439 8.75 12.25 23.79
N SER K 440 9.17 11.32 22.92
CA SER K 440 8.47 11.00 21.66
C SER K 440 7.47 9.87 21.92
N GLU K 441 6.24 10.03 21.44
CA GLU K 441 5.20 9.00 21.57
C GLU K 441 4.11 9.26 20.53
N VAL K 442 3.38 8.21 20.17
CA VAL K 442 2.30 8.29 19.15
C VAL K 442 0.99 7.69 19.69
N CYS K 443 1.02 6.88 20.74
CA CYS K 443 -0.18 6.27 21.32
C CYS K 443 -0.80 7.25 22.32
N GLU K 444 -2.05 7.65 22.09
CA GLU K 444 -2.75 8.71 22.84
C GLU K 444 -2.76 8.39 24.34
N ASP K 445 -3.03 7.13 24.68
CA ASP K 445 -3.10 6.65 26.07
C ASP K 445 -1.76 6.90 26.76
N SER K 446 -0.67 6.53 26.08
CA SER K 446 0.72 6.67 26.59
C SER K 446 1.09 8.15 26.71
N ILE K 447 0.62 8.98 25.77
CA ILE K 447 0.84 10.45 25.83
C ILE K 447 0.17 10.99 27.10
N THR K 448 -1.07 10.58 27.35
CA THR K 448 -1.86 10.99 28.52
C THR K 448 -1.15 10.64 29.84
N VAL K 449 -0.70 9.39 29.96
CA VAL K 449 -0.05 8.84 31.20
C VAL K 449 1.04 9.80 31.69
N GLY K 450 1.96 10.19 30.82
CA GLY K 450 3.11 11.04 31.20
C GLY K 450 2.67 12.42 31.66
N MET K 451 1.79 13.05 30.89
CA MET K 451 1.19 14.37 31.20
C MET K 451 0.62 14.36 32.62
N VAL K 452 -0.23 13.40 32.93
CA VAL K 452 -0.91 13.34 34.24
C VAL K 452 0.12 13.04 35.34
N ARG K 453 0.81 11.91 35.24
CA ARG K 453 1.69 11.40 36.32
C ARG K 453 2.82 12.36 36.62
N HIS K 454 3.26 13.16 35.65
CA HIS K 454 4.42 14.08 35.81
C HIS K 454 3.99 15.54 35.61
N GLN K 455 2.68 15.80 35.67
CA GLN K 455 2.09 17.15 35.89
C GLN K 455 2.48 18.13 34.77
N GLY K 456 2.46 17.66 33.52
CA GLY K 456 2.68 18.53 32.35
C GLY K 456 4.14 18.83 32.06
N LYS K 457 5.06 18.42 32.95
CA LYS K 457 6.51 18.69 32.82
C LYS K 457 7.09 18.02 31.57
N ILE K 458 6.48 16.94 31.10
CA ILE K 458 7.01 16.15 29.96
C ILE K 458 6.64 16.84 28.65
N MET K 459 7.66 17.18 27.87
CA MET K 459 7.47 17.76 26.52
C MET K 459 7.18 16.62 25.54
N TYR K 460 5.92 16.47 25.15
CA TYR K 460 5.48 15.44 24.18
C TYR K 460 5.69 15.93 22.75
N VAL K 461 6.42 15.16 21.96
CA VAL K 461 6.83 15.57 20.60
C VAL K 461 5.82 15.03 19.59
N GLY K 462 5.76 13.70 19.44
CA GLY K 462 4.88 13.07 18.45
C GLY K 462 5.55 11.88 17.79
N ASP K 463 5.45 11.80 16.46
CA ASP K 463 6.19 10.79 15.67
C ASP K 463 7.69 11.05 15.78
N VAL K 464 8.43 10.01 16.16
CA VAL K 464 9.92 10.09 16.28
C VAL K 464 10.49 10.38 14.90
N ARG K 465 9.76 10.01 13.84
CA ARG K 465 10.18 10.20 12.44
C ARG K 465 10.00 11.65 11.99
N SER K 466 9.58 12.53 12.90
CA SER K 466 9.57 13.99 12.66
C SER K 466 10.74 14.68 13.36
N VAL K 467 11.50 13.94 14.17
CA VAL K 467 12.54 14.54 15.05
C VAL K 467 13.85 14.67 14.26
N THR K 468 14.30 15.91 14.08
CA THR K 468 15.51 16.26 13.32
C THR K 468 16.66 16.59 14.25
N GLN K 469 17.87 16.61 13.70
CA GLN K 469 19.10 17.01 14.42
C GLN K 469 18.98 18.47 14.86
N LYS K 470 18.28 19.29 14.07
CA LYS K 470 18.01 20.70 14.41
C LYS K 470 17.16 20.77 15.68
N HIS K 471 16.05 20.03 15.72
CA HIS K 471 15.19 19.87 16.91
C HIS K 471 16.02 19.48 18.14
N ILE K 472 16.85 18.44 18.01
CA ILE K 472 17.68 17.91 19.13
C ILE K 472 18.64 19.01 19.60
N GLN K 473 19.21 19.77 18.67
CA GLN K 473 20.18 20.84 19.02
C GLN K 473 19.48 21.98 19.74
N GLU K 474 18.30 22.40 19.26
CA GLU K 474 17.57 23.56 19.82
C GLU K 474 16.81 23.19 21.09
N TRP K 475 16.69 21.90 21.40
CA TRP K 475 16.09 21.43 22.68
C TRP K 475 17.12 21.39 23.81
N GLY K 476 18.32 21.93 23.59
CA GLY K 476 19.35 21.99 24.62
C GLY K 476 20.01 20.64 24.80
N PRO K 477 21.25 20.63 25.30
CA PRO K 477 22.00 19.38 25.48
C PRO K 477 21.22 18.35 26.30
N PHE K 478 21.40 17.08 25.98
CA PHE K 478 20.85 15.96 26.76
C PHE K 478 21.97 15.24 27.50
N ASP K 479 21.68 14.84 28.73
CA ASP K 479 22.63 14.14 29.63
C ASP K 479 22.39 12.64 29.59
N LEU K 480 21.18 12.20 29.24
CA LEU K 480 20.83 10.78 29.25
C LEU K 480 19.83 10.50 28.12
N VAL K 481 20.18 9.62 27.20
CA VAL K 481 19.30 9.19 26.09
C VAL K 481 18.94 7.73 26.29
N ILE K 482 17.64 7.45 26.36
CA ILE K 482 17.15 6.11 26.73
C ILE K 482 16.04 5.70 25.77
N GLY K 483 15.81 4.40 25.64
CA GLY K 483 14.74 3.92 24.77
C GLY K 483 14.69 2.42 24.56
N GLY K 484 13.51 1.96 24.13
CA GLY K 484 13.27 0.59 23.67
C GLY K 484 12.40 0.61 22.43
N SER K 485 12.94 0.20 21.29
CA SER K 485 12.23 0.15 20.00
C SER K 485 11.15 -0.92 20.08
N PRO K 486 10.09 -0.84 19.26
CA PRO K 486 9.11 -1.92 19.17
C PRO K 486 9.76 -3.28 18.86
N CYS K 487 9.32 -4.31 19.57
CA CYS K 487 9.93 -5.65 19.55
C CYS K 487 9.09 -6.63 18.74
N ASN K 488 7.88 -6.24 18.31
CA ASN K 488 6.95 -7.14 17.60
C ASN K 488 7.59 -7.65 16.30
N ASP K 489 8.33 -6.79 15.60
CA ASP K 489 8.96 -7.12 14.30
C ASP K 489 10.41 -7.57 14.49
N LEU K 490 10.89 -7.65 15.73
CA LEU K 490 12.25 -8.18 16.03
C LEU K 490 12.18 -9.56 16.66
N SER K 491 11.22 -9.78 17.56
CA SER K 491 11.03 -11.06 18.29
C SER K 491 10.74 -12.18 17.30
N ILE K 492 11.48 -13.28 17.41
CA ILE K 492 11.46 -14.37 16.41
C ILE K 492 10.20 -15.22 16.58
N VAL K 493 9.55 -15.17 17.76
CA VAL K 493 8.40 -16.03 18.08
C VAL K 493 7.14 -15.56 17.36
N ASN K 494 7.22 -14.45 16.63
CA ASN K 494 6.14 -13.97 15.76
C ASN K 494 6.38 -14.55 14.37
N PRO K 495 5.54 -15.48 13.88
CA PRO K 495 5.75 -16.04 12.53
C PRO K 495 5.75 -14.98 11.43
N ALA K 496 4.92 -13.94 11.59
CA ALA K 496 4.67 -12.90 10.58
C ALA K 496 5.69 -11.77 10.68
N ARG K 497 6.71 -11.94 11.54
CA ARG K 497 7.78 -10.95 11.78
C ARG K 497 8.37 -10.46 10.45
N LYS K 498 8.71 -9.17 10.42
CA LYS K 498 9.26 -8.52 9.22
C LYS K 498 10.76 -8.26 9.39
N GLY K 499 11.32 -8.61 10.55
CA GLY K 499 12.76 -8.47 10.79
C GLY K 499 13.15 -7.04 11.07
N LEU K 500 14.45 -6.83 11.24
CA LEU K 500 15.04 -5.52 11.60
C LEU K 500 14.89 -4.52 10.44
N TYR K 501 14.71 -5.00 9.21
CA TYR K 501 14.77 -4.16 8.01
C TYR K 501 13.39 -3.88 7.40
N GLU K 502 12.31 -4.36 8.02
CA GLU K 502 10.95 -4.09 7.52
C GLU K 502 10.01 -3.84 8.69
N GLY K 503 8.86 -3.23 8.39
CA GLY K 503 7.80 -2.94 9.36
C GLY K 503 8.25 -1.96 10.43
N THR K 504 7.99 -2.29 11.69
CA THR K 504 8.26 -1.42 12.86
C THR K 504 9.65 -1.70 13.45
N GLY K 505 10.35 -2.72 12.94
CA GLY K 505 11.72 -3.01 13.38
C GLY K 505 12.65 -1.85 13.12
N ARG K 506 12.47 -1.17 11.99
CA ARG K 506 13.38 -0.12 11.50
C ARG K 506 13.32 1.17 12.34
N LEU K 507 12.44 1.25 13.35
CA LEU K 507 12.38 2.44 14.21
C LEU K 507 13.65 2.53 15.07
N PHE K 508 14.30 1.38 15.30
CA PHE K 508 15.59 1.29 16.01
C PHE K 508 16.62 2.19 15.33
N PHE K 509 16.64 2.20 14.00
CA PHE K 509 17.60 3.02 13.22
C PHE K 509 17.37 4.50 13.52
N GLU K 510 16.11 4.91 13.65
CA GLU K 510 15.76 6.29 14.04
C GLU K 510 16.36 6.59 15.42
N PHE K 511 16.23 5.65 16.36
CA PHE K 511 16.86 5.76 17.70
C PHE K 511 18.38 5.93 17.54
N TYR K 512 19.00 5.10 16.70
CA TYR K 512 20.45 5.17 16.40
C TYR K 512 20.82 6.55 15.87
N ARG K 513 20.00 7.11 14.98
CA ARG K 513 20.23 8.45 14.41
C ARG K 513 20.21 9.51 15.52
N LEU K 514 19.15 9.56 16.31
CA LEU K 514 18.96 10.63 17.30
C LEU K 514 19.95 10.48 18.44
N LEU K 515 20.36 9.25 18.76
CA LEU K 515 21.47 9.00 19.70
C LEU K 515 22.74 9.62 19.14
N HIS K 516 23.02 9.38 17.85
CA HIS K 516 24.21 9.93 17.16
C HIS K 516 24.17 11.46 17.19
N ASP K 517 23.00 12.04 16.97
CA ASP K 517 22.81 13.51 16.98
C ASP K 517 22.99 14.06 18.40
N ALA K 518 22.63 13.29 19.43
CA ALA K 518 22.65 13.75 20.82
C ALA K 518 24.00 13.50 21.48
N ARG K 519 24.87 12.67 20.87
CA ARG K 519 26.16 12.32 21.49
C ARG K 519 27.13 13.48 21.32
N PRO K 520 27.87 13.86 22.37
CA PRO K 520 28.91 14.88 22.24
C PRO K 520 30.01 14.48 21.28
N LYS K 521 30.57 15.48 20.59
CA LYS K 521 31.70 15.33 19.67
C LYS K 521 32.96 14.99 20.46
N GLU K 522 33.96 14.43 19.77
CA GLU K 522 35.27 14.15 20.38
C GLU K 522 35.91 15.46 20.83
N GLY K 523 36.53 15.45 22.01
CA GLY K 523 37.13 16.63 22.62
C GLY K 523 36.19 17.34 23.59
N ASP K 524 34.88 17.14 23.42
CA ASP K 524 33.86 17.59 24.41
C ASP K 524 33.60 16.43 25.37
N ASP K 525 34.21 16.49 26.55
CA ASP K 525 34.23 15.37 27.53
C ASP K 525 33.10 15.51 28.56
N ARG K 526 32.01 16.22 28.25
CA ARG K 526 30.88 16.36 29.18
C ARG K 526 30.21 15.00 29.36
N PRO K 527 29.78 14.65 30.59
CA PRO K 527 29.13 13.36 30.84
C PRO K 527 27.84 13.15 30.03
N PHE K 528 27.75 11.98 29.43
CA PHE K 528 26.63 11.57 28.56
C PHE K 528 26.47 10.06 28.68
N PHE K 529 25.23 9.62 28.79
CA PHE K 529 24.93 8.19 29.00
C PHE K 529 23.73 7.82 28.16
N TRP K 530 23.65 6.55 27.80
CA TRP K 530 22.56 6.04 26.96
C TRP K 530 22.23 4.61 27.36
N LEU K 531 20.97 4.25 27.13
CA LEU K 531 20.45 2.90 27.43
C LEU K 531 19.47 2.53 26.34
N PHE K 532 19.73 1.43 25.66
CA PHE K 532 18.78 0.84 24.70
C PHE K 532 18.42 -0.58 25.13
N GLU K 533 17.14 -0.90 24.96
CA GLU K 533 16.56 -2.16 25.45
C GLU K 533 16.01 -2.94 24.25
N ASN K 534 16.07 -4.27 24.33
CA ASN K 534 15.32 -5.16 23.42
C ASN K 534 15.13 -6.54 24.02
N VAL K 535 14.26 -7.29 23.37
CA VAL K 535 13.89 -8.68 23.75
C VAL K 535 15.05 -9.62 23.43
N VAL K 536 15.23 -10.61 24.28
CA VAL K 536 16.25 -11.67 24.14
C VAL K 536 15.95 -12.53 22.91
N ALA K 537 14.68 -12.63 22.50
CA ALA K 537 14.18 -13.51 21.41
C ALA K 537 14.52 -12.97 20.02
N MET K 538 15.41 -11.99 19.92
CA MET K 538 15.80 -11.37 18.65
C MET K 538 16.75 -12.29 17.89
N GLY K 539 16.59 -12.35 16.56
CA GLY K 539 17.38 -13.18 15.64
C GLY K 539 18.88 -12.98 15.73
N VAL K 540 19.67 -13.91 15.20
CA VAL K 540 21.15 -13.84 15.26
C VAL K 540 21.63 -12.67 14.41
N SER K 541 21.17 -12.59 13.16
CA SER K 541 21.57 -11.50 12.23
C SER K 541 21.06 -10.15 12.74
N ASP K 542 19.82 -10.11 13.25
CA ASP K 542 19.21 -8.88 13.81
C ASP K 542 20.03 -8.41 15.02
N LYS K 543 20.24 -9.31 15.99
CA LYS K 543 20.99 -9.02 17.23
C LYS K 543 22.42 -8.60 16.88
N ARG K 544 23.04 -9.30 15.93
CA ARG K 544 24.43 -9.01 15.52
C ARG K 544 24.48 -7.60 14.94
N ASP K 545 23.57 -7.28 14.02
CA ASP K 545 23.57 -5.96 13.34
C ASP K 545 23.35 -4.85 14.37
N ILE K 546 22.44 -5.04 15.31
CA ILE K 546 22.18 -4.04 16.38
C ILE K 546 23.43 -3.88 17.25
N SER K 547 24.02 -5.01 17.67
CA SER K 547 25.23 -5.00 18.53
C SER K 547 26.38 -4.31 17.81
N ARG K 548 26.52 -4.52 16.50
CA ARG K 548 27.58 -3.85 15.70
C ARG K 548 27.28 -2.35 15.61
N PHE K 549 26.01 -1.97 15.42
CA PHE K 549 25.65 -0.55 15.17
C PHE K 549 25.82 0.28 16.44
N LEU K 550 25.54 -0.29 17.61
CA LEU K 550 25.66 0.46 18.88
C LEU K 550 27.08 0.37 19.43
N GLU K 551 27.99 -0.25 18.69
CA GLU K 551 29.45 -0.27 18.98
C GLU K 551 29.73 -0.82 20.38
N SER K 552 28.91 -1.76 20.82
CA SER K 552 29.11 -2.41 22.14
C SER K 552 28.49 -3.80 22.10
N ASN K 553 28.88 -4.61 23.06
CA ASN K 553 28.20 -5.90 23.23
C ASN K 553 27.10 -5.70 24.26
N PRO K 554 25.93 -6.33 24.06
CA PRO K 554 24.83 -6.14 25.00
C PRO K 554 25.17 -6.82 26.33
N VAL K 555 24.65 -6.27 27.41
CA VAL K 555 24.58 -6.98 28.71
C VAL K 555 23.20 -7.63 28.77
N MET K 556 23.15 -8.91 29.11
CA MET K 556 21.86 -9.58 29.32
C MET K 556 21.52 -9.45 30.80
N ILE K 557 20.35 -8.86 31.09
CA ILE K 557 19.87 -8.69 32.49
C ILE K 557 18.48 -9.29 32.58
N ASP K 558 18.32 -10.21 33.52
CA ASP K 558 17.02 -10.88 33.74
C ASP K 558 16.32 -10.18 34.88
N ALA K 559 15.01 -9.92 34.71
CA ALA K 559 14.18 -9.26 35.72
C ALA K 559 14.01 -10.14 36.95
N LYS K 560 14.08 -11.47 36.79
CA LYS K 560 13.77 -12.46 37.86
C LYS K 560 14.61 -12.23 39.11
N GLU K 561 15.81 -11.65 38.95
CA GLU K 561 16.72 -11.38 40.09
C GLU K 561 16.11 -10.34 41.03
N VAL K 562 15.51 -9.27 40.50
CA VAL K 562 15.02 -8.15 41.36
C VAL K 562 13.54 -7.82 41.13
N SER K 563 12.86 -8.40 40.14
CA SER K 563 11.52 -7.89 39.74
C SER K 563 10.40 -8.94 39.75
N ALA K 564 10.66 -10.17 40.21
CA ALA K 564 9.66 -11.27 40.29
C ALA K 564 8.95 -11.51 38.95
N ALA K 565 9.59 -11.18 37.83
CA ALA K 565 9.07 -11.49 36.48
C ALA K 565 10.19 -12.17 35.71
N HIS K 566 9.89 -13.26 35.00
CA HIS K 566 10.87 -13.83 34.06
C HIS K 566 10.84 -12.94 32.81
N ARG K 567 11.72 -11.96 32.78
CA ARG K 567 11.85 -11.00 31.67
C ARG K 567 13.33 -10.78 31.42
N ALA K 568 13.89 -11.57 30.50
CA ALA K 568 15.30 -11.49 30.13
C ALA K 568 15.42 -10.51 28.97
N ARG K 569 16.17 -9.44 29.15
CA ARG K 569 16.28 -8.38 28.14
C ARG K 569 17.74 -8.05 27.90
N TYR K 570 18.06 -7.70 26.66
CA TYR K 570 19.37 -7.14 26.31
C TYR K 570 19.33 -5.63 26.55
N PHE K 571 20.39 -5.13 27.17
CA PHE K 571 20.59 -3.70 27.47
C PHE K 571 21.95 -3.31 26.88
N TRP K 572 21.91 -2.62 25.76
CA TRP K 572 23.10 -1.91 25.27
C TRP K 572 23.19 -0.59 26.00
N GLY K 573 24.41 -0.15 26.27
CA GLY K 573 24.62 1.15 26.92
C GLY K 573 26.01 1.26 27.50
N ASN K 574 26.29 2.42 28.06
CA ASN K 574 27.61 2.74 28.62
C ASN K 574 27.45 3.21 30.06
N LEU K 575 26.40 2.78 30.75
CA LEU K 575 26.24 3.09 32.18
C LEU K 575 27.33 2.40 32.98
N PRO K 576 28.03 3.12 33.87
CA PRO K 576 29.10 2.51 34.65
C PRO K 576 28.63 1.28 35.43
N GLY K 577 29.51 0.29 35.51
CA GLY K 577 29.32 -0.92 36.31
C GLY K 577 28.08 -1.71 35.95
N MET K 578 27.64 -1.65 34.69
CA MET K 578 26.38 -2.33 34.30
C MET K 578 26.59 -3.84 34.13
N ASN K 579 27.78 -4.36 34.41
CA ASN K 579 28.07 -5.81 34.43
C ASN K 579 27.83 -6.40 35.83
N ARG K 580 28.02 -5.59 36.88
CA ARG K 580 27.93 -6.02 38.30
C ARG K 580 26.63 -6.78 38.55
N PRO K 581 26.65 -7.85 39.38
CA PRO K 581 25.45 -8.65 39.62
C PRO K 581 24.36 -7.80 40.28
N LEU K 582 23.10 -8.15 40.02
CA LEU K 582 21.95 -7.38 40.53
C LEU K 582 21.80 -7.66 42.02
N ALA K 583 21.88 -6.61 42.83
CA ALA K 583 21.65 -6.66 44.29
C ALA K 583 20.25 -6.13 44.58
N SER K 584 19.37 -7.01 45.05
CA SER K 584 17.99 -6.66 45.43
C SER K 584 18.01 -5.69 46.62
N THR K 585 16.99 -4.84 46.69
CA THR K 585 16.73 -3.95 47.83
C THR K 585 15.42 -4.35 48.49
N VAL K 586 15.29 -3.99 49.76
CA VAL K 586 14.13 -4.39 50.62
C VAL K 586 12.83 -3.85 50.03
N ASN K 587 12.87 -2.67 49.39
CA ASN K 587 11.71 -2.06 48.71
C ASN K 587 11.16 -2.97 47.60
N ASP K 588 12.05 -3.71 46.93
CA ASP K 588 11.66 -4.54 45.77
C ASP K 588 10.87 -5.76 46.23
N LYS K 589 9.97 -6.23 45.36
CA LYS K 589 9.07 -7.38 45.65
C LYS K 589 9.53 -8.58 44.82
N LEU K 590 10.31 -9.46 45.43
CA LEU K 590 10.93 -10.61 44.74
C LEU K 590 9.94 -11.76 44.53
N GLU K 591 8.75 -11.70 45.13
CA GLU K 591 7.75 -12.78 45.02
C GLU K 591 6.48 -12.26 44.36
N LEU K 592 5.93 -13.06 43.44
CA LEU K 592 4.67 -12.74 42.74
C LEU K 592 3.53 -12.68 43.75
N GLN K 593 3.54 -13.56 44.75
CA GLN K 593 2.54 -13.55 45.85
C GLN K 593 2.66 -12.24 46.64
N GLU K 594 3.88 -11.69 46.76
CA GLU K 594 4.12 -10.38 47.40
C GLU K 594 3.68 -9.20 46.51
N CYS K 595 2.99 -9.45 45.39
CA CYS K 595 2.47 -8.40 44.50
C CYS K 595 0.95 -8.49 44.33
N LEU K 596 0.38 -9.69 44.39
CA LEU K 596 -1.08 -9.88 44.34
C LEU K 596 -1.72 -9.32 45.62
N GLU K 597 -3.01 -9.02 45.54
CA GLU K 597 -3.81 -8.54 46.68
C GLU K 597 -4.40 -9.74 47.42
N HIS K 598 -4.92 -9.49 48.63
CA HIS K 598 -5.44 -10.52 49.56
C HIS K 598 -6.59 -11.30 48.93
N GLY K 599 -6.61 -12.62 49.15
CA GLY K 599 -7.66 -13.51 48.64
C GLY K 599 -7.30 -14.12 47.29
N ARG K 600 -6.21 -13.66 46.69
CA ARG K 600 -5.68 -14.19 45.42
C ARG K 600 -4.36 -14.91 45.68
N ILE K 601 -4.11 -15.99 44.95
CA ILE K 601 -2.93 -16.85 45.14
C ILE K 601 -2.23 -17.01 43.80
N ALA K 602 -0.91 -16.87 43.80
CA ALA K 602 -0.08 -16.97 42.60
C ALA K 602 0.13 -18.43 42.25
N LYS K 603 -0.22 -18.83 41.02
CA LYS K 603 0.12 -20.17 40.50
C LYS K 603 1.63 -20.34 40.52
N PHE K 604 2.32 -19.55 39.69
CA PHE K 604 3.79 -19.62 39.54
C PHE K 604 4.42 -18.64 40.52
N SER K 605 5.74 -18.58 40.51
CA SER K 605 6.53 -17.63 41.33
C SER K 605 7.01 -16.44 40.50
N LYS K 606 7.04 -16.59 39.17
CA LYS K 606 7.41 -15.50 38.24
C LYS K 606 6.37 -15.46 37.13
N VAL K 607 5.99 -14.26 36.70
CA VAL K 607 5.09 -14.13 35.53
C VAL K 607 5.93 -14.25 34.26
N ARG K 608 5.30 -14.73 33.20
CA ARG K 608 5.95 -14.93 31.88
C ARG K 608 5.31 -14.00 30.86
N THR K 609 6.10 -13.04 30.38
CA THR K 609 5.79 -12.18 29.22
C THR K 609 7.10 -12.03 28.44
N ILE K 610 7.32 -12.96 27.51
CA ILE K 610 8.56 -13.11 26.70
C ILE K 610 9.79 -13.19 27.62
N GLN K 623 0.79 -21.87 32.75
CA GLN K 623 -0.65 -21.63 32.52
C GLN K 623 -0.85 -20.22 32.00
N HIS K 624 -1.80 -20.05 31.07
CA HIS K 624 -2.09 -18.75 30.43
C HIS K 624 -2.68 -17.76 31.44
N PHE K 625 -3.41 -18.24 32.44
CA PHE K 625 -4.05 -17.36 33.45
C PHE K 625 -3.46 -17.66 34.83
N PRO K 626 -2.42 -16.93 35.27
CA PRO K 626 -1.71 -17.25 36.50
C PRO K 626 -2.30 -16.71 37.82
N VAL K 627 -3.61 -16.91 38.04
CA VAL K 627 -4.25 -16.53 39.33
C VAL K 627 -5.19 -17.64 39.79
N PHE K 628 -5.04 -18.08 41.04
CA PHE K 628 -6.02 -18.93 41.75
C PHE K 628 -6.78 -18.03 42.72
N MET K 629 -8.04 -17.72 42.40
CA MET K 629 -8.91 -16.97 43.32
C MET K 629 -10.22 -17.73 43.51
N ASN K 630 -10.54 -18.04 44.77
CA ASN K 630 -11.79 -18.72 45.20
C ASN K 630 -11.95 -20.06 44.46
N GLU K 631 -10.86 -20.83 44.40
CA GLU K 631 -10.77 -22.13 43.67
C GLU K 631 -11.18 -21.96 42.22
N LYS K 632 -10.76 -20.85 41.59
CA LYS K 632 -11.05 -20.55 40.18
C LYS K 632 -9.81 -19.94 39.53
N GLU K 633 -9.68 -20.16 38.22
CA GLU K 633 -8.53 -19.68 37.44
C GLU K 633 -8.84 -18.27 36.93
N ASP K 634 -8.25 -17.28 37.58
CA ASP K 634 -8.47 -15.86 37.21
C ASP K 634 -7.23 -15.35 36.45
N ILE K 635 -7.44 -14.27 35.71
CA ILE K 635 -6.42 -13.60 34.89
C ILE K 635 -5.65 -12.62 35.78
N LEU K 636 -4.51 -12.15 35.29
CA LEU K 636 -3.68 -11.19 36.05
C LEU K 636 -4.35 -9.82 36.08
N TRP K 637 -4.35 -9.17 37.24
CA TRP K 637 -4.85 -7.79 37.41
C TRP K 637 -3.81 -6.81 36.89
N CYS K 638 -4.29 -5.72 36.30
CA CYS K 638 -3.43 -4.67 35.74
C CYS K 638 -2.58 -4.04 36.85
N THR K 639 -3.17 -3.76 38.01
CA THR K 639 -2.44 -3.11 39.13
C THR K 639 -1.41 -4.08 39.72
N GLU K 640 -1.73 -5.37 39.77
CA GLU K 640 -0.79 -6.39 40.28
C GLU K 640 0.38 -6.53 39.32
N MET K 641 0.11 -6.46 38.01
CA MET K 641 1.13 -6.43 36.94
C MET K 641 2.01 -5.19 37.08
N GLU K 642 1.39 -4.05 37.43
CA GLU K 642 2.13 -2.79 37.73
C GLU K 642 3.11 -3.02 38.87
N ARG K 643 2.65 -3.66 39.95
CA ARG K 643 3.49 -3.88 41.15
C ARG K 643 4.64 -4.82 40.80
N VAL K 644 4.35 -5.86 40.00
CA VAL K 644 5.37 -6.83 39.52
C VAL K 644 6.45 -6.06 38.77
N PHE K 645 6.06 -5.22 37.80
CA PHE K 645 7.04 -4.52 36.94
C PHE K 645 7.70 -3.36 37.68
N GLY K 646 7.35 -3.14 38.96
CA GLY K 646 8.08 -2.20 39.82
C GLY K 646 7.54 -0.79 39.81
N PHE K 647 6.50 -0.50 39.02
CA PHE K 647 5.89 0.85 38.97
C PHE K 647 5.17 1.15 40.28
N PRO K 648 5.22 2.40 40.75
CA PRO K 648 4.31 2.84 41.81
C PRO K 648 2.86 2.66 41.39
N VAL K 649 2.04 2.18 42.32
CA VAL K 649 0.68 1.69 42.09
C VAL K 649 -0.20 2.79 41.47
N HIS K 650 -1.12 2.38 40.59
CA HIS K 650 -2.12 3.23 39.88
C HIS K 650 -1.43 4.24 38.97
N TYR K 651 -0.29 3.87 38.41
CA TYR K 651 0.51 4.73 37.51
C TYR K 651 -0.20 4.92 36.18
N THR K 652 -0.85 3.88 35.64
CA THR K 652 -1.50 3.89 34.31
C THR K 652 -3.01 4.11 34.42
N ASP K 653 -3.50 4.62 35.55
CA ASP K 653 -4.94 4.92 35.75
C ASP K 653 -5.17 6.43 35.62
N VAL K 654 -5.06 6.97 34.42
CA VAL K 654 -5.04 8.43 34.20
C VAL K 654 -6.26 8.88 33.39
N SER K 655 -6.58 8.17 32.31
CA SER K 655 -7.68 8.54 31.41
C SER K 655 -8.68 7.38 31.32
N ASN K 656 -9.59 7.49 30.37
CA ASN K 656 -10.63 6.47 30.13
C ASN K 656 -10.10 5.50 29.08
N MET K 657 -9.00 4.82 29.41
CA MET K 657 -8.34 3.86 28.50
C MET K 657 -8.77 2.44 28.83
N SER K 658 -8.93 1.64 27.78
CA SER K 658 -9.40 0.24 27.87
C SER K 658 -8.40 -0.61 28.65
N ARG K 659 -8.90 -1.72 29.19
CA ARG K 659 -8.07 -2.76 29.84
C ARG K 659 -7.02 -3.28 28.87
N LEU K 660 -7.41 -3.53 27.61
CA LEU K 660 -6.51 -4.00 26.53
C LEU K 660 -5.36 -3.00 26.35
N ALA K 661 -5.67 -1.71 26.32
CA ALA K 661 -4.66 -0.65 26.11
C ALA K 661 -3.71 -0.60 27.29
N ARG K 662 -4.23 -0.70 28.52
CA ARG K 662 -3.38 -0.67 29.74
C ARG K 662 -2.48 -1.91 29.77
N GLN K 663 -3.02 -3.08 29.41
CA GLN K 663 -2.24 -4.34 29.34
C GLN K 663 -1.09 -4.20 28.35
N ARG K 664 -1.38 -3.74 27.13
CA ARG K 664 -0.37 -3.51 26.08
C ARG K 664 0.68 -2.51 26.58
N LEU K 665 0.24 -1.43 27.22
CA LEU K 665 1.15 -0.38 27.77
C LEU K 665 2.09 -0.97 28.82
N LEU K 666 1.58 -1.78 29.74
CA LEU K 666 2.44 -2.40 30.78
C LEU K 666 3.35 -3.47 30.16
N GLY K 667 2.85 -4.20 29.16
CA GLY K 667 3.63 -5.24 28.46
C GLY K 667 4.87 -4.67 27.79
N ARG K 668 4.70 -3.58 27.05
CA ARG K 668 5.80 -2.95 26.28
C ARG K 668 6.77 -2.20 27.18
N SER K 669 6.42 -1.98 28.44
CA SER K 669 7.18 -1.07 29.33
C SER K 669 8.43 -1.76 29.89
N TRP K 670 9.32 -0.96 30.47
CA TRP K 670 10.54 -1.43 31.16
C TRP K 670 10.22 -1.98 32.55
N SER K 671 11.06 -2.92 32.99
CA SER K 671 11.08 -3.37 34.39
C SER K 671 11.77 -2.30 35.24
N VAL K 672 11.03 -1.73 36.19
CA VAL K 672 11.49 -0.53 36.96
C VAL K 672 12.74 -0.84 37.78
N PRO K 673 12.83 -1.90 38.62
CA PRO K 673 14.04 -2.02 39.45
C PRO K 673 15.28 -2.35 38.65
N VAL K 674 15.13 -2.96 37.48
CA VAL K 674 16.26 -3.21 36.55
C VAL K 674 16.80 -1.87 36.08
N ILE K 675 15.91 -0.96 35.70
CA ILE K 675 16.28 0.42 35.28
C ILE K 675 16.87 1.17 36.47
N ARG K 676 16.38 0.91 37.69
CA ARG K 676 16.95 1.54 38.91
C ARG K 676 18.37 1.02 39.15
N HIS K 677 18.60 -0.27 38.92
CA HIS K 677 19.93 -0.91 39.03
C HIS K 677 20.91 -0.27 38.03
N LEU K 678 20.48 -0.10 36.79
CA LEU K 678 21.31 0.49 35.72
C LEU K 678 21.55 1.97 35.99
N PHE K 679 20.52 2.72 36.39
CA PHE K 679 20.60 4.18 36.62
C PHE K 679 21.25 4.52 37.96
N ALA K 680 21.47 3.54 38.84
CA ALA K 680 21.92 3.77 40.22
C ALA K 680 23.23 4.58 40.27
N PRO K 681 24.31 4.29 39.50
CA PRO K 681 25.52 5.10 39.65
C PRO K 681 25.44 6.51 39.05
N LEU K 682 24.39 6.82 38.27
CA LEU K 682 24.14 8.19 37.76
C LEU K 682 23.94 9.18 38.93
N LYS K 683 23.56 8.68 40.10
CA LYS K 683 23.44 9.50 41.33
C LYS K 683 24.79 10.13 41.67
N GLU K 684 25.89 9.47 41.32
CA GLU K 684 27.25 9.98 41.58
C GLU K 684 27.71 10.95 40.48
N TYR K 685 26.87 11.23 39.48
CA TYR K 685 27.25 12.07 38.32
C TYR K 685 26.36 13.29 38.12
N PHE K 686 25.18 13.34 38.75
CA PHE K 686 24.24 14.46 38.61
C PHE K 686 23.67 14.79 39.98
N ALA K 687 22.91 15.88 40.05
CA ALA K 687 22.47 16.43 41.35
C ALA K 687 21.34 15.57 41.91
N CYS K 688 21.40 15.33 43.21
CA CYS K 688 20.43 14.50 43.96
C CYS K 688 19.59 15.38 44.87
N VAL K 689 18.37 14.90 45.18
CA VAL K 689 17.50 15.55 46.18
C VAL K 689 17.89 15.06 47.57
N GLY L 34 25.16 44.55 -26.18
CA GLY L 34 26.22 45.37 -25.56
C GLY L 34 27.23 44.53 -24.81
N ARG L 35 28.12 43.85 -25.54
CA ARG L 35 29.15 42.96 -24.96
C ARG L 35 30.56 43.50 -25.19
N ASP L 36 30.77 44.33 -26.20
CA ASP L 36 32.07 45.01 -26.42
C ASP L 36 32.14 46.31 -25.63
N LEU L 37 31.07 46.68 -24.92
CA LEU L 37 31.03 47.91 -24.09
C LEU L 37 31.51 47.63 -22.67
N ILE L 38 31.31 46.42 -22.15
CA ILE L 38 31.72 46.08 -20.76
C ILE L 38 33.23 45.92 -20.67
N ALA L 39 33.93 45.72 -21.80
CA ALA L 39 35.40 45.76 -21.86
C ALA L 39 35.89 47.20 -22.05
N TYR L 40 34.96 48.15 -22.27
CA TYR L 40 35.27 49.58 -22.45
C TYR L 40 34.96 50.39 -21.19
N GLU L 41 34.01 49.94 -20.37
CA GLU L 41 33.62 50.66 -19.13
C GLU L 41 34.73 50.58 -18.08
N VAL L 42 35.56 49.53 -18.14
CA VAL L 42 36.62 49.30 -17.13
C VAL L 42 37.90 50.03 -17.54
N LYS L 43 38.34 49.87 -18.79
CA LYS L 43 39.63 50.40 -19.27
C LYS L 43 39.58 51.93 -19.39
N ALA L 44 38.51 52.48 -19.96
CA ALA L 44 38.41 53.90 -20.32
C ALA L 44 37.76 54.73 -19.22
N ASN L 45 36.52 54.39 -18.86
CA ASN L 45 35.72 55.13 -17.86
C ASN L 45 36.31 54.99 -16.44
N GLN L 46 37.24 54.04 -16.23
CA GLN L 46 37.87 53.74 -14.93
C GLN L 46 36.79 53.42 -13.90
N ARG L 47 35.99 52.39 -14.20
CA ARG L 47 34.87 51.95 -13.34
C ARG L 47 35.23 50.61 -12.70
N ASN L 48 34.50 50.28 -11.64
CA ASN L 48 34.67 49.02 -10.91
C ASN L 48 33.88 47.93 -11.64
N ILE L 49 34.48 46.74 -11.75
CA ILE L 49 33.87 45.57 -12.42
C ILE L 49 32.58 45.18 -11.68
N GLU L 50 32.52 45.42 -10.37
CA GLU L 50 31.33 45.18 -9.51
C GLU L 50 30.13 46.04 -9.94
N ASP L 51 30.35 47.10 -10.71
CA ASP L 51 29.30 48.08 -11.08
C ASP L 51 28.71 47.80 -12.47
N ILE L 52 29.06 46.67 -13.09
CA ILE L 52 28.49 46.27 -14.40
C ILE L 52 28.18 44.77 -14.37
N CYS L 53 27.00 44.40 -14.86
CA CYS L 53 26.59 42.98 -15.01
C CYS L 53 27.37 42.35 -16.15
N ILE L 54 28.35 41.52 -15.82
CA ILE L 54 29.23 40.86 -16.81
C ILE L 54 28.48 39.78 -17.62
N CYS L 55 27.28 39.37 -17.19
CA CYS L 55 26.52 38.31 -17.88
C CYS L 55 25.95 38.82 -19.21
N CYS L 56 24.92 39.66 -19.15
CA CYS L 56 24.19 40.16 -20.33
C CYS L 56 24.62 41.57 -20.72
N GLY L 57 25.68 42.09 -20.09
CA GLY L 57 26.23 43.41 -20.43
C GLY L 57 25.54 44.56 -19.70
N SER L 58 24.52 44.25 -18.89
CA SER L 58 23.65 45.24 -18.21
C SER L 58 24.47 46.10 -17.23
N LEU L 59 23.96 47.30 -16.95
CA LEU L 59 24.58 48.30 -16.05
C LEU L 59 24.10 48.12 -14.61
N GLN L 60 23.02 47.38 -14.37
CA GLN L 60 22.42 47.22 -13.02
C GLN L 60 23.02 45.99 -12.33
N VAL L 61 23.51 46.20 -11.11
CA VAL L 61 24.21 45.13 -10.33
C VAL L 61 23.50 44.94 -9.00
N HIS L 62 22.99 43.73 -8.78
CA HIS L 62 22.34 43.34 -7.51
C HIS L 62 23.41 42.98 -6.47
N THR L 63 24.21 41.97 -6.78
CA THR L 63 25.19 41.36 -5.86
C THR L 63 26.59 41.35 -6.50
N GLN L 64 27.49 40.58 -5.91
CA GLN L 64 28.84 40.31 -6.44
C GLN L 64 28.86 38.87 -6.98
N HIS L 65 29.54 38.66 -8.11
CA HIS L 65 29.60 37.35 -8.81
C HIS L 65 30.33 36.33 -7.94
N PRO L 66 29.79 35.10 -7.79
CA PRO L 66 30.45 34.08 -6.98
C PRO L 66 31.87 33.69 -7.38
N LEU L 67 32.11 33.36 -8.66
CA LEU L 67 33.42 32.78 -9.05
C LEU L 67 34.49 33.87 -9.19
N PHE L 68 34.13 34.98 -9.83
CA PHE L 68 35.08 36.07 -10.15
C PHE L 68 34.57 37.39 -9.61
N GLU L 69 35.47 38.36 -9.53
CA GLU L 69 35.15 39.72 -9.05
C GLU L 69 34.30 40.44 -10.09
N GLY L 70 33.14 40.95 -9.67
CA GLY L 70 32.23 41.69 -10.55
C GLY L 70 30.80 41.58 -10.08
N GLY L 71 29.90 42.30 -10.75
CA GLY L 71 28.49 42.36 -10.36
C GLY L 71 27.60 41.59 -11.31
N ILE L 72 26.41 41.22 -10.83
CA ILE L 72 25.41 40.41 -11.56
C ILE L 72 24.04 41.05 -11.35
N CYS L 73 23.31 41.32 -12.44
CA CYS L 73 21.89 41.75 -12.38
C CYS L 73 21.03 40.61 -11.83
N ALA L 74 19.88 40.97 -11.27
CA ALA L 74 18.99 40.05 -10.51
C ALA L 74 18.48 38.86 -11.36
N PRO L 75 17.89 39.03 -12.58
CA PRO L 75 17.41 37.86 -13.30
C PRO L 75 18.53 36.87 -13.63
N CYS L 76 19.66 37.37 -14.14
CA CYS L 76 20.84 36.54 -14.44
C CYS L 76 21.33 35.86 -13.16
N LYS L 77 21.25 36.56 -12.03
CA LYS L 77 21.66 36.01 -10.72
C LYS L 77 20.78 34.81 -10.38
N ASP L 78 19.47 34.96 -10.48
CA ASP L 78 18.50 33.90 -10.16
C ASP L 78 18.74 32.69 -11.07
N LYS L 79 18.87 32.95 -12.38
CA LYS L 79 19.04 31.91 -13.42
C LYS L 79 20.38 31.20 -13.23
N PHE L 80 21.43 31.95 -12.89
CA PHE L 80 22.80 31.41 -12.71
C PHE L 80 22.80 30.35 -11.60
N LEU L 81 22.13 30.63 -10.49
CA LEU L 81 22.02 29.69 -9.35
C LEU L 81 21.29 28.42 -9.81
N ASP L 82 20.19 28.61 -10.55
CA ASP L 82 19.34 27.50 -11.06
C ASP L 82 20.15 26.62 -12.01
N ALA L 83 20.98 27.23 -12.86
CA ALA L 83 21.79 26.52 -13.89
C ALA L 83 22.76 25.54 -13.22
N LEU L 84 23.39 25.94 -12.11
CA LEU L 84 24.35 25.09 -11.37
C LEU L 84 23.64 23.83 -10.89
N PHE L 85 22.45 23.99 -10.31
CA PHE L 85 21.61 22.87 -9.80
C PHE L 85 21.29 21.90 -10.95
N LEU L 86 20.88 22.44 -12.09
CA LEU L 86 20.47 21.65 -13.28
C LEU L 86 21.64 20.79 -13.76
N TYR L 87 21.37 19.54 -14.11
CA TYR L 87 22.38 18.56 -14.60
C TYR L 87 22.03 18.17 -16.04
N ASP L 88 23.01 18.24 -16.95
CA ASP L 88 22.81 17.91 -18.39
C ASP L 88 23.65 16.68 -18.74
N ASP L 89 23.04 15.71 -19.43
CA ASP L 89 23.73 14.48 -19.89
C ASP L 89 24.72 14.83 -21.01
N ASP L 90 24.34 15.75 -21.91
CA ASP L 90 25.11 16.12 -23.12
C ASP L 90 26.47 16.75 -22.73
N GLY L 91 26.49 17.71 -21.81
CA GLY L 91 27.75 18.41 -21.44
C GLY L 91 27.83 18.71 -19.96
N TYR L 92 29.05 19.04 -19.49
CA TYR L 92 29.35 19.34 -18.08
C TYR L 92 28.34 20.35 -17.51
N GLN L 93 28.00 21.34 -18.31
CA GLN L 93 26.99 22.37 -17.96
C GLN L 93 26.00 22.50 -19.11
N SER L 94 24.70 22.39 -18.79
CA SER L 94 23.61 22.55 -19.78
C SER L 94 23.69 23.95 -20.39
N TYR L 95 23.68 24.96 -19.53
CA TYR L 95 23.80 26.38 -19.89
C TYR L 95 25.16 26.88 -19.40
N CYS L 96 25.62 28.01 -19.95
CA CYS L 96 26.99 28.53 -19.70
C CYS L 96 27.16 28.87 -18.22
N SER L 97 28.38 28.69 -17.73
CA SER L 97 28.73 29.02 -16.33
C SER L 97 28.56 30.52 -16.09
N ILE L 98 29.36 31.35 -16.74
CA ILE L 98 29.51 32.78 -16.38
C ILE L 98 28.22 33.54 -16.69
N CYS L 99 27.80 33.57 -17.96
CA CYS L 99 26.68 34.43 -18.41
C CYS L 99 25.36 33.67 -18.52
N CYS L 100 25.41 32.33 -18.44
CA CYS L 100 24.23 31.42 -18.55
C CYS L 100 23.54 31.59 -19.91
N SER L 101 24.30 31.27 -20.94
CA SER L 101 23.83 31.13 -22.34
C SER L 101 23.70 29.65 -22.67
N GLY L 102 22.84 29.31 -23.63
CA GLY L 102 22.57 27.90 -23.97
C GLY L 102 23.62 27.32 -24.90
N GLU L 103 23.85 27.97 -26.03
CA GLU L 103 24.76 27.47 -27.08
C GLU L 103 26.19 27.91 -26.79
N THR L 104 27.07 27.73 -27.78
CA THR L 104 28.49 28.17 -27.78
C THR L 104 29.24 27.54 -26.61
N LEU L 105 29.12 26.23 -26.43
CA LEU L 105 29.76 25.52 -25.31
C LEU L 105 31.07 24.89 -25.79
N LEU L 106 32.13 25.09 -25.00
CA LEU L 106 33.46 24.48 -25.23
C LEU L 106 33.80 23.59 -24.03
N ILE L 107 34.77 22.70 -24.24
CA ILE L 107 35.21 21.72 -23.22
C ILE L 107 36.58 22.12 -22.70
N CYS L 108 36.83 21.88 -21.41
CA CYS L 108 38.10 22.22 -20.74
C CYS L 108 39.18 21.25 -21.17
N GLY L 109 40.37 21.78 -21.46
CA GLY L 109 41.53 21.00 -21.96
C GLY L 109 41.97 19.93 -20.99
N ASN L 110 42.53 20.33 -19.84
CA ASN L 110 42.96 19.36 -18.81
C ASN L 110 41.73 18.56 -18.37
N PRO L 111 41.76 17.21 -18.45
CA PRO L 111 40.57 16.41 -18.17
C PRO L 111 40.16 16.34 -16.69
N ASP L 112 40.91 16.99 -15.80
CA ASP L 112 40.64 16.99 -14.34
C ASP L 112 39.80 18.21 -13.95
N CYS L 113 39.24 18.93 -14.92
CA CYS L 113 38.43 20.16 -14.70
C CYS L 113 37.10 20.06 -15.46
N THR L 114 36.02 20.55 -14.85
CA THR L 114 34.65 20.46 -15.40
C THR L 114 34.08 21.82 -15.81
N ARG L 115 34.88 22.89 -15.77
CA ARG L 115 34.37 24.24 -16.10
C ARG L 115 34.08 24.34 -17.59
N CYS L 116 33.01 25.05 -17.92
CA CYS L 116 32.59 25.34 -19.31
C CYS L 116 32.09 26.77 -19.41
N TYR L 117 32.61 27.51 -20.38
CA TYR L 117 32.29 28.94 -20.60
C TYR L 117 31.79 29.12 -22.03
N CYS L 118 31.02 30.18 -22.26
CA CYS L 118 30.51 30.48 -23.61
C CYS L 118 31.59 31.16 -24.44
N PHE L 119 31.35 31.27 -25.74
CA PHE L 119 32.26 31.93 -26.70
C PHE L 119 32.17 33.46 -26.52
N GLU L 120 30.97 33.95 -26.21
CA GLU L 120 30.72 35.41 -26.07
C GLU L 120 31.40 35.98 -24.81
N CYS L 121 31.47 35.22 -23.71
CA CYS L 121 32.22 35.64 -22.51
C CYS L 121 33.69 35.81 -22.85
N VAL L 122 34.28 34.81 -23.52
CA VAL L 122 35.72 34.81 -23.87
C VAL L 122 36.03 35.98 -24.81
N ASP L 123 35.20 36.16 -25.84
CA ASP L 123 35.36 37.28 -26.82
C ASP L 123 35.24 38.62 -26.11
N SER L 124 34.17 38.82 -25.33
CA SER L 124 33.88 40.09 -24.63
C SER L 124 34.99 40.43 -23.63
N LEU L 125 35.50 39.46 -22.87
CA LEU L 125 36.42 39.74 -21.75
C LEU L 125 37.88 39.77 -22.21
N VAL L 126 38.39 38.69 -22.79
CA VAL L 126 39.85 38.57 -23.05
C VAL L 126 40.18 39.11 -24.45
N GLY L 127 39.24 39.07 -25.39
CA GLY L 127 39.43 39.67 -26.72
C GLY L 127 38.82 38.85 -27.84
N PRO L 128 38.44 39.53 -28.94
CA PRO L 128 37.79 38.85 -30.07
C PRO L 128 38.71 37.87 -30.78
N GLY L 129 38.12 36.80 -31.31
CA GLY L 129 38.82 35.77 -32.11
C GLY L 129 39.68 34.84 -31.27
N THR L 130 39.40 34.72 -29.98
CA THR L 130 40.13 33.81 -29.06
C THR L 130 39.26 32.60 -28.71
N SER L 131 37.94 32.79 -28.66
CA SER L 131 36.95 31.72 -28.38
C SER L 131 37.09 30.59 -29.40
N GLY L 132 37.18 30.94 -30.69
CA GLY L 132 37.41 29.98 -31.78
C GLY L 132 38.68 29.18 -31.57
N LYS L 133 39.76 29.85 -31.14
CA LYS L 133 41.06 29.19 -30.84
C LYS L 133 40.90 28.22 -29.68
N VAL L 134 40.17 28.61 -28.63
CA VAL L 134 39.93 27.77 -27.43
C VAL L 134 39.14 26.52 -27.84
N HIS L 135 38.02 26.71 -28.55
CA HIS L 135 37.14 25.61 -29.00
C HIS L 135 37.87 24.70 -30.00
N ALA L 136 38.87 25.22 -30.73
CA ALA L 136 39.55 24.49 -31.81
C ALA L 136 40.30 23.28 -31.25
N MET L 137 40.83 23.37 -30.02
CA MET L 137 41.53 22.24 -29.39
C MET L 137 40.72 21.74 -28.19
N SER L 138 40.89 20.45 -27.87
CA SER L 138 40.29 19.81 -26.67
C SER L 138 41.33 19.71 -25.56
N ASN L 139 42.55 20.20 -25.81
CA ASN L 139 43.67 20.19 -24.82
C ASN L 139 44.13 21.62 -24.54
N TRP L 140 43.19 22.58 -24.49
CA TRP L 140 43.50 23.97 -24.12
C TRP L 140 43.19 24.18 -22.64
N VAL L 141 44.23 24.49 -21.86
CA VAL L 141 44.12 24.67 -20.40
C VAL L 141 43.18 25.83 -20.10
N CYS L 142 42.09 25.55 -19.36
CA CYS L 142 41.06 26.53 -18.98
C CYS L 142 41.63 27.54 -17.99
N TYR L 143 40.80 28.49 -17.57
CA TYR L 143 41.21 29.64 -16.73
C TYR L 143 41.56 29.20 -15.32
N LEU L 144 40.92 28.16 -14.78
CA LEU L 144 41.18 27.72 -13.39
C LEU L 144 42.37 26.77 -13.30
N CYS L 145 42.75 26.11 -14.39
CA CYS L 145 43.87 25.13 -14.38
C CYS L 145 45.22 25.82 -14.64
N LEU L 146 45.20 27.03 -15.20
CA LEU L 146 46.44 27.76 -15.58
C LEU L 146 47.11 28.27 -14.30
N PRO L 147 48.46 28.30 -14.24
CA PRO L 147 49.16 28.81 -13.05
C PRO L 147 48.75 30.23 -12.64
N SER L 148 48.68 31.16 -13.59
CA SER L 148 48.22 32.54 -13.35
C SER L 148 46.77 32.66 -13.78
N SER L 149 45.92 33.23 -12.92
CA SER L 149 44.47 33.35 -13.18
C SER L 149 44.12 34.74 -13.71
N ARG L 150 45.12 35.59 -13.95
CA ARG L 150 44.91 36.93 -14.53
C ARG L 150 45.13 36.84 -16.05
N SER L 151 44.03 36.72 -16.79
CA SER L 151 44.04 36.60 -18.26
C SER L 151 44.06 37.98 -18.93
N GLY L 152 43.58 39.00 -18.23
CA GLY L 152 43.51 40.37 -18.76
C GLY L 152 42.26 41.10 -18.28
N LEU L 153 41.16 40.37 -18.08
CA LEU L 153 39.93 40.95 -17.51
C LEU L 153 39.22 39.90 -16.65
N LEU L 154 39.98 39.06 -15.95
CA LEU L 154 39.43 38.02 -15.05
C LEU L 154 40.22 38.01 -13.75
N GLN L 155 39.51 38.01 -12.61
CA GLN L 155 40.13 37.98 -11.28
C GLN L 155 39.57 36.82 -10.46
N ARG L 156 40.46 35.98 -9.93
CA ARG L 156 40.11 34.80 -9.12
C ARG L 156 39.88 35.25 -7.68
N ARG L 157 39.26 34.38 -6.89
CA ARG L 157 39.01 34.64 -5.45
C ARG L 157 39.72 33.57 -4.62
N ARG L 158 40.39 34.00 -3.55
CA ARG L 158 41.02 33.07 -2.61
C ARG L 158 39.96 32.49 -1.68
N LYS L 159 40.02 31.18 -1.45
CA LYS L 159 39.09 30.41 -0.58
C LYS L 159 37.65 30.71 -0.99
N TRP L 160 37.41 30.67 -2.30
CA TRP L 160 36.14 31.13 -2.93
C TRP L 160 34.93 30.31 -2.45
N ARG L 161 35.11 29.02 -2.15
CA ARG L 161 33.99 28.11 -1.79
C ARG L 161 33.22 28.60 -0.57
N SER L 162 33.88 29.20 0.42
CA SER L 162 33.20 29.69 1.63
C SER L 162 32.35 30.91 1.29
N GLN L 163 32.90 31.80 0.46
CA GLN L 163 32.15 32.96 -0.09
C GLN L 163 30.97 32.44 -0.91
N LEU L 164 31.18 31.36 -1.66
CA LEU L 164 30.14 30.72 -2.52
C LEU L 164 29.01 30.17 -1.65
N LYS L 165 29.34 29.59 -0.51
CA LYS L 165 28.33 29.11 0.47
C LYS L 165 27.53 30.31 0.99
N ALA L 166 28.19 31.42 1.29
CA ALA L 166 27.52 32.67 1.71
C ALA L 166 26.59 33.17 0.59
N PHE L 167 26.98 33.00 -0.68
CA PHE L 167 26.16 33.39 -1.85
C PHE L 167 24.87 32.56 -1.88
N TYR L 168 25.00 31.24 -1.71
CA TYR L 168 23.83 30.34 -1.58
C TYR L 168 22.97 30.74 -0.38
N ASP L 169 23.61 31.11 0.73
CA ASP L 169 22.91 31.46 1.98
C ASP L 169 22.05 32.71 1.81
N ARG L 170 22.48 33.68 0.98
CA ARG L 170 21.77 34.98 0.91
C ARG L 170 20.46 34.85 0.13
N GLU L 171 20.44 34.12 -1.00
CA GLU L 171 19.26 34.14 -1.89
C GLU L 171 18.76 32.76 -2.32
N SER L 172 19.61 31.72 -2.34
CA SER L 172 19.22 30.38 -2.87
C SER L 172 18.10 29.72 -2.08
N GLU L 173 17.71 30.29 -0.93
CA GLU L 173 16.55 29.92 -0.07
C GLU L 173 16.66 28.48 0.44
N ASN L 174 17.78 27.80 0.18
CA ASN L 174 17.97 26.40 0.57
C ASN L 174 19.47 26.21 0.81
N PRO L 175 19.88 25.89 2.05
CA PRO L 175 21.30 25.64 2.35
C PRO L 175 21.74 24.21 2.01
N LEU L 176 22.02 23.97 0.74
CA LEU L 176 22.39 22.62 0.27
C LEU L 176 23.82 22.29 0.70
N GLU L 177 24.04 21.01 0.98
CA GLU L 177 25.26 20.45 1.62
C GLU L 177 26.51 20.89 0.87
N MET L 178 27.32 21.74 1.50
CA MET L 178 28.42 22.43 0.80
C MET L 178 29.73 22.19 1.53
N PHE L 179 30.51 21.27 0.99
CA PHE L 179 31.88 20.96 1.46
C PHE L 179 32.86 21.87 0.74
N GLU L 180 33.91 22.26 1.45
CA GLU L 180 34.97 23.13 0.90
C GLU L 180 35.51 22.48 -0.38
N THR L 181 35.81 23.31 -1.37
CA THR L 181 36.37 22.85 -2.65
C THR L 181 37.83 22.47 -2.43
N VAL L 182 38.31 21.49 -3.18
CA VAL L 182 39.69 20.95 -3.04
C VAL L 182 40.52 21.56 -4.15
N PRO L 183 41.53 22.39 -3.83
CA PRO L 183 42.44 22.90 -4.84
C PRO L 183 43.24 21.81 -5.56
N VAL L 184 43.66 22.12 -6.77
CA VAL L 184 44.47 21.21 -7.62
C VAL L 184 45.83 20.98 -6.97
N TRP L 185 46.45 22.04 -6.44
CA TRP L 185 47.78 21.95 -5.78
C TRP L 185 47.67 21.15 -4.48
N ARG L 186 46.61 21.35 -3.70
CA ARG L 186 46.36 20.59 -2.46
C ARG L 186 45.29 19.54 -2.74
N ARG L 187 45.66 18.54 -3.55
CA ARG L 187 44.75 17.49 -4.03
C ARG L 187 45.16 16.17 -3.38
N GLN L 188 44.18 15.34 -3.05
CA GLN L 188 44.49 14.03 -2.44
C GLN L 188 44.01 12.91 -3.35
N PRO L 189 44.69 11.74 -3.34
CA PRO L 189 44.15 10.54 -3.97
C PRO L 189 42.84 10.16 -3.30
N VAL L 190 41.82 9.88 -4.10
CA VAL L 190 40.48 9.54 -3.55
C VAL L 190 40.57 8.17 -2.91
N ARG L 191 40.00 8.05 -1.71
CA ARG L 191 39.86 6.78 -0.98
C ARG L 191 38.39 6.40 -1.04
N VAL L 192 38.08 5.29 -1.69
CA VAL L 192 36.69 4.93 -2.01
C VAL L 192 36.33 3.66 -1.24
N LEU L 193 35.12 3.64 -0.69
CA LEU L 193 34.54 2.46 -0.02
C LEU L 193 33.23 2.15 -0.73
N SER L 194 33.22 1.08 -1.52
CA SER L 194 32.02 0.68 -2.27
C SER L 194 31.34 -0.46 -1.50
N LEU L 195 30.06 -0.28 -1.19
CA LEU L 195 29.27 -1.25 -0.40
C LEU L 195 28.15 -1.81 -1.26
N PHE L 196 28.12 -3.15 -1.37
CA PHE L 196 27.06 -4.00 -1.95
C PHE L 196 27.03 -3.95 -3.48
N GLU L 197 27.90 -3.15 -4.10
CA GLU L 197 27.93 -2.91 -5.56
C GLU L 197 29.30 -2.33 -5.89
N ASP L 198 29.91 -2.84 -6.96
CA ASP L 198 31.24 -2.38 -7.40
C ASP L 198 31.10 -1.20 -8.34
N ILE L 199 31.97 -0.21 -8.19
CA ILE L 199 32.01 0.96 -9.10
C ILE L 199 33.41 1.19 -9.65
N LYS L 200 34.33 0.23 -9.46
CA LYS L 200 35.73 0.42 -9.88
C LYS L 200 35.81 0.60 -11.41
N LYS L 201 35.01 -0.15 -12.16
CA LYS L 201 34.91 -0.01 -13.63
C LYS L 201 34.44 1.41 -13.97
N GLU L 202 33.35 1.84 -13.33
CA GLU L 202 32.71 3.15 -13.53
C GLU L 202 33.72 4.27 -13.22
N LEU L 203 34.24 4.28 -11.99
CA LEU L 203 35.19 5.32 -11.53
C LEU L 203 36.45 5.31 -12.40
N THR L 204 36.88 4.12 -12.85
CA THR L 204 38.03 4.00 -13.77
C THR L 204 37.69 4.66 -15.10
N SER L 205 36.49 4.38 -15.63
CA SER L 205 35.98 5.05 -16.85
C SER L 205 35.79 6.54 -16.58
N LEU L 206 35.35 6.89 -15.37
CA LEU L 206 35.15 8.29 -14.94
C LEU L 206 36.45 8.93 -14.45
N GLY L 207 37.55 8.19 -14.41
CA GLY L 207 38.86 8.75 -14.07
C GLY L 207 39.08 8.99 -12.59
N PHE L 208 38.35 8.32 -11.71
CA PHE L 208 38.56 8.48 -10.25
C PHE L 208 39.60 7.50 -9.73
N LEU L 209 39.68 6.30 -10.31
CA LEU L 209 40.66 5.27 -9.90
C LEU L 209 41.73 5.12 -10.99
N GLU L 210 42.98 5.05 -10.56
CA GLU L 210 44.12 4.82 -11.46
C GLU L 210 44.14 3.35 -11.88
N SER L 211 44.27 3.10 -13.19
CA SER L 211 44.40 1.74 -13.72
C SER L 211 45.87 1.33 -13.74
N GLY L 212 46.13 0.04 -13.90
CA GLY L 212 47.50 -0.50 -14.01
C GLY L 212 48.21 -0.68 -12.68
N SER L 213 47.96 0.21 -11.72
CA SER L 213 48.57 0.20 -10.37
C SER L 213 47.46 -0.04 -9.34
N ASP L 214 47.65 -1.02 -8.46
CA ASP L 214 46.67 -1.36 -7.42
C ASP L 214 47.21 -1.06 -6.01
N PRO L 215 47.31 0.23 -5.58
CA PRO L 215 47.58 0.51 -4.18
C PRO L 215 46.39 0.16 -3.28
N GLY L 216 45.20 0.03 -3.87
CA GLY L 216 43.96 -0.30 -3.17
C GLY L 216 43.25 0.95 -2.66
N GLN L 217 42.89 1.85 -3.57
CA GLN L 217 42.19 3.10 -3.21
C GLN L 217 40.67 2.91 -3.32
N LEU L 218 40.22 1.71 -3.69
CA LEU L 218 38.81 1.30 -3.62
C LEU L 218 38.77 -0.09 -3.02
N LYS L 219 38.02 -0.25 -1.94
CA LYS L 219 37.79 -1.58 -1.36
C LYS L 219 36.33 -1.95 -1.60
N HIS L 220 36.10 -2.99 -2.40
CA HIS L 220 34.75 -3.55 -2.58
C HIS L 220 34.51 -4.55 -1.46
N VAL L 221 33.41 -4.38 -0.75
CA VAL L 221 33.05 -5.23 0.41
C VAL L 221 31.63 -5.75 0.18
N VAL L 222 31.52 -7.03 -0.21
CA VAL L 222 30.22 -7.66 -0.51
C VAL L 222 29.42 -7.82 0.78
N ASP L 223 30.07 -8.32 1.83
CA ASP L 223 29.42 -8.60 3.13
C ASP L 223 29.99 -7.63 4.17
N VAL L 224 29.11 -6.89 4.85
CA VAL L 224 29.54 -5.86 5.82
C VAL L 224 28.94 -6.10 7.20
N THR L 225 28.21 -7.20 7.40
CA THR L 225 27.54 -7.52 8.67
C THR L 225 28.55 -7.54 9.83
N ASP L 226 29.82 -7.82 9.54
CA ASP L 226 30.87 -7.97 10.59
C ASP L 226 31.93 -6.87 10.47
N THR L 227 31.62 -5.78 9.76
CA THR L 227 32.50 -4.59 9.73
C THR L 227 32.33 -3.82 11.05
N VAL L 228 33.44 -3.31 11.59
CA VAL L 228 33.51 -2.60 12.88
C VAL L 228 34.32 -1.32 12.63
N ARG L 229 34.10 -0.29 13.46
CA ARG L 229 34.85 0.99 13.37
C ARG L 229 36.35 0.73 13.28
N LYS L 230 36.85 -0.23 14.06
CA LYS L 230 38.28 -0.62 14.06
C LYS L 230 38.71 -1.06 12.66
N ASP L 231 37.85 -1.79 11.96
CA ASP L 231 38.12 -2.28 10.59
C ASP L 231 38.28 -1.09 9.64
N VAL L 232 37.35 -0.14 9.72
CA VAL L 232 37.33 1.06 8.85
C VAL L 232 38.57 1.92 9.12
N GLU L 233 38.91 2.11 10.40
CA GLU L 233 40.15 2.80 10.81
C GLU L 233 41.37 2.07 10.26
N GLU L 234 41.35 0.74 10.23
CA GLU L 234 42.45 -0.07 9.68
C GLU L 234 42.51 0.08 8.16
N TRP L 235 41.35 0.22 7.50
CA TRP L 235 41.23 0.31 6.03
C TRP L 235 41.72 1.65 5.49
N GLY L 236 42.06 2.61 6.36
CA GLY L 236 42.53 3.93 5.93
C GLY L 236 41.36 4.89 5.81
N PRO L 237 41.61 6.20 5.98
CA PRO L 237 40.52 7.18 6.07
C PRO L 237 39.84 7.34 4.71
N PHE L 238 38.52 7.46 4.72
CA PHE L 238 37.69 7.49 3.50
C PHE L 238 37.18 8.90 3.24
N ASP L 239 37.11 9.23 1.95
CA ASP L 239 36.61 10.55 1.48
C ASP L 239 35.29 10.38 0.74
N LEU L 240 35.11 9.27 0.03
CA LEU L 240 33.85 8.99 -0.71
C LEU L 240 33.43 7.55 -0.45
N VAL L 241 32.22 7.39 0.07
CA VAL L 241 31.62 6.06 0.33
C VAL L 241 30.38 5.95 -0.54
N TYR L 242 30.39 5.00 -1.47
CA TYR L 242 29.26 4.77 -2.39
C TYR L 242 28.56 3.45 -2.06
N GLY L 243 27.24 3.48 -2.16
CA GLY L 243 26.41 2.27 -2.06
C GLY L 243 25.31 2.33 -3.09
N ALA L 244 24.76 1.16 -3.41
CA ALA L 244 23.68 1.04 -4.41
C ALA L 244 22.90 -0.24 -4.17
N THR L 245 21.63 -0.19 -4.55
CA THR L 245 20.63 -1.27 -4.38
C THR L 245 20.98 -2.42 -5.34
N PRO L 246 20.36 -3.61 -5.22
CA PRO L 246 20.63 -4.68 -6.18
C PRO L 246 20.05 -4.35 -7.54
N PRO L 247 20.50 -4.99 -8.62
CA PRO L 247 19.87 -4.80 -9.92
C PRO L 247 18.49 -5.46 -9.94
N LEU L 248 17.72 -5.18 -10.98
CA LEU L 248 16.27 -5.52 -11.08
C LEU L 248 16.00 -7.02 -11.08
N GLY L 249 17.01 -7.88 -11.17
CA GLY L 249 16.79 -9.34 -11.19
C GLY L 249 16.79 -9.99 -9.82
N HIS L 250 16.80 -9.19 -8.75
CA HIS L 250 16.84 -9.62 -7.33
C HIS L 250 17.85 -10.76 -7.14
N THR L 251 19.13 -10.45 -7.38
CA THR L 251 20.25 -11.40 -7.29
C THR L 251 20.32 -12.03 -5.90
N CYS L 252 20.26 -11.19 -4.85
CA CYS L 252 20.39 -11.65 -3.46
C CYS L 252 19.02 -11.69 -2.78
N ASP L 253 18.88 -12.57 -1.80
CA ASP L 253 17.63 -12.75 -1.02
C ASP L 253 17.73 -12.03 0.34
N ARG L 254 18.05 -10.74 0.29
CA ARG L 254 18.18 -9.88 1.48
C ARG L 254 17.39 -8.60 1.23
N PRO L 255 16.54 -8.16 2.17
CA PRO L 255 15.69 -6.99 1.98
C PRO L 255 16.49 -5.76 1.59
N PRO L 256 15.99 -4.95 0.64
CA PRO L 256 16.79 -3.87 0.07
C PRO L 256 17.13 -2.72 1.04
N SER L 257 16.29 -2.49 2.04
CA SER L 257 16.55 -1.50 3.11
C SER L 257 17.88 -1.79 3.82
N TRP L 258 18.31 -3.07 3.87
CA TRP L 258 19.59 -3.48 4.50
C TRP L 258 20.75 -2.69 3.90
N TYR L 259 20.79 -2.56 2.56
CA TYR L 259 21.85 -1.81 1.87
C TYR L 259 21.87 -0.36 2.36
N LEU L 260 20.69 0.25 2.49
CA LEU L 260 20.53 1.65 2.94
C LEU L 260 21.07 1.79 4.37
N PHE L 261 20.57 0.97 5.30
CA PHE L 261 20.88 1.06 6.73
C PHE L 261 22.36 0.82 7.00
N GLN L 262 22.96 -0.21 6.37
CA GLN L 262 24.40 -0.47 6.52
C GLN L 262 25.19 0.67 5.87
N PHE L 263 24.71 1.18 4.74
CA PHE L 263 25.36 2.32 4.05
C PHE L 263 25.40 3.51 5.00
N HIS L 264 24.30 3.78 5.69
CA HIS L 264 24.22 4.86 6.70
C HIS L 264 25.23 4.62 7.82
N ARG L 265 25.24 3.42 8.40
CA ARG L 265 26.14 3.05 9.52
C ARG L 265 27.61 3.28 9.11
N LEU L 266 28.08 2.58 8.08
CA LEU L 266 29.51 2.66 7.66
C LEU L 266 29.81 4.08 7.20
N LEU L 267 28.80 4.78 6.69
CA LEU L 267 28.91 6.20 6.29
C LEU L 267 29.30 7.03 7.50
N GLN L 268 28.52 6.92 8.58
CA GLN L 268 28.77 7.66 9.85
C GLN L 268 30.14 7.29 10.41
N TYR L 269 30.52 6.00 10.35
CA TYR L 269 31.86 5.55 10.78
C TYR L 269 32.93 6.26 9.97
N ALA L 270 32.73 6.38 8.66
CA ALA L 270 33.75 6.92 7.74
C ALA L 270 33.78 8.45 7.76
N ARG L 271 32.84 9.12 8.43
CA ARG L 271 32.86 10.60 8.50
C ARG L 271 34.06 11.04 9.31
N PRO L 272 34.80 12.08 8.86
CA PRO L 272 35.99 12.54 9.57
C PRO L 272 35.64 13.08 10.97
N LYS L 273 36.64 13.12 11.84
CA LYS L 273 36.51 13.61 13.22
C LYS L 273 35.99 15.04 13.20
N PRO L 274 34.90 15.35 13.93
CA PRO L 274 34.33 16.70 13.92
C PRO L 274 35.33 17.78 14.34
N GLY L 275 35.43 18.82 13.51
CA GLY L 275 36.42 19.90 13.67
C GLY L 275 37.67 19.61 12.88
N SER L 276 37.51 19.24 11.61
CA SER L 276 38.61 18.90 10.70
C SER L 276 38.25 19.29 9.27
N PRO L 277 39.07 20.12 8.59
CA PRO L 277 38.77 20.54 7.22
C PRO L 277 38.96 19.42 6.19
N GLY L 278 38.07 18.43 6.19
CA GLY L 278 38.19 17.28 5.28
C GLY L 278 36.90 17.01 4.53
N PRO L 279 36.97 16.71 3.21
CA PRO L 279 35.77 16.42 2.43
C PRO L 279 35.27 15.00 2.68
N PHE L 280 33.95 14.88 2.86
CA PHE L 280 33.28 13.57 2.97
C PHE L 280 32.03 13.57 2.11
N PHE L 281 32.04 12.77 1.04
CA PHE L 281 30.91 12.66 0.10
C PHE L 281 30.28 11.30 0.23
N TRP L 282 28.96 11.26 0.00
CA TRP L 282 28.23 10.00 -0.02
C TRP L 282 27.16 10.02 -1.10
N MET L 283 26.72 8.81 -1.47
CA MET L 283 25.67 8.62 -2.49
C MET L 283 25.08 7.22 -2.35
N PHE L 284 23.78 7.16 -2.09
CA PHE L 284 23.01 5.90 -2.10
C PHE L 284 22.06 5.95 -3.29
N VAL L 285 22.04 4.87 -4.07
CA VAL L 285 21.30 4.83 -5.35
C VAL L 285 20.31 3.67 -5.33
N ASP L 286 19.05 3.98 -5.64
CA ASP L 286 17.93 3.02 -5.66
C ASP L 286 17.39 2.88 -7.08
N ASN L 287 17.41 1.66 -7.63
CA ASN L 287 16.81 1.38 -8.94
C ASN L 287 15.40 0.85 -8.74
N LEU L 288 14.56 1.65 -8.07
CA LEU L 288 13.12 1.38 -7.83
C LEU L 288 12.91 0.01 -7.21
N VAL L 289 13.68 -0.32 -6.17
CA VAL L 289 13.56 -1.63 -5.48
C VAL L 289 13.01 -1.42 -4.07
N LEU L 290 12.87 -0.16 -3.63
CA LEU L 290 12.30 0.19 -2.31
C LEU L 290 10.95 0.87 -2.55
N ASN L 291 9.92 0.45 -1.82
CA ASN L 291 8.57 1.03 -1.92
C ASN L 291 8.55 2.39 -1.22
N LYS L 292 7.38 3.03 -1.18
CA LYS L 292 7.21 4.42 -0.67
C LYS L 292 7.55 4.48 0.82
N GLU L 293 7.25 3.42 1.58
CA GLU L 293 7.59 3.33 3.02
C GLU L 293 9.10 3.46 3.19
N ASP L 294 9.85 2.55 2.56
CA ASP L 294 11.32 2.53 2.59
C ASP L 294 11.89 3.79 1.96
N LEU L 295 11.18 4.36 0.98
CA LEU L 295 11.63 5.59 0.30
C LEU L 295 11.62 6.76 1.27
N ASP L 296 10.51 6.94 2.00
CA ASP L 296 10.40 7.99 3.05
C ASP L 296 11.44 7.75 4.14
N VAL L 297 11.63 6.49 4.54
CA VAL L 297 12.63 6.12 5.57
C VAL L 297 14.02 6.59 5.12
N ALA L 298 14.42 6.23 3.90
CA ALA L 298 15.73 6.62 3.33
C ALA L 298 15.83 8.13 3.23
N SER L 299 14.76 8.79 2.80
CA SER L 299 14.73 10.27 2.65
C SER L 299 14.91 10.94 4.01
N ARG L 300 14.35 10.34 5.05
CA ARG L 300 14.43 10.88 6.43
C ARG L 300 15.86 10.75 6.97
N PHE L 301 16.47 9.58 6.82
CA PHE L 301 17.83 9.34 7.35
C PHE L 301 18.85 10.18 6.60
N LEU L 302 18.73 10.23 5.28
CA LEU L 302 19.67 11.00 4.44
C LEU L 302 19.27 12.47 4.40
N GLU L 303 18.15 12.84 5.05
CA GLU L 303 17.74 14.23 5.33
C GLU L 303 17.61 15.04 4.03
N MET L 304 16.96 14.46 3.02
CA MET L 304 16.64 15.15 1.75
C MET L 304 15.70 14.29 0.93
N GLU L 305 15.04 14.92 -0.03
CA GLU L 305 14.14 14.24 -0.98
C GLU L 305 14.97 13.54 -2.05
N PRO L 306 14.50 12.40 -2.59
CA PRO L 306 15.28 11.64 -3.57
C PRO L 306 15.48 12.40 -4.88
N VAL L 307 16.22 11.80 -5.82
CA VAL L 307 16.41 12.39 -7.17
C VAL L 307 16.10 11.32 -8.21
N THR L 308 14.95 11.45 -8.89
CA THR L 308 14.50 10.51 -9.94
C THR L 308 15.11 10.93 -11.27
N ILE L 309 15.82 10.02 -11.92
CA ILE L 309 16.48 10.26 -13.22
C ILE L 309 15.90 9.32 -14.26
N PRO L 310 15.31 9.83 -15.36
CA PRO L 310 14.86 8.98 -16.45
C PRO L 310 15.97 8.80 -17.49
N ASP L 311 15.90 7.70 -18.24
CA ASP L 311 16.89 7.37 -19.28
C ASP L 311 16.29 7.69 -20.65
N VAL L 312 17.17 7.81 -21.64
CA VAL L 312 16.83 8.17 -23.04
C VAL L 312 15.70 7.27 -23.53
N HIS L 313 14.58 7.89 -23.91
CA HIS L 313 13.41 7.23 -24.50
C HIS L 313 13.80 6.48 -25.78
N GLY L 314 13.38 5.22 -25.88
CA GLY L 314 13.50 4.45 -27.12
C GLY L 314 12.12 4.27 -27.73
N GLY L 315 11.26 5.29 -27.54
CA GLY L 315 9.88 5.29 -28.00
C GLY L 315 8.91 5.79 -26.94
N SER L 316 9.03 5.30 -25.69
CA SER L 316 8.08 5.65 -24.62
C SER L 316 8.82 6.03 -23.33
N LEU L 317 9.58 5.11 -22.75
CA LEU L 317 10.29 5.22 -21.46
C LEU L 317 11.13 3.96 -21.28
N GLN L 318 12.28 4.06 -20.63
CA GLN L 318 13.21 2.91 -20.55
C GLN L 318 13.37 2.42 -19.10
N ASN L 319 13.99 3.21 -18.24
CA ASN L 319 14.19 2.89 -16.81
C ASN L 319 14.53 4.17 -16.08
N ALA L 320 14.44 4.14 -14.77
CA ALA L 320 14.66 5.34 -13.94
C ALA L 320 15.28 4.92 -12.61
N VAL L 321 15.85 5.90 -11.94
CA VAL L 321 16.69 5.65 -10.74
C VAL L 321 16.58 6.84 -9.79
N ARG L 322 16.44 6.55 -8.50
CA ARG L 322 16.46 7.57 -7.43
C ARG L 322 17.81 7.57 -6.75
N VAL L 323 18.29 8.77 -6.41
CA VAL L 323 19.67 8.99 -5.91
C VAL L 323 19.59 9.98 -4.75
N TRP L 324 20.17 9.60 -3.60
CA TRP L 324 20.50 10.52 -2.50
C TRP L 324 22.00 10.78 -2.50
N SER L 325 22.40 12.01 -2.27
CA SER L 325 23.81 12.40 -2.18
C SER L 325 23.95 13.80 -1.62
N ASN L 326 25.16 14.15 -1.24
CA ASN L 326 25.49 15.52 -0.78
C ASN L 326 26.40 16.19 -1.79
N ILE L 327 26.62 15.57 -2.96
CA ILE L 327 27.49 16.10 -4.03
C ILE L 327 26.78 17.27 -4.71
N PRO L 328 27.48 18.40 -4.96
CA PRO L 328 26.85 19.57 -5.58
C PRO L 328 26.12 19.28 -6.89
N ALA L 329 25.03 20.03 -7.12
CA ALA L 329 24.18 19.98 -8.32
C ALA L 329 23.68 18.56 -8.55
N ILE L 330 23.25 17.89 -7.48
CA ILE L 330 22.68 16.52 -7.59
C ILE L 330 21.18 16.53 -7.27
N ARG L 331 20.71 17.41 -6.40
CA ARG L 331 19.29 17.48 -6.01
C ARG L 331 18.44 18.00 -7.17
N SER L 332 18.95 18.97 -7.92
CA SER L 332 18.23 19.59 -9.06
C SER L 332 18.23 18.70 -10.31
N ARG L 333 18.84 17.52 -10.23
CA ARG L 333 18.95 16.58 -11.38
C ARG L 333 17.59 15.98 -11.71
N HIS L 334 16.67 15.93 -10.74
CA HIS L 334 15.32 15.35 -10.97
C HIS L 334 14.56 16.26 -11.93
N TRP L 335 13.77 15.65 -12.80
CA TRP L 335 13.02 16.36 -13.86
C TRP L 335 11.54 16.31 -13.50
N ALA L 336 10.92 17.48 -13.34
CA ALA L 336 9.51 17.63 -12.93
C ALA L 336 8.54 16.93 -13.89
N LEU L 337 8.92 16.73 -15.16
CA LEU L 337 8.08 16.05 -16.15
C LEU L 337 7.82 14.60 -15.73
N VAL L 338 8.79 13.99 -15.06
CA VAL L 338 8.73 12.55 -14.65
C VAL L 338 7.64 12.39 -13.59
N SER L 339 6.61 11.62 -13.94
CA SER L 339 5.46 11.39 -13.05
C SER L 339 5.73 10.18 -12.16
N GLU L 340 4.94 10.06 -11.09
CA GLU L 340 5.01 8.95 -10.11
C GLU L 340 4.32 7.70 -10.67
N GLU L 341 3.13 7.84 -11.24
CA GLU L 341 2.32 6.69 -11.69
C GLU L 341 3.03 5.96 -12.84
N GLU L 342 3.56 6.70 -13.81
CA GLU L 342 4.33 6.13 -14.94
C GLU L 342 5.55 5.39 -14.38
N LEU L 343 6.15 5.95 -13.34
CA LEU L 343 7.34 5.36 -12.68
C LEU L 343 6.96 4.06 -11.98
N SER L 344 5.82 4.05 -11.29
CA SER L 344 5.26 2.85 -10.63
C SER L 344 5.00 1.75 -11.66
N LEU L 345 4.45 2.13 -12.82
CA LEU L 345 4.13 1.14 -13.89
C LEU L 345 5.41 0.54 -14.44
N LEU L 346 6.41 1.40 -14.74
CA LEU L 346 7.74 0.96 -15.21
C LEU L 346 8.37 0.03 -14.18
N ALA L 347 8.28 0.37 -12.90
CA ALA L 347 8.84 -0.43 -11.79
C ALA L 347 8.21 -1.83 -11.81
N GLN L 348 6.88 -1.90 -11.94
CA GLN L 348 6.15 -3.17 -11.87
C GLN L 348 6.34 -3.98 -13.15
N ASN L 349 6.61 -3.32 -14.28
CA ASN L 349 6.88 -4.03 -15.55
C ASN L 349 8.33 -4.54 -15.57
N LYS L 350 9.21 -3.87 -14.83
CA LYS L 350 10.65 -4.23 -14.72
C LYS L 350 10.82 -5.31 -13.66
N GLN L 351 10.21 -5.14 -12.48
CA GLN L 351 10.33 -6.13 -11.38
C GLN L 351 9.83 -7.50 -11.83
N SER L 352 8.63 -7.56 -12.42
CA SER L 352 8.00 -8.84 -12.83
C SER L 352 8.70 -9.43 -14.04
N SER L 353 9.04 -8.62 -15.04
CA SER L 353 9.67 -9.10 -16.29
C SER L 353 11.14 -9.46 -16.03
N LYS L 354 11.90 -8.51 -15.46
CA LYS L 354 13.35 -8.57 -15.18
C LYS L 354 14.12 -9.19 -16.35
N LEU L 355 14.02 -8.58 -17.53
CA LEU L 355 14.77 -9.06 -18.71
C LEU L 355 16.25 -8.75 -18.53
N ALA L 356 16.62 -7.47 -18.42
CA ALA L 356 18.00 -7.07 -18.13
C ALA L 356 18.22 -7.09 -16.62
N ALA L 357 19.41 -7.51 -16.20
CA ALA L 357 19.76 -7.63 -14.77
C ALA L 357 21.11 -6.99 -14.48
N LYS L 358 21.52 -6.01 -15.30
CA LYS L 358 22.78 -5.31 -14.98
C LYS L 358 22.42 -4.18 -14.03
N TRP L 359 23.22 -3.96 -12.97
CA TRP L 359 23.11 -2.68 -12.24
C TRP L 359 23.30 -1.56 -13.25
N PRO L 360 22.40 -0.55 -13.30
CA PRO L 360 22.58 0.55 -14.25
C PRO L 360 23.74 1.46 -13.85
N THR L 361 24.96 0.96 -14.03
CA THR L 361 26.20 1.71 -13.73
C THR L 361 26.27 2.98 -14.56
N LYS L 362 25.84 2.91 -15.81
CA LYS L 362 25.89 4.05 -16.74
C LYS L 362 24.89 5.13 -16.34
N LEU L 363 23.75 4.72 -15.77
CA LEU L 363 22.70 5.67 -15.33
C LEU L 363 23.22 6.53 -14.16
N VAL L 364 23.96 5.90 -13.23
CA VAL L 364 24.47 6.58 -12.01
C VAL L 364 25.92 7.02 -12.24
N LYS L 365 26.47 6.72 -13.41
CA LYS L 365 27.84 7.11 -13.78
C LYS L 365 27.93 8.63 -13.86
N ASN L 366 26.95 9.25 -14.49
CA ASN L 366 26.97 10.70 -14.79
C ASN L 366 26.99 11.52 -13.51
N CYS L 367 26.23 11.09 -12.49
CA CYS L 367 25.93 11.92 -11.30
C CYS L 367 27.20 12.29 -10.52
N PHE L 368 28.29 11.54 -10.69
CA PHE L 368 29.55 11.86 -10.00
C PHE L 368 30.29 13.01 -10.69
N LEU L 369 29.85 13.43 -11.88
CA LEU L 369 30.57 14.42 -12.72
C LEU L 369 30.89 15.75 -11.99
N PRO L 370 30.02 16.35 -11.15
CA PRO L 370 30.44 17.55 -10.42
C PRO L 370 31.60 17.33 -9.44
N LEU L 371 31.74 16.07 -8.95
CA LEU L 371 32.81 15.64 -8.02
C LEU L 371 34.20 15.76 -8.67
N ARG L 372 34.28 15.83 -10.00
CA ARG L 372 35.55 15.93 -10.76
C ARG L 372 36.49 17.00 -10.19
N GLU L 373 35.96 18.14 -9.74
CA GLU L 373 36.81 19.24 -9.23
C GLU L 373 37.31 18.95 -7.82
N TYR L 374 36.90 17.83 -7.21
CA TYR L 374 37.25 17.50 -5.82
C TYR L 374 38.40 16.51 -5.73
N PHE L 375 38.52 15.58 -6.68
CA PHE L 375 39.63 14.60 -6.66
C PHE L 375 40.35 14.56 -8.00
N LYS L 376 41.47 13.86 -7.99
CA LYS L 376 42.39 13.75 -9.14
C LYS L 376 41.78 12.83 -10.19
N TYR L 377 41.94 13.21 -11.46
CA TYR L 377 41.41 12.48 -12.62
C TYR L 377 42.54 11.75 -13.32
N PHE L 378 42.30 10.48 -13.66
CA PHE L 378 43.23 9.64 -14.43
C PHE L 378 42.70 9.49 -15.85
N SER L 379 43.41 10.07 -16.81
CA SER L 379 43.04 10.03 -18.25
C SER L 379 43.50 8.69 -18.86
N PRO M 397 -40.46 10.85 69.07
CA PRO M 397 -39.06 11.30 68.94
C PRO M 397 -38.15 10.67 70.01
N LYS M 398 -37.15 9.92 69.56
CA LYS M 398 -36.20 9.20 70.44
C LYS M 398 -34.79 9.70 70.14
N VAL M 399 -34.27 10.56 71.01
CA VAL M 399 -32.92 11.15 70.88
C VAL M 399 -32.04 10.59 71.99
N TYR M 400 -30.92 9.98 71.61
CA TYR M 400 -30.01 9.29 72.55
C TYR M 400 -29.09 10.30 73.21
N PRO M 401 -28.80 10.15 74.51
CA PRO M 401 -27.86 11.04 75.19
C PRO M 401 -26.42 10.72 74.78
N PRO M 402 -25.49 11.68 74.90
CA PRO M 402 -24.09 11.43 74.56
C PRO M 402 -23.43 10.43 75.51
N VAL M 403 -22.72 9.47 74.92
CA VAL M 403 -22.02 8.40 75.67
C VAL M 403 -20.66 8.92 76.11
N PRO M 404 -20.27 8.79 77.40
CA PRO M 404 -18.95 9.21 77.83
C PRO M 404 -17.83 8.35 77.22
N ALA M 405 -16.66 8.97 77.06
CA ALA M 405 -15.58 8.49 76.16
C ALA M 405 -15.07 7.12 76.58
N GLU M 406 -14.91 6.89 77.90
CA GLU M 406 -14.37 5.63 78.43
C GLU M 406 -15.31 4.46 78.13
N LYS M 407 -16.60 4.74 77.96
CA LYS M 407 -17.62 3.69 77.69
C LYS M 407 -17.72 3.39 76.19
N ARG M 408 -17.17 4.26 75.34
CA ARG M 408 -17.32 4.16 73.87
C ARG M 408 -16.68 2.86 73.36
N LYS M 409 -17.30 2.29 72.33
CA LYS M 409 -16.93 0.99 71.75
C LYS M 409 -16.79 1.13 70.24
N PRO M 410 -16.12 0.19 69.55
CA PRO M 410 -16.12 0.17 68.09
C PRO M 410 -17.53 0.05 67.49
N ILE M 411 -17.75 0.77 66.39
CA ILE M 411 -19.05 0.84 65.71
C ILE M 411 -19.26 -0.46 64.91
N ARG M 412 -20.49 -0.95 64.90
CA ARG M 412 -20.89 -2.10 64.07
C ARG M 412 -21.87 -1.60 63.02
N VAL M 413 -21.51 -1.77 61.74
CA VAL M 413 -22.17 -1.07 60.63
C VAL M 413 -22.76 -2.10 59.67
N LEU M 414 -24.05 -1.96 59.39
CA LEU M 414 -24.72 -2.62 58.26
C LEU M 414 -24.89 -1.59 57.15
N SER M 415 -24.41 -1.90 55.95
CA SER M 415 -24.48 -1.01 54.78
C SER M 415 -25.16 -1.76 53.65
N LEU M 416 -26.43 -1.46 53.42
CA LEU M 416 -27.21 -2.14 52.37
C LEU M 416 -27.16 -1.29 51.12
N PHE M 417 -27.11 -1.95 49.97
CA PHE M 417 -26.75 -1.33 48.68
C PHE M 417 -25.48 -0.51 48.89
N ASP M 418 -24.50 -1.20 49.46
CA ASP M 418 -23.22 -0.62 49.90
C ASP M 418 -22.46 -0.02 48.71
N GLY M 419 -22.61 -0.61 47.53
CA GLY M 419 -21.87 -0.18 46.34
C GLY M 419 -20.38 -0.34 46.56
N ILE M 420 -19.63 0.75 46.44
CA ILE M 420 -18.15 0.69 46.44
C ILE M 420 -17.61 0.93 47.84
N ALA M 421 -18.44 0.69 48.86
CA ALA M 421 -18.08 0.78 50.29
C ALA M 421 -17.58 2.18 50.62
N THR M 422 -18.36 3.19 50.23
CA THR M 422 -18.07 4.61 50.53
C THR M 422 -18.18 4.84 52.04
N GLY M 423 -19.17 4.24 52.69
CA GLY M 423 -19.45 4.46 54.12
C GLY M 423 -18.31 4.04 55.02
N LEU M 424 -17.70 2.87 54.76
CA LEU M 424 -16.56 2.39 55.56
C LEU M 424 -15.38 3.33 55.38
N LEU M 425 -15.14 3.78 54.15
CA LEU M 425 -14.02 4.69 53.82
C LEU M 425 -14.18 6.01 54.56
N VAL M 426 -15.40 6.55 54.63
CA VAL M 426 -15.68 7.82 55.32
C VAL M 426 -15.49 7.65 56.83
N LEU M 427 -15.96 6.54 57.40
CA LEU M 427 -15.80 6.26 58.85
C LEU M 427 -14.31 6.16 59.21
N LYS M 428 -13.54 5.47 58.37
CA LYS M 428 -12.07 5.36 58.54
C LYS M 428 -11.44 6.75 58.48
N ASP M 429 -11.76 7.52 57.43
CA ASP M 429 -11.30 8.93 57.28
C ASP M 429 -11.65 9.75 58.52
N LEU M 430 -12.75 9.43 59.21
CA LEU M 430 -13.17 10.12 60.45
C LEU M 430 -12.54 9.46 61.68
N GLY M 431 -11.87 8.33 61.51
CA GLY M 431 -11.10 7.69 62.59
C GLY M 431 -11.99 7.05 63.64
N ILE M 432 -13.09 6.43 63.22
CA ILE M 432 -13.95 5.62 64.11
C ILE M 432 -13.51 4.16 63.97
N GLN M 433 -13.28 3.49 65.11
CA GLN M 433 -12.94 2.06 65.13
C GLN M 433 -14.12 1.26 64.58
N VAL M 434 -13.85 0.38 63.61
CA VAL M 434 -14.89 -0.42 62.95
C VAL M 434 -14.73 -1.88 63.37
N ASP M 435 -15.63 -2.36 64.22
CA ASP M 435 -15.67 -3.78 64.63
C ASP M 435 -15.89 -4.65 63.40
N ARG M 436 -16.96 -4.37 62.65
CA ARG M 436 -17.37 -5.16 61.48
C ARG M 436 -18.05 -4.23 60.47
N TYR M 437 -18.07 -4.67 59.21
CA TYR M 437 -18.68 -3.91 58.10
C TYR M 437 -19.26 -4.91 57.11
N ILE M 438 -20.52 -5.26 57.30
CA ILE M 438 -21.23 -6.23 56.43
C ILE M 438 -21.86 -5.45 55.29
N ALA M 439 -21.77 -6.00 54.08
CA ALA M 439 -22.22 -5.32 52.84
C ALA M 439 -22.92 -6.31 51.91
N SER M 440 -24.11 -5.91 51.45
CA SER M 440 -24.86 -6.59 50.37
C SER M 440 -24.60 -5.87 49.04
N GLU M 441 -24.21 -6.64 48.03
CA GLU M 441 -24.02 -6.16 46.64
C GLU M 441 -23.89 -7.36 45.72
N VAL M 442 -24.19 -7.15 44.43
CA VAL M 442 -24.32 -8.25 43.46
C VAL M 442 -23.40 -8.03 42.25
N CYS M 443 -23.01 -6.81 41.95
CA CYS M 443 -22.18 -6.53 40.75
C CYS M 443 -20.70 -6.69 41.09
N GLU M 444 -20.02 -7.55 40.32
CA GLU M 444 -18.65 -8.02 40.60
C GLU M 444 -17.68 -6.84 40.70
N ASP M 445 -17.84 -5.86 39.81
CA ASP M 445 -16.99 -4.65 39.75
C ASP M 445 -16.99 -3.95 41.11
N SER M 446 -18.17 -3.73 41.67
CA SER M 446 -18.32 -3.09 43.00
C SER M 446 -17.83 -4.02 44.10
N ILE M 447 -18.05 -5.33 43.95
CA ILE M 447 -17.64 -6.34 44.97
C ILE M 447 -16.14 -6.25 45.20
N THR M 448 -15.37 -6.19 44.11
CA THR M 448 -13.89 -6.15 44.15
C THR M 448 -13.38 -4.91 44.89
N VAL M 449 -14.00 -3.75 44.67
CA VAL M 449 -13.57 -2.43 45.21
C VAL M 449 -13.34 -2.54 46.72
N GLY M 450 -14.37 -2.97 47.45
CA GLY M 450 -14.32 -3.03 48.92
C GLY M 450 -13.25 -4.01 49.40
N MET M 451 -13.23 -5.21 48.81
CA MET M 451 -12.23 -6.27 49.09
C MET M 451 -10.82 -5.69 49.05
N VAL M 452 -10.46 -5.07 47.94
CA VAL M 452 -9.08 -4.54 47.75
C VAL M 452 -8.86 -3.38 48.71
N ARG M 453 -9.70 -2.34 48.64
CA ARG M 453 -9.47 -1.06 49.35
C ARG M 453 -9.49 -1.24 50.87
N HIS M 454 -10.20 -2.25 51.40
CA HIS M 454 -10.39 -2.41 52.86
C HIS M 454 -9.84 -3.75 53.36
N GLN M 455 -9.07 -4.46 52.53
CA GLN M 455 -8.19 -5.59 52.93
C GLN M 455 -9.02 -6.76 53.46
N GLY M 456 -10.12 -7.11 52.79
CA GLY M 456 -10.91 -8.31 53.09
C GLY M 456 -11.82 -8.16 54.30
N LYS M 457 -11.71 -7.05 55.05
CA LYS M 457 -12.43 -6.82 56.32
C LYS M 457 -13.95 -6.86 56.11
N ILE M 458 -14.42 -6.49 54.93
CA ILE M 458 -15.86 -6.36 54.66
C ILE M 458 -16.47 -7.75 54.51
N MET M 459 -17.49 -8.04 55.30
CA MET M 459 -18.26 -9.31 55.19
C MET M 459 -19.30 -9.17 54.08
N TYR M 460 -19.02 -9.77 52.93
CA TYR M 460 -19.92 -9.76 51.78
C TYR M 460 -20.99 -10.82 51.96
N VAL M 461 -22.23 -10.43 51.75
CA VAL M 461 -23.32 -11.43 51.69
C VAL M 461 -23.63 -11.71 50.23
N GLY M 462 -24.20 -10.72 49.55
CA GLY M 462 -24.69 -10.88 48.17
C GLY M 462 -26.03 -10.20 48.03
N ASP M 463 -26.98 -10.89 47.39
CA ASP M 463 -28.39 -10.43 47.28
C ASP M 463 -28.90 -9.97 48.64
N VAL M 464 -29.44 -8.75 48.68
CA VAL M 464 -30.08 -8.19 49.90
C VAL M 464 -31.34 -9.00 50.21
N ARG M 465 -31.97 -9.58 49.17
CA ARG M 465 -33.20 -10.38 49.29
C ARG M 465 -32.88 -11.77 49.85
N SER M 466 -31.61 -12.07 50.09
CA SER M 466 -31.16 -13.31 50.74
C SER M 466 -30.84 -13.07 52.22
N VAL M 467 -30.88 -11.81 52.66
CA VAL M 467 -30.53 -11.44 54.05
C VAL M 467 -31.80 -11.47 54.89
N THR M 468 -31.85 -12.38 55.87
CA THR M 468 -33.00 -12.58 56.77
C THR M 468 -32.74 -11.95 58.13
N GLN M 469 -33.78 -11.82 58.94
CA GLN M 469 -33.70 -11.29 60.32
C GLN M 469 -32.83 -12.21 61.18
N LYS M 470 -32.85 -13.51 60.88
CA LYS M 470 -32.00 -14.52 61.54
C LYS M 470 -30.52 -14.19 61.28
N HIS M 471 -30.16 -14.00 60.00
CA HIS M 471 -28.83 -13.55 59.56
C HIS M 471 -28.43 -12.27 60.32
N ILE M 472 -29.30 -11.27 60.35
CA ILE M 472 -29.03 -9.97 61.01
C ILE M 472 -28.75 -10.20 62.50
N GLN M 473 -29.52 -11.10 63.12
CA GLN M 473 -29.43 -11.37 64.57
C GLN M 473 -28.11 -12.08 64.88
N GLU M 474 -27.74 -13.08 64.08
CA GLU M 474 -26.53 -13.88 64.34
C GLU M 474 -25.26 -13.11 63.95
N TRP M 475 -25.40 -12.05 63.15
CA TRP M 475 -24.28 -11.15 62.80
C TRP M 475 -24.07 -10.09 63.88
N GLY M 476 -24.77 -10.20 65.00
CA GLY M 476 -24.59 -9.30 66.15
C GLY M 476 -25.29 -7.97 65.92
N PRO M 477 -25.57 -7.22 67.00
CA PRO M 477 -26.21 -5.91 66.89
C PRO M 477 -25.40 -4.94 66.04
N PHE M 478 -26.08 -4.11 65.27
CA PHE M 478 -25.45 -3.07 64.43
C PHE M 478 -25.66 -1.71 65.07
N ASP M 479 -24.65 -0.85 64.95
CA ASP M 479 -24.65 0.51 65.53
C ASP M 479 -24.96 1.58 64.49
N LEU M 480 -24.78 1.29 63.20
CA LEU M 480 -24.98 2.29 62.13
C LEU M 480 -25.43 1.55 60.86
N VAL M 481 -26.60 1.91 60.34
CA VAL M 481 -27.13 1.33 59.08
C VAL M 481 -27.22 2.45 58.05
N ILE M 482 -26.66 2.20 56.85
CA ILE M 482 -26.59 3.23 55.77
C ILE M 482 -26.91 2.59 54.42
N GLY M 483 -27.38 3.41 53.47
CA GLY M 483 -27.67 2.91 52.12
C GLY M 483 -28.39 3.84 51.17
N GLY M 484 -28.27 3.54 49.87
CA GLY M 484 -29.01 4.21 48.78
C GLY M 484 -29.48 3.25 47.70
N SER M 485 -30.81 3.07 47.58
CA SER M 485 -31.46 2.18 46.58
C SER M 485 -31.29 2.75 45.17
N PRO M 486 -31.39 1.90 44.12
CA PRO M 486 -31.30 2.40 42.74
C PRO M 486 -32.19 3.61 42.44
N CYS M 487 -31.63 4.59 41.73
CA CYS M 487 -32.20 5.95 41.63
C CYS M 487 -32.76 6.31 40.25
N ASN M 488 -32.49 5.54 39.20
CA ASN M 488 -32.91 5.96 37.83
C ASN M 488 -34.21 5.26 37.40
N ASP M 489 -34.82 4.46 38.28
CA ASP M 489 -36.24 4.06 38.14
C ASP M 489 -37.15 4.99 38.93
N LEU M 490 -36.58 5.93 39.69
CA LEU M 490 -37.34 6.95 40.43
C LEU M 490 -37.31 8.28 39.67
N SER M 491 -36.18 8.60 39.05
CA SER M 491 -35.96 9.87 38.32
C SER M 491 -37.00 10.04 37.22
N ILE M 492 -37.59 11.22 37.14
CA ILE M 492 -38.71 11.50 36.22
C ILE M 492 -38.17 11.67 34.79
N VAL M 493 -36.89 12.02 34.66
CA VAL M 493 -36.26 12.37 33.36
C VAL M 493 -35.98 11.14 32.51
N ASN M 494 -36.19 9.93 33.04
CA ASN M 494 -36.09 8.69 32.24
C ASN M 494 -37.50 8.28 31.82
N PRO M 495 -37.85 8.37 30.52
CA PRO M 495 -39.23 8.09 30.08
C PRO M 495 -39.77 6.71 30.47
N ALA M 496 -38.91 5.69 30.53
CA ALA M 496 -39.32 4.28 30.71
C ALA M 496 -39.43 3.92 32.19
N ARG M 497 -39.19 4.89 33.08
CA ARG M 497 -39.20 4.72 34.56
C ARG M 497 -40.40 3.90 35.02
N LYS M 498 -40.22 3.16 36.12
CA LYS M 498 -41.26 2.31 36.73
C LYS M 498 -41.69 2.85 38.10
N GLY M 499 -41.10 3.96 38.56
CA GLY M 499 -41.53 4.65 39.78
C GLY M 499 -40.90 4.10 41.04
N LEU M 500 -41.70 3.85 42.07
CA LEU M 500 -41.23 3.42 43.41
C LEU M 500 -41.65 1.97 43.71
N TYR M 501 -42.77 1.50 43.17
CA TYR M 501 -43.30 0.15 43.51
C TYR M 501 -43.00 -0.88 42.42
N GLU M 502 -42.38 -0.48 41.32
CA GLU M 502 -42.14 -1.39 40.18
C GLU M 502 -40.68 -1.34 39.75
N GLY M 503 -40.24 -2.40 39.05
CA GLY M 503 -38.86 -2.54 38.59
C GLY M 503 -37.88 -2.57 39.74
N THR M 504 -36.84 -1.74 39.69
CA THR M 504 -35.77 -1.68 40.70
C THR M 504 -36.09 -0.66 41.79
N GLY M 505 -37.16 0.11 41.64
CA GLY M 505 -37.57 1.08 42.66
C GLY M 505 -37.87 0.42 43.99
N ARG M 506 -38.50 -0.76 43.93
CA ARG M 506 -38.97 -1.54 45.11
C ARG M 506 -37.82 -2.13 45.93
N LEU M 507 -36.56 -1.95 45.49
CA LEU M 507 -35.39 -2.52 46.19
C LEU M 507 -35.14 -1.80 47.53
N PHE M 508 -35.65 -0.58 47.70
CA PHE M 508 -35.51 0.18 48.95
C PHE M 508 -36.17 -0.54 50.12
N PHE M 509 -37.31 -1.20 49.88
CA PHE M 509 -38.13 -1.85 50.92
C PHE M 509 -37.35 -2.96 51.63
N GLU M 510 -36.45 -3.65 50.94
CA GLU M 510 -35.53 -4.63 51.57
C GLU M 510 -34.68 -3.92 52.63
N PHE M 511 -34.07 -2.78 52.27
CA PHE M 511 -33.27 -1.93 53.19
C PHE M 511 -34.11 -1.49 54.39
N TYR M 512 -35.32 -1.01 54.12
CA TYR M 512 -36.29 -0.58 55.16
C TYR M 512 -36.57 -1.73 56.13
N ARG M 513 -36.77 -2.94 55.61
CA ARG M 513 -37.01 -4.15 56.42
C ARG M 513 -35.80 -4.43 57.32
N LEU M 514 -34.62 -4.56 56.72
CA LEU M 514 -33.42 -4.99 57.47
C LEU M 514 -32.98 -3.92 58.46
N LEU M 515 -33.19 -2.64 58.11
CA LEU M 515 -32.97 -1.52 59.06
C LEU M 515 -33.88 -1.70 60.28
N HIS M 516 -35.16 -1.98 60.05
CA HIS M 516 -36.14 -2.19 61.15
C HIS M 516 -35.70 -3.37 62.01
N ASP M 517 -35.27 -4.46 61.37
CA ASP M 517 -34.82 -5.68 62.07
C ASP M 517 -33.54 -5.38 62.86
N ALA M 518 -32.69 -4.49 62.35
CA ALA M 518 -31.40 -4.17 62.99
C ALA M 518 -31.60 -3.11 64.08
N ARG M 519 -32.76 -2.46 64.11
CA ARG M 519 -33.04 -1.40 65.09
C ARG M 519 -33.29 -2.03 66.45
N PRO M 520 -32.73 -1.47 67.54
CA PRO M 520 -33.04 -1.94 68.88
C PRO M 520 -34.53 -1.78 69.22
N LYS M 521 -35.03 -2.74 70.01
CA LYS M 521 -36.40 -2.73 70.52
C LYS M 521 -36.58 -1.61 71.53
N GLU M 522 -37.83 -1.20 71.76
CA GLU M 522 -38.17 -0.16 72.74
C GLU M 522 -37.77 -0.63 74.14
N GLY M 523 -37.20 0.28 74.93
CA GLY M 523 -36.65 -0.03 76.25
C GLY M 523 -35.16 -0.32 76.21
N ASP M 524 -34.65 -0.77 75.05
CA ASP M 524 -33.20 -0.93 74.81
C ASP M 524 -32.67 0.39 74.27
N ASP M 525 -32.04 1.19 75.14
CA ASP M 525 -31.63 2.57 74.84
C ASP M 525 -30.19 2.65 74.35
N ARG M 526 -29.64 1.55 73.81
CA ARG M 526 -28.29 1.58 73.20
C ARG M 526 -28.33 2.44 71.93
N PRO M 527 -27.28 3.25 71.68
CA PRO M 527 -27.25 4.12 70.50
C PRO M 527 -27.35 3.35 69.18
N PHE M 528 -28.14 3.91 68.25
CA PHE M 528 -28.40 3.32 66.93
C PHE M 528 -28.76 4.45 65.96
N PHE M 529 -28.21 4.38 64.76
CA PHE M 529 -28.34 5.49 63.78
C PHE M 529 -28.50 4.90 62.38
N TRP M 530 -29.13 5.68 61.51
CA TRP M 530 -29.37 5.27 60.11
C TRP M 530 -29.31 6.46 59.17
N LEU M 531 -28.99 6.17 57.91
CA LEU M 531 -28.91 7.18 56.85
C LEU M 531 -29.31 6.53 55.53
N PHE M 532 -30.33 7.07 54.89
CA PHE M 532 -30.77 6.64 53.55
C PHE M 532 -30.69 7.81 52.57
N GLU M 533 -30.28 7.50 51.34
CA GLU M 533 -29.99 8.50 50.28
C GLU M 533 -30.91 8.24 49.08
N ASN M 534 -31.25 9.32 48.37
CA ASN M 534 -31.89 9.25 47.03
C ASN M 534 -31.72 10.56 46.28
N VAL M 535 -32.11 10.53 45.00
CA VAL M 535 -32.09 11.68 44.06
C VAL M 535 -33.28 12.61 44.35
N VAL M 536 -33.03 13.92 44.22
CA VAL M 536 -34.05 14.97 44.46
C VAL M 536 -35.17 14.88 43.41
N ALA M 537 -34.85 14.46 42.18
CA ALA M 537 -35.75 14.60 41.02
C ALA M 537 -36.85 13.54 40.97
N MET M 538 -37.15 12.87 42.08
CA MET M 538 -38.18 11.82 42.09
C MET M 538 -39.59 12.44 42.06
N GLY M 539 -40.57 11.59 41.75
CA GLY M 539 -41.99 11.97 41.75
C GLY M 539 -42.43 12.46 43.11
N VAL M 540 -43.38 13.40 43.12
CA VAL M 540 -43.86 14.04 44.36
C VAL M 540 -44.58 12.99 45.22
N SER M 541 -45.39 12.14 44.60
CA SER M 541 -46.07 11.02 45.30
C SER M 541 -45.04 10.01 45.81
N ASP M 542 -43.96 9.80 45.05
CA ASP M 542 -42.83 8.92 45.44
C ASP M 542 -42.21 9.44 46.73
N LYS M 543 -41.79 10.70 46.71
CA LYS M 543 -41.14 11.37 47.87
C LYS M 543 -42.06 11.32 49.08
N ARG M 544 -43.37 11.52 48.87
CA ARG M 544 -44.36 11.49 49.96
C ARG M 544 -44.38 10.09 50.57
N ASP M 545 -44.46 9.05 49.73
CA ASP M 545 -44.57 7.65 50.21
C ASP M 545 -43.33 7.27 51.01
N ILE M 546 -42.15 7.70 50.54
CA ILE M 546 -40.88 7.45 51.27
C ILE M 546 -40.92 8.19 52.61
N SER M 547 -41.35 9.45 52.60
CA SER M 547 -41.44 10.28 53.83
C SER M 547 -42.41 9.66 54.83
N ARG M 548 -43.49 9.04 54.35
CA ARG M 548 -44.47 8.36 55.22
C ARG M 548 -43.84 7.10 55.83
N PHE M 549 -43.08 6.34 55.03
CA PHE M 549 -42.54 5.04 55.45
C PHE M 549 -41.39 5.23 56.45
N LEU M 550 -40.53 6.22 56.24
CA LEU M 550 -39.33 6.40 57.09
C LEU M 550 -39.61 7.32 58.29
N GLU M 551 -40.85 7.77 58.45
CA GLU M 551 -41.33 8.56 59.62
C GLU M 551 -40.47 9.81 59.81
N SER M 552 -40.01 10.40 58.71
CA SER M 552 -39.25 11.66 58.74
C SER M 552 -39.40 12.37 57.41
N ASN M 553 -39.14 13.66 57.41
CA ASN M 553 -39.05 14.43 56.16
C ASN M 553 -37.61 14.38 55.70
N PRO M 554 -37.37 14.33 54.38
CA PRO M 554 -36.00 14.31 53.88
C PRO M 554 -35.34 15.67 54.10
N VAL M 555 -34.05 15.64 54.32
CA VAL M 555 -33.24 16.87 54.19
C VAL M 555 -32.73 16.91 52.76
N MET M 556 -32.88 18.05 52.10
CA MET M 556 -32.29 18.24 50.77
C MET M 556 -30.88 18.81 51.00
N ILE M 557 -29.88 18.13 50.47
CA ILE M 557 -28.48 18.60 50.56
C ILE M 557 -27.88 18.55 49.16
N ASP M 558 -27.34 19.68 48.71
CA ASP M 558 -26.68 19.74 47.40
C ASP M 558 -25.19 19.51 47.63
N ALA M 559 -24.58 18.71 46.76
CA ALA M 559 -23.16 18.38 46.86
C ALA M 559 -22.29 19.61 46.55
N LYS M 560 -22.74 20.47 45.64
CA LYS M 560 -21.90 21.52 45.01
C LYS M 560 -21.27 22.46 46.05
N GLU M 561 -21.96 22.71 47.16
CA GLU M 561 -21.45 23.61 48.22
C GLU M 561 -20.15 23.06 48.79
N VAL M 562 -20.04 21.74 48.95
CA VAL M 562 -18.85 21.11 49.56
C VAL M 562 -18.14 20.17 48.57
N SER M 563 -18.76 19.81 47.45
CA SER M 563 -18.21 18.75 46.55
C SER M 563 -18.05 19.19 45.10
N ALA M 564 -18.32 20.45 44.75
CA ALA M 564 -18.15 20.99 43.38
C ALA M 564 -18.88 20.13 42.33
N ALA M 565 -19.95 19.43 42.71
CA ALA M 565 -20.77 18.66 41.77
C ALA M 565 -22.24 19.02 41.99
N HIS M 566 -22.99 19.20 40.92
CA HIS M 566 -24.46 19.32 41.02
C HIS M 566 -25.02 17.92 41.23
N ARG M 567 -25.20 17.55 42.50
CA ARG M 567 -25.83 16.28 42.91
C ARG M 567 -26.74 16.59 44.10
N ALA M 568 -27.94 17.07 43.82
CA ALA M 568 -28.88 17.43 44.89
C ALA M 568 -29.57 16.14 45.32
N ARG M 569 -29.46 15.80 46.60
CA ARG M 569 -29.92 14.49 47.10
C ARG M 569 -30.75 14.68 48.35
N TYR M 570 -31.74 13.82 48.51
CA TYR M 570 -32.53 13.67 49.74
C TYR M 570 -31.86 12.68 50.67
N PHE M 571 -31.80 13.06 51.94
CA PHE M 571 -31.20 12.26 53.02
C PHE M 571 -32.22 12.12 54.14
N TRP M 572 -32.79 10.93 54.25
CA TRP M 572 -33.58 10.53 55.42
C TRP M 572 -32.63 9.96 56.48
N GLY M 573 -32.96 10.18 57.75
CA GLY M 573 -32.16 9.66 58.86
C GLY M 573 -32.48 10.35 60.16
N ASN M 574 -31.88 9.85 61.23
CA ASN M 574 -32.12 10.36 62.60
C ASN M 574 -30.79 10.71 63.27
N LEU M 575 -29.78 11.06 62.48
CA LEU M 575 -28.52 11.57 63.05
C LEU M 575 -28.78 12.89 63.74
N PRO M 576 -28.24 13.10 64.95
CA PRO M 576 -28.39 14.39 65.64
C PRO M 576 -27.81 15.55 64.82
N GLY M 577 -28.52 16.68 64.84
CA GLY M 577 -28.10 17.95 64.24
C GLY M 577 -27.83 17.86 62.76
N MET M 578 -28.56 17.00 62.04
CA MET M 578 -28.34 16.76 60.60
C MET M 578 -29.00 17.86 59.74
N ASN M 579 -29.69 18.83 60.36
CA ASN M 579 -30.32 19.95 59.64
C ASN M 579 -29.34 21.10 59.42
N ARG M 580 -28.33 21.21 60.27
CA ARG M 580 -27.31 22.30 60.29
C ARG M 580 -26.75 22.55 58.90
N PRO M 581 -26.43 23.81 58.54
CA PRO M 581 -25.91 24.14 57.22
C PRO M 581 -24.56 23.47 56.94
N LEU M 582 -24.28 23.22 55.66
CA LEU M 582 -23.01 22.60 55.22
C LEU M 582 -21.86 23.55 55.50
N ALA M 583 -20.80 23.03 56.11
CA ALA M 583 -19.53 23.75 56.32
C ALA M 583 -18.51 23.20 55.32
N SER M 584 -17.58 24.07 54.90
CA SER M 584 -16.47 23.70 54.00
C SER M 584 -15.19 23.51 54.81
N THR M 585 -14.39 22.53 54.40
CA THR M 585 -13.05 22.28 54.97
C THR M 585 -12.02 22.50 53.87
N VAL M 586 -10.82 22.91 54.26
CA VAL M 586 -9.72 23.27 53.33
C VAL M 586 -9.32 22.05 52.49
N ASN M 587 -9.36 20.86 53.08
CA ASN M 587 -9.04 19.58 52.38
C ASN M 587 -9.99 19.38 51.19
N ASP M 588 -11.26 19.75 51.34
CA ASP M 588 -12.30 19.52 50.32
C ASP M 588 -12.06 20.42 49.11
N LYS M 589 -12.53 19.98 47.95
CA LYS M 589 -12.35 20.68 46.66
C LYS M 589 -13.69 21.27 46.21
N LEU M 590 -13.74 22.60 46.07
CA LEU M 590 -14.96 23.36 45.73
C LEU M 590 -14.95 23.81 44.28
N GLU M 591 -13.83 23.68 43.57
CA GLU M 591 -13.70 24.10 42.16
C GLU M 591 -13.39 22.89 41.28
N LEU M 592 -14.14 22.75 40.18
CA LEU M 592 -13.94 21.67 39.20
C LEU M 592 -12.54 21.76 38.61
N GLN M 593 -12.07 22.97 38.34
CA GLN M 593 -10.71 23.23 37.79
C GLN M 593 -9.66 22.62 38.72
N GLU M 594 -9.85 22.75 40.03
CA GLU M 594 -8.92 22.21 41.04
C GLU M 594 -8.86 20.68 40.94
N CYS M 595 -9.99 20.05 40.62
CA CYS M 595 -10.07 18.57 40.43
C CYS M 595 -9.34 18.16 39.16
N LEU M 596 -9.36 18.99 38.12
CA LEU M 596 -8.77 18.63 36.81
C LEU M 596 -7.24 18.51 36.92
N GLU M 597 -6.67 17.77 35.96
CA GLU M 597 -5.22 17.59 35.83
C GLU M 597 -4.62 18.78 35.08
N HIS M 598 -3.30 18.90 35.08
CA HIS M 598 -2.59 20.02 34.45
C HIS M 598 -2.76 19.96 32.93
N GLY M 599 -2.99 21.11 32.31
CA GLY M 599 -3.17 21.24 30.86
C GLY M 599 -4.63 21.19 30.45
N ARG M 600 -5.53 20.90 31.40
CA ARG M 600 -6.99 20.85 31.17
C ARG M 600 -7.67 22.02 31.86
N ILE M 601 -8.74 22.51 31.25
CA ILE M 601 -9.48 23.71 31.70
C ILE M 601 -10.96 23.33 31.83
N ALA M 602 -11.57 23.76 32.93
CA ALA M 602 -12.98 23.50 33.24
C ALA M 602 -13.83 24.55 32.50
N LYS M 603 -14.75 24.10 31.65
CA LYS M 603 -15.76 24.98 31.04
C LYS M 603 -16.57 25.62 32.15
N PHE M 604 -17.30 24.80 32.90
CA PHE M 604 -18.20 25.25 33.99
C PHE M 604 -17.41 25.32 35.29
N SER M 605 -18.10 25.69 36.36
CA SER M 605 -17.55 25.66 37.74
C SER M 605 -18.08 24.46 38.51
N LYS M 606 -19.22 23.91 38.10
CA LYS M 606 -19.84 22.73 38.72
C LYS M 606 -20.27 21.77 37.62
N VAL M 607 -20.02 20.47 37.81
CA VAL M 607 -20.48 19.44 36.85
C VAL M 607 -21.96 19.21 37.09
N ARG M 608 -22.64 18.67 36.07
CA ARG M 608 -24.09 18.37 36.14
C ARG M 608 -24.27 16.86 35.97
N THR M 609 -24.69 16.20 37.05
CA THR M 609 -25.13 14.79 37.09
C THR M 609 -26.34 14.72 38.04
N ILE M 610 -27.53 14.94 37.47
CA ILE M 610 -28.83 15.01 38.20
C ILE M 610 -28.76 16.04 39.33
N GLN M 623 -22.88 22.05 28.63
CA GLN M 623 -22.20 21.23 27.60
C GLN M 623 -22.06 19.79 28.14
N HIS M 624 -22.34 18.81 27.30
CA HIS M 624 -22.32 17.38 27.69
C HIS M 624 -20.88 16.90 27.93
N PHE M 625 -19.89 17.49 27.25
CA PHE M 625 -18.46 17.17 27.45
C PHE M 625 -17.77 18.41 28.01
N PRO M 626 -17.78 18.62 29.34
CA PRO M 626 -17.31 19.86 29.93
C PRO M 626 -15.80 19.95 30.19
N VAL M 627 -14.98 19.63 29.20
CA VAL M 627 -13.50 19.76 29.37
C VAL M 627 -12.90 20.46 28.15
N PHE M 628 -12.01 21.41 28.42
CA PHE M 628 -11.17 22.08 27.40
C PHE M 628 -9.76 21.50 27.49
N MET M 629 -9.41 20.63 26.54
CA MET M 629 -8.05 20.06 26.44
C MET M 629 -7.50 20.31 25.04
N ASN M 630 -6.36 21.00 24.97
CA ASN M 630 -5.58 21.25 23.73
C ASN M 630 -6.48 21.87 22.65
N GLU M 631 -7.26 22.89 23.03
CA GLU M 631 -8.27 23.56 22.18
C GLU M 631 -9.23 22.53 21.60
N LYS M 632 -9.64 21.56 22.42
CA LYS M 632 -10.54 20.47 22.01
C LYS M 632 -11.54 20.19 23.13
N GLU M 633 -12.71 19.67 22.73
CA GLU M 633 -13.81 19.35 23.65
C GLU M 633 -13.62 17.90 24.13
N ASP M 634 -13.17 17.74 25.36
CA ASP M 634 -12.94 16.40 25.94
C ASP M 634 -14.01 16.11 27.00
N ILE M 635 -14.21 14.82 27.24
CA ILE M 635 -15.17 14.26 28.21
C ILE M 635 -14.53 14.23 29.59
N LEU M 636 -15.33 13.94 30.62
CA LEU M 636 -14.83 13.85 32.02
C LEU M 636 -13.98 12.59 32.19
N TRP M 637 -12.84 12.76 32.87
CA TRP M 637 -12.00 11.63 33.32
C TRP M 637 -12.54 11.06 34.62
N CYS M 638 -12.40 9.73 34.78
CA CYS M 638 -12.87 9.02 35.99
C CYS M 638 -12.10 9.47 37.23
N THR M 639 -10.78 9.69 37.12
CA THR M 639 -9.93 10.07 38.27
C THR M 639 -10.24 11.51 38.70
N GLU M 640 -10.55 12.39 37.75
CA GLU M 640 -10.97 13.77 38.04
C GLU M 640 -12.37 13.75 38.66
N MET M 641 -13.25 12.90 38.12
CA MET M 641 -14.61 12.68 38.64
C MET M 641 -14.56 12.16 40.07
N GLU M 642 -13.62 11.25 40.37
CA GLU M 642 -13.38 10.78 41.76
C GLU M 642 -13.02 11.98 42.64
N ARG M 643 -12.10 12.84 42.18
CA ARG M 643 -11.63 13.99 42.98
C ARG M 643 -12.79 14.97 43.18
N VAL M 644 -13.68 15.06 42.20
CA VAL M 644 -14.92 15.86 42.32
C VAL M 644 -15.79 15.29 43.44
N PHE M 645 -16.05 13.97 43.43
CA PHE M 645 -17.03 13.37 44.35
C PHE M 645 -16.45 13.14 45.76
N GLY M 646 -15.21 13.54 46.01
CA GLY M 646 -14.63 13.57 47.36
C GLY M 646 -13.91 12.30 47.75
N PHE M 647 -13.92 11.27 46.90
CA PHE M 647 -13.17 10.02 47.14
C PHE M 647 -11.67 10.28 47.09
N PRO M 648 -10.88 9.54 47.89
CA PRO M 648 -9.44 9.44 47.64
C PRO M 648 -9.20 8.87 46.24
N VAL M 649 -8.19 9.41 45.58
CA VAL M 649 -7.87 9.11 44.17
C VAL M 649 -7.59 7.60 44.00
N HIS M 650 -7.94 7.07 42.82
CA HIS M 650 -7.70 5.68 42.38
C HIS M 650 -8.43 4.68 43.27
N TYR M 651 -9.59 5.07 43.80
CA TYR M 651 -10.37 4.23 44.74
C TYR M 651 -10.98 3.02 44.02
N THR M 652 -11.44 3.18 42.78
CA THR M 652 -12.19 2.11 42.07
C THR M 652 -11.32 1.32 41.10
N ASP M 653 -10.00 1.48 41.11
CA ASP M 653 -9.09 0.79 40.16
C ASP M 653 -8.62 -0.53 40.77
N VAL M 654 -9.51 -1.52 40.83
CA VAL M 654 -9.29 -2.75 41.61
C VAL M 654 -9.25 -3.97 40.69
N SER M 655 -10.17 -4.09 39.75
CA SER M 655 -10.28 -5.27 38.87
C SER M 655 -10.19 -4.87 37.41
N ASN M 656 -10.53 -5.83 36.55
CA ASN M 656 -10.46 -5.69 35.08
C ASN M 656 -11.82 -5.26 34.55
N MET M 657 -12.31 -4.13 35.06
CA MET M 657 -13.63 -3.58 34.68
C MET M 657 -13.44 -2.46 33.66
N SER M 658 -14.38 -2.37 32.72
CA SER M 658 -14.37 -1.36 31.63
C SER M 658 -14.50 0.05 32.21
N ARG M 659 -14.01 1.04 31.46
CA ARG M 659 -14.14 2.48 31.81
C ARG M 659 -15.62 2.85 31.86
N LEU M 660 -16.45 2.22 31.03
CA LEU M 660 -17.92 2.34 31.08
C LEU M 660 -18.44 1.90 32.45
N ALA M 661 -17.95 0.75 32.94
CA ALA M 661 -18.40 0.18 34.22
C ALA M 661 -17.98 1.09 35.37
N ARG M 662 -16.76 1.62 35.31
CA ARG M 662 -16.23 2.52 36.35
C ARG M 662 -17.04 3.82 36.38
N GLN M 663 -17.43 4.31 35.19
CA GLN M 663 -18.33 5.48 35.05
C GLN M 663 -19.66 5.19 35.73
N ARG M 664 -20.26 4.04 35.43
CA ARG M 664 -21.54 3.62 36.04
C ARG M 664 -21.40 3.57 37.56
N LEU M 665 -20.30 3.00 38.07
CA LEU M 665 -20.06 2.90 39.54
C LEU M 665 -19.94 4.29 40.16
N LEU M 666 -19.16 5.19 39.58
CA LEU M 666 -18.96 6.55 40.14
C LEU M 666 -20.25 7.37 40.03
N GLY M 667 -21.02 7.17 38.96
CA GLY M 667 -22.33 7.82 38.80
C GLY M 667 -23.30 7.42 39.90
N ARG M 668 -23.37 6.12 40.19
CA ARG M 668 -24.29 5.58 41.22
C ARG M 668 -23.74 5.79 42.63
N SER M 669 -22.48 6.21 42.78
CA SER M 669 -21.81 6.30 44.08
C SER M 669 -22.23 7.58 44.83
N TRP M 670 -22.01 7.58 46.14
CA TRP M 670 -22.30 8.74 47.02
C TRP M 670 -21.28 9.86 46.81
N SER M 671 -21.72 11.08 47.04
CA SER M 671 -20.83 12.25 47.23
C SER M 671 -20.20 12.16 48.61
N VAL M 672 -18.89 12.05 48.69
CA VAL M 672 -18.16 11.72 49.95
C VAL M 672 -18.32 12.83 50.99
N PRO M 673 -18.04 14.13 50.72
CA PRO M 673 -18.05 15.10 51.83
C PRO M 673 -19.45 15.41 52.36
N VAL M 674 -20.49 15.11 51.60
CA VAL M 674 -21.89 15.25 52.07
C VAL M 674 -22.20 14.17 53.09
N ILE M 675 -21.78 12.93 52.82
CA ILE M 675 -21.91 11.81 53.77
C ILE M 675 -21.02 12.06 54.98
N ARG M 676 -19.83 12.65 54.77
CA ARG M 676 -18.89 13.01 55.85
C ARG M 676 -19.52 14.04 56.79
N HIS M 677 -20.19 15.05 56.22
CA HIS M 677 -20.91 16.10 56.97
C HIS M 677 -21.98 15.45 57.86
N LEU M 678 -22.77 14.55 57.30
CA LEU M 678 -23.85 13.87 58.05
C LEU M 678 -23.27 12.93 59.09
N PHE M 679 -22.13 12.29 58.81
CA PHE M 679 -21.49 11.33 59.73
C PHE M 679 -20.74 12.03 60.87
N ALA M 680 -20.45 13.32 60.73
CA ALA M 680 -19.54 14.06 61.64
C ALA M 680 -19.91 13.93 63.13
N PRO M 681 -21.17 14.08 63.60
CA PRO M 681 -21.42 14.01 65.04
C PRO M 681 -21.35 12.60 65.65
N LEU M 682 -21.23 11.55 64.83
CA LEU M 682 -20.99 10.17 65.31
C LEU M 682 -19.65 10.07 66.05
N LYS M 683 -18.72 11.00 65.82
CA LYS M 683 -17.44 11.10 66.55
C LYS M 683 -17.68 11.31 68.04
N GLU M 684 -18.80 11.91 68.40
CA GLU M 684 -19.18 12.15 69.81
C GLU M 684 -19.92 10.94 70.40
N TYR M 685 -20.05 9.84 69.65
CA TYR M 685 -20.87 8.68 70.07
C TYR M 685 -20.13 7.34 70.06
N PHE M 686 -18.95 7.23 69.45
CA PHE M 686 -18.23 5.94 69.38
C PHE M 686 -16.73 6.15 69.54
N ALA M 687 -16.02 5.03 69.68
CA ALA M 687 -14.60 5.02 70.06
C ALA M 687 -13.72 5.47 68.90
N CYS M 688 -12.63 6.13 69.25
CA CYS M 688 -11.67 6.73 68.29
C CYS M 688 -10.38 5.92 68.28
N VAL M 689 -9.67 5.97 67.16
CA VAL M 689 -8.34 5.33 67.01
C VAL M 689 -7.28 6.25 67.63
N GLU N 177 -47.78 -23.39 67.88
CA GLU N 177 -48.18 -23.08 69.28
C GLU N 177 -46.95 -22.70 70.10
N MET N 178 -46.67 -21.40 70.19
CA MET N 178 -45.47 -20.86 70.88
C MET N 178 -45.85 -20.26 72.23
N PHE N 179 -47.00 -19.59 72.31
CA PHE N 179 -47.48 -18.92 73.54
C PHE N 179 -48.24 -19.92 74.42
N GLU N 180 -48.07 -19.77 75.73
CA GLU N 180 -48.78 -20.58 76.75
C GLU N 180 -50.29 -20.36 76.62
N THR N 181 -51.06 -21.43 76.77
CA THR N 181 -52.53 -21.40 76.61
C THR N 181 -53.17 -20.68 77.79
N VAL N 182 -54.33 -20.08 77.53
CA VAL N 182 -55.11 -19.28 78.50
C VAL N 182 -56.33 -20.09 78.90
N PRO N 183 -56.63 -20.23 80.22
CA PRO N 183 -57.88 -20.85 80.65
C PRO N 183 -59.12 -20.11 80.15
N VAL N 184 -60.21 -20.86 79.97
CA VAL N 184 -61.43 -20.40 79.28
C VAL N 184 -62.10 -19.25 80.04
N TRP N 185 -62.21 -19.35 81.38
CA TRP N 185 -62.90 -18.34 82.22
C TRP N 185 -62.14 -17.00 82.28
N ARG N 186 -60.91 -16.95 81.77
CA ARG N 186 -60.09 -15.71 81.77
C ARG N 186 -60.04 -15.06 80.39
N ARG N 187 -60.52 -15.76 79.36
CA ARG N 187 -60.39 -15.30 77.96
C ARG N 187 -61.23 -14.04 77.74
N GLN N 188 -60.70 -13.14 76.91
CA GLN N 188 -61.30 -11.83 76.58
C GLN N 188 -61.66 -11.80 75.10
N PRO N 189 -62.64 -10.98 74.67
CA PRO N 189 -62.95 -10.82 73.26
C PRO N 189 -61.74 -10.35 72.44
N VAL N 190 -61.50 -11.04 71.33
CA VAL N 190 -60.34 -10.78 70.44
C VAL N 190 -60.56 -9.43 69.74
N ARG N 191 -59.49 -8.64 69.62
CA ARG N 191 -59.53 -7.35 68.93
C ARG N 191 -58.92 -7.54 67.53
N VAL N 192 -59.73 -7.24 66.51
CA VAL N 192 -59.44 -7.56 65.10
C VAL N 192 -59.14 -6.25 64.38
N LEU N 193 -58.15 -6.28 63.49
CA LEU N 193 -57.75 -5.10 62.69
C LEU N 193 -57.88 -5.47 61.21
N SER N 194 -58.96 -5.01 60.59
CA SER N 194 -59.26 -5.25 59.16
C SER N 194 -58.82 -4.02 58.38
N LEU N 195 -58.03 -4.24 57.32
CA LEU N 195 -57.31 -3.12 56.65
C LEU N 195 -57.91 -2.80 55.29
N PHE N 196 -58.17 -3.80 54.44
CA PHE N 196 -58.79 -3.54 53.12
C PHE N 196 -60.08 -4.34 52.97
N GLU N 197 -60.02 -5.67 53.10
CA GLU N 197 -61.20 -6.54 52.95
C GLU N 197 -61.90 -6.66 54.30
N ASP N 198 -63.23 -6.61 54.28
CA ASP N 198 -64.04 -6.75 55.51
C ASP N 198 -64.20 -8.24 55.81
N ILE N 199 -63.99 -8.61 57.08
CA ILE N 199 -64.05 -10.02 57.55
C ILE N 199 -65.04 -10.16 58.70
N LYS N 200 -65.80 -9.11 59.00
CA LYS N 200 -66.70 -9.07 60.18
C LYS N 200 -67.75 -10.18 60.10
N LYS N 201 -68.30 -10.43 58.91
CA LYS N 201 -69.38 -11.41 58.70
C LYS N 201 -68.94 -12.82 59.11
N GLU N 202 -67.84 -13.33 58.55
CA GLU N 202 -67.37 -14.71 58.82
C GLU N 202 -66.93 -14.85 60.28
N LEU N 203 -66.08 -13.95 60.78
CA LEU N 203 -65.57 -14.01 62.18
C LEU N 203 -66.72 -13.88 63.18
N THR N 204 -67.75 -13.07 62.86
CA THR N 204 -68.97 -12.96 63.68
C THR N 204 -69.73 -14.29 63.66
N SER N 205 -69.84 -14.91 62.48
CA SER N 205 -70.51 -16.22 62.31
C SER N 205 -69.77 -17.32 63.08
N LEU N 206 -68.44 -17.21 63.18
CA LEU N 206 -67.59 -18.22 63.85
C LEU N 206 -67.58 -18.04 65.37
N GLY N 207 -68.22 -16.99 65.90
CA GLY N 207 -68.31 -16.76 67.34
C GLY N 207 -67.10 -16.05 67.92
N PHE N 208 -66.32 -15.33 67.11
CA PHE N 208 -65.20 -14.49 67.61
C PHE N 208 -65.69 -13.08 67.91
N LEU N 209 -66.66 -12.60 67.14
CA LEU N 209 -67.24 -11.25 67.29
C LEU N 209 -68.69 -11.39 67.72
N GLU N 210 -69.11 -10.56 68.68
CA GLU N 210 -70.48 -10.55 69.21
C GLU N 210 -71.42 -10.06 68.12
N SER N 211 -72.61 -10.66 68.05
CA SER N 211 -73.59 -10.44 66.96
C SER N 211 -74.32 -9.10 67.11
N GLY N 212 -74.08 -8.35 68.18
CA GLY N 212 -74.66 -7.00 68.33
C GLY N 212 -73.88 -6.01 67.49
N SER N 213 -74.52 -5.44 66.47
CA SER N 213 -73.89 -4.49 65.53
C SER N 213 -73.38 -3.25 66.28
N ASP N 214 -72.06 -3.07 66.28
CA ASP N 214 -71.33 -1.96 66.94
C ASP N 214 -69.97 -1.82 66.23
N PRO N 215 -69.25 -0.69 66.40
CA PRO N 215 -67.85 -0.65 65.99
C PRO N 215 -67.06 -1.76 66.66
N GLY N 216 -67.01 -1.74 68.00
CA GLY N 216 -66.53 -2.89 68.79
C GLY N 216 -65.03 -3.04 68.74
N GLN N 217 -64.57 -4.28 68.54
CA GLN N 217 -63.15 -4.67 68.54
C GLN N 217 -62.60 -4.73 67.11
N LEU N 218 -63.35 -4.23 66.13
CA LEU N 218 -62.93 -4.23 64.71
C LEU N 218 -63.06 -2.82 64.14
N LYS N 219 -61.96 -2.29 63.62
CA LYS N 219 -61.91 -0.99 62.92
C LYS N 219 -61.62 -1.24 61.45
N HIS N 220 -62.58 -0.90 60.58
CA HIS N 220 -62.38 -0.95 59.12
C HIS N 220 -61.87 0.39 58.61
N VAL N 221 -60.81 0.34 57.80
CA VAL N 221 -60.17 1.51 57.16
C VAL N 221 -60.15 1.22 55.66
N VAL N 222 -60.08 2.27 54.84
CA VAL N 222 -60.01 2.14 53.36
C VAL N 222 -58.71 2.74 52.83
N ASP N 223 -58.36 3.94 53.28
CA ASP N 223 -57.17 4.68 52.82
C ASP N 223 -56.22 4.86 54.01
N VAL N 224 -54.95 4.52 53.82
CA VAL N 224 -53.95 4.52 54.91
C VAL N 224 -52.71 5.32 54.49
N THR N 225 -52.84 6.12 53.43
CA THR N 225 -51.74 6.96 52.91
C THR N 225 -51.27 7.98 53.95
N ASP N 226 -52.16 8.39 54.88
CA ASP N 226 -51.86 9.45 55.86
C ASP N 226 -51.92 8.93 57.29
N THR N 227 -51.89 7.62 57.49
CA THR N 227 -51.92 7.01 58.84
C THR N 227 -50.57 7.23 59.54
N VAL N 228 -50.62 7.47 60.85
CA VAL N 228 -49.43 7.73 61.71
C VAL N 228 -49.53 6.76 62.89
N ARG N 229 -48.37 6.36 63.43
CA ARG N 229 -48.25 5.42 64.56
C ARG N 229 -49.17 5.80 65.71
N LYS N 230 -49.28 7.10 66.02
CA LYS N 230 -50.11 7.62 67.12
C LYS N 230 -51.57 7.19 66.93
N ASP N 231 -52.08 7.27 65.69
CA ASP N 231 -53.48 6.90 65.38
C ASP N 231 -53.72 5.44 65.73
N VAL N 232 -52.80 4.55 65.32
CA VAL N 232 -52.92 3.10 65.54
C VAL N 232 -52.83 2.80 67.04
N GLU N 233 -51.87 3.41 67.74
CA GLU N 233 -51.70 3.23 69.20
C GLU N 233 -52.94 3.73 69.96
N GLU N 234 -53.58 4.81 69.50
CA GLU N 234 -54.76 5.38 70.18
C GLU N 234 -55.94 4.41 70.12
N TRP N 235 -56.03 3.60 69.07
CA TRP N 235 -57.12 2.60 68.90
C TRP N 235 -56.99 1.44 69.90
N GLY N 236 -55.91 1.38 70.66
CA GLY N 236 -55.70 0.32 71.65
C GLY N 236 -54.85 -0.81 71.08
N PRO N 237 -54.21 -1.61 71.97
CA PRO N 237 -53.36 -2.70 71.51
C PRO N 237 -54.19 -3.80 70.84
N PHE N 238 -53.64 -4.39 69.78
CA PHE N 238 -54.39 -5.30 68.89
C PHE N 238 -53.98 -6.75 69.15
N ASP N 239 -54.91 -7.65 68.88
CA ASP N 239 -54.73 -9.11 69.02
C ASP N 239 -54.65 -9.78 67.66
N LEU N 240 -55.39 -9.27 66.66
CA LEU N 240 -55.42 -9.85 65.31
C LEU N 240 -55.32 -8.73 64.27
N VAL N 241 -54.36 -8.85 63.35
CA VAL N 241 -54.13 -7.87 62.28
C VAL N 241 -54.34 -8.57 60.93
N TYR N 242 -55.37 -8.14 60.21
CA TYR N 242 -55.72 -8.69 58.89
C TYR N 242 -55.34 -7.70 57.79
N GLY N 243 -54.91 -8.23 56.66
CA GLY N 243 -54.67 -7.45 55.43
C GLY N 243 -55.04 -8.26 54.22
N ALA N 244 -55.35 -7.58 53.12
CA ALA N 244 -55.79 -8.24 51.88
C ALA N 244 -55.47 -7.39 50.66
N THR N 245 -55.23 -8.09 49.55
CA THR N 245 -54.88 -7.56 48.22
C THR N 245 -56.16 -7.13 47.49
N PRO N 246 -56.06 -6.31 46.43
CA PRO N 246 -57.25 -5.91 45.66
C PRO N 246 -57.91 -7.10 44.96
N PRO N 247 -59.21 -7.00 44.59
CA PRO N 247 -59.90 -8.12 44.00
C PRO N 247 -59.47 -8.43 42.56
N LEU N 248 -59.98 -9.56 42.06
CA LEU N 248 -59.60 -10.19 40.77
C LEU N 248 -59.88 -9.27 39.57
N GLY N 249 -60.82 -8.34 39.69
CA GLY N 249 -61.11 -7.39 38.60
C GLY N 249 -59.94 -6.45 38.36
N HIS N 250 -59.20 -6.14 39.42
CA HIS N 250 -58.02 -5.23 39.45
C HIS N 250 -58.34 -3.92 38.71
N THR N 251 -59.42 -3.25 39.11
CA THR N 251 -59.80 -1.92 38.59
C THR N 251 -59.40 -0.86 39.62
N CYS N 252 -58.13 -0.87 40.02
CA CYS N 252 -57.55 0.06 41.00
C CYS N 252 -56.54 0.97 40.30
N ASP N 253 -56.18 2.05 40.98
CA ASP N 253 -55.18 3.03 40.50
C ASP N 253 -53.81 2.75 41.15
N ARG N 254 -53.81 2.18 42.36
CA ARG N 254 -52.59 1.94 43.15
C ARG N 254 -52.05 0.54 42.88
N PRO N 255 -50.73 0.41 42.65
CA PRO N 255 -50.13 -0.90 42.42
C PRO N 255 -50.28 -1.81 43.63
N PRO N 256 -50.40 -3.14 43.43
CA PRO N 256 -50.72 -4.05 44.53
C PRO N 256 -49.65 -4.15 45.63
N SER N 257 -48.38 -3.90 45.30
CA SER N 257 -47.27 -3.86 46.28
C SER N 257 -47.54 -2.84 47.39
N TRP N 258 -48.28 -1.77 47.09
CA TRP N 258 -48.66 -0.72 48.07
C TRP N 258 -49.41 -1.34 49.24
N TYR N 259 -50.42 -2.18 48.94
CA TYR N 259 -51.26 -2.87 49.96
C TYR N 259 -50.37 -3.68 50.91
N LEU N 260 -49.40 -4.42 50.34
CA LEU N 260 -48.44 -5.23 51.11
C LEU N 260 -47.60 -4.32 52.03
N PHE N 261 -46.98 -3.29 51.47
CA PHE N 261 -46.05 -2.38 52.18
C PHE N 261 -46.78 -1.64 53.31
N GLN N 262 -47.99 -1.17 53.04
CA GLN N 262 -48.83 -0.50 54.07
C GLN N 262 -49.17 -1.50 55.18
N PHE N 263 -49.52 -2.74 54.81
CA PHE N 263 -49.83 -3.80 55.79
C PHE N 263 -48.61 -4.08 56.67
N HIS N 264 -47.43 -4.15 56.05
CA HIS N 264 -46.15 -4.37 56.77
C HIS N 264 -45.94 -3.26 57.79
N ARG N 265 -45.99 -1.99 57.35
CA ARG N 265 -45.83 -0.81 58.22
C ARG N 265 -46.79 -0.88 59.41
N LEU N 266 -48.09 -0.97 59.15
CA LEU N 266 -49.12 -0.95 60.21
C LEU N 266 -49.02 -2.19 61.09
N LEU N 267 -48.56 -3.32 60.54
CA LEU N 267 -48.28 -4.53 61.33
C LEU N 267 -47.16 -4.24 62.33
N GLN N 268 -46.07 -3.62 61.87
CA GLN N 268 -44.94 -3.21 62.75
C GLN N 268 -45.45 -2.26 63.84
N TYR N 269 -46.35 -1.34 63.49
CA TYR N 269 -46.98 -0.44 64.48
C TYR N 269 -47.74 -1.25 65.53
N ALA N 270 -48.46 -2.29 65.09
CA ALA N 270 -49.37 -3.07 65.93
C ALA N 270 -48.64 -4.14 66.75
N ARG N 271 -47.33 -4.32 66.56
CA ARG N 271 -46.56 -5.32 67.33
C ARG N 271 -46.57 -4.91 68.80
N PRO N 272 -46.74 -5.86 69.73
CA PRO N 272 -46.69 -5.54 71.16
C PRO N 272 -45.29 -5.08 71.58
N LYS N 273 -45.22 -4.24 72.60
CA LYS N 273 -43.93 -3.70 73.07
C LYS N 273 -43.20 -4.78 73.86
N PRO N 274 -41.94 -5.10 73.48
CA PRO N 274 -41.19 -6.15 74.15
C PRO N 274 -40.89 -5.83 75.62
N GLY N 275 -41.07 -6.80 76.51
CA GLY N 275 -41.52 -8.14 76.16
C GLY N 275 -42.84 -8.47 76.83
N SER N 276 -43.91 -8.57 76.05
CA SER N 276 -45.27 -8.83 76.57
C SER N 276 -45.71 -10.25 76.18
N PRO N 277 -46.04 -11.12 77.14
CA PRO N 277 -46.51 -12.47 76.82
C PRO N 277 -47.91 -12.58 76.23
N GLY N 278 -48.57 -11.44 75.96
CA GLY N 278 -49.93 -11.44 75.41
C GLY N 278 -49.94 -11.94 73.97
N PRO N 279 -50.95 -12.74 73.56
CA PRO N 279 -50.97 -13.32 72.22
C PRO N 279 -51.23 -12.27 71.14
N PHE N 280 -50.42 -12.32 70.08
CA PHE N 280 -50.55 -11.44 68.90
C PHE N 280 -50.42 -12.29 67.64
N PHE N 281 -51.50 -12.34 66.85
CA PHE N 281 -51.54 -13.10 65.58
C PHE N 281 -51.78 -12.13 64.43
N TRP N 282 -51.22 -12.45 63.27
CA TRP N 282 -51.43 -11.69 62.03
C TRP N 282 -51.63 -12.66 60.86
N MET N 283 -52.19 -12.13 59.78
CA MET N 283 -52.48 -12.92 58.58
C MET N 283 -52.64 -12.00 57.38
N PHE N 284 -51.86 -12.25 56.33
CA PHE N 284 -51.95 -11.54 55.05
C PHE N 284 -52.47 -12.50 53.99
N VAL N 285 -53.42 -12.02 53.18
CA VAL N 285 -54.14 -12.83 52.18
C VAL N 285 -53.93 -12.20 50.80
N ASP N 286 -53.49 -13.02 49.84
CA ASP N 286 -53.26 -12.61 48.45
C ASP N 286 -54.27 -13.33 47.56
N ASN N 287 -55.08 -12.58 46.81
CA ASN N 287 -56.10 -13.15 45.91
C ASN N 287 -55.51 -13.31 44.50
N LEU N 288 -54.35 -13.97 44.40
CA LEU N 288 -53.64 -14.30 43.13
C LEU N 288 -53.49 -13.05 42.25
N VAL N 289 -52.96 -11.98 42.83
CA VAL N 289 -52.80 -10.68 42.13
C VAL N 289 -51.31 -10.40 41.88
N LEU N 290 -50.47 -10.58 42.90
CA LEU N 290 -49.04 -10.25 42.81
C LEU N 290 -48.35 -11.20 41.82
N ASN N 291 -47.50 -10.63 40.96
CA ASN N 291 -46.69 -11.39 39.98
C ASN N 291 -45.53 -12.06 40.73
N LYS N 292 -44.72 -12.82 40.00
CA LYS N 292 -43.68 -13.71 40.59
C LYS N 292 -42.63 -12.89 41.35
N GLU N 293 -42.23 -11.73 40.83
CA GLU N 293 -41.25 -10.84 41.49
C GLU N 293 -41.80 -10.43 42.86
N ASP N 294 -42.99 -9.84 42.87
CA ASP N 294 -43.67 -9.38 44.11
C ASP N 294 -43.95 -10.57 45.03
N LEU N 295 -44.23 -11.76 44.47
CA LEU N 295 -44.50 -12.96 45.31
C LEU N 295 -43.21 -13.36 46.04
N ASP N 296 -42.07 -13.32 45.36
CA ASP N 296 -40.76 -13.60 46.00
C ASP N 296 -40.46 -12.54 47.05
N VAL N 297 -40.70 -11.27 46.73
CA VAL N 297 -40.50 -10.14 47.67
C VAL N 297 -41.36 -10.34 48.92
N ALA N 298 -42.66 -10.59 48.74
CA ALA N 298 -43.63 -10.80 49.84
C ALA N 298 -43.21 -12.01 50.68
N SER N 299 -42.73 -13.08 50.04
CA SER N 299 -42.30 -14.31 50.73
C SER N 299 -41.08 -14.01 51.62
N ARG N 300 -40.20 -13.13 51.16
CA ARG N 300 -39.02 -12.72 51.97
C ARG N 300 -39.47 -11.81 53.12
N PHE N 301 -40.39 -10.89 52.87
CA PHE N 301 -40.82 -9.90 53.89
C PHE N 301 -41.59 -10.59 55.01
N LEU N 302 -42.54 -11.44 54.66
CA LEU N 302 -43.41 -12.14 55.64
C LEU N 302 -42.70 -13.36 56.24
N GLU N 303 -41.47 -13.65 55.78
CA GLU N 303 -40.54 -14.63 56.38
C GLU N 303 -41.15 -16.03 56.39
N MET N 304 -41.76 -16.43 55.27
CA MET N 304 -42.28 -17.80 55.06
C MET N 304 -42.70 -17.93 53.60
N GLU N 305 -42.76 -19.17 53.12
CA GLU N 305 -43.34 -19.49 51.81
C GLU N 305 -44.85 -19.45 51.95
N PRO N 306 -45.60 -18.92 50.96
CA PRO N 306 -47.05 -18.83 51.09
C PRO N 306 -47.73 -20.19 51.07
N VAL N 307 -49.03 -20.19 51.34
CA VAL N 307 -49.88 -21.40 51.31
C VAL N 307 -51.00 -21.14 50.31
N THR N 308 -50.94 -21.83 49.17
CA THR N 308 -51.96 -21.75 48.11
C THR N 308 -53.07 -22.74 48.40
N ILE N 309 -54.30 -22.25 48.51
CA ILE N 309 -55.51 -23.07 48.73
C ILE N 309 -56.39 -22.95 47.48
N PRO N 310 -56.86 -24.08 46.94
CA PRO N 310 -57.58 -24.08 45.66
C PRO N 310 -59.02 -23.57 45.78
N ASP N 311 -59.68 -23.46 44.63
CA ASP N 311 -61.03 -22.88 44.51
C ASP N 311 -62.06 -24.01 44.31
N VAL N 312 -63.30 -23.71 44.66
CA VAL N 312 -64.41 -24.69 44.62
C VAL N 312 -65.12 -24.65 43.25
N HIS N 313 -65.06 -23.51 42.56
CA HIS N 313 -65.63 -23.30 41.21
C HIS N 313 -67.12 -23.68 41.18
N ALA N 320 -57.74 -20.74 45.20
CA ALA N 320 -57.68 -19.40 44.56
C ALA N 320 -57.12 -18.35 45.51
N VAL N 321 -56.48 -18.76 46.61
CA VAL N 321 -56.03 -17.81 47.65
C VAL N 321 -54.65 -18.23 48.16
N ARG N 322 -53.73 -17.28 48.23
CA ARG N 322 -52.44 -17.44 48.92
C ARG N 322 -52.58 -16.85 50.32
N VAL N 323 -51.91 -17.46 51.30
CA VAL N 323 -52.02 -17.07 52.72
C VAL N 323 -50.63 -17.11 53.34
N TRP N 324 -50.22 -15.99 53.93
CA TRP N 324 -49.10 -15.91 54.90
C TRP N 324 -49.70 -15.66 56.28
N SER N 325 -49.17 -16.34 57.30
CA SER N 325 -49.63 -16.19 58.70
C SER N 325 -48.65 -16.91 59.62
N ASN N 326 -48.68 -16.53 60.90
CA ASN N 326 -47.89 -17.21 61.95
C ASN N 326 -48.81 -18.00 62.89
N ILE N 327 -50.10 -18.08 62.55
CA ILE N 327 -51.09 -18.85 63.34
C ILE N 327 -50.80 -20.33 63.16
N PRO N 328 -50.77 -21.14 64.24
CA PRO N 328 -50.58 -22.59 64.10
C PRO N 328 -51.68 -23.29 63.30
N ALA N 329 -51.42 -24.55 62.97
CA ALA N 329 -52.36 -25.49 62.30
C ALA N 329 -52.78 -24.96 60.93
N ILE N 330 -51.80 -24.68 60.08
CA ILE N 330 -52.02 -24.37 58.64
C ILE N 330 -51.62 -25.58 57.81
N ARG N 331 -50.57 -26.27 58.25
CA ARG N 331 -50.04 -27.52 57.67
C ARG N 331 -51.04 -28.67 57.84
N SER N 332 -51.91 -28.61 58.86
CA SER N 332 -52.84 -29.70 59.23
C SER N 332 -53.81 -30.02 58.08
N ARG N 333 -54.23 -29.02 57.31
CA ARG N 333 -55.11 -29.25 56.14
C ARG N 333 -54.25 -29.61 54.93
N HIS N 334 -54.90 -30.25 53.95
CA HIS N 334 -54.27 -30.70 52.69
C HIS N 334 -54.73 -29.82 51.54
N TRP N 335 -53.86 -29.63 50.55
CA TRP N 335 -54.14 -28.82 49.34
C TRP N 335 -54.14 -29.72 48.10
N ALA N 336 -54.89 -29.28 47.09
CA ALA N 336 -54.95 -29.91 45.76
C ALA N 336 -53.57 -29.92 45.10
N LEU N 337 -53.38 -30.83 44.16
CA LEU N 337 -52.11 -30.99 43.40
C LEU N 337 -52.14 -30.04 42.21
N VAL N 338 -52.02 -28.75 42.51
CA VAL N 338 -52.16 -27.63 41.54
C VAL N 338 -50.85 -26.85 41.51
N SER N 339 -50.20 -26.82 40.34
CA SER N 339 -48.91 -26.14 40.09
C SER N 339 -49.16 -24.69 39.66
N GLU N 340 -48.08 -23.94 39.43
CA GLU N 340 -48.12 -22.51 39.07
C GLU N 340 -48.85 -22.30 37.73
N GLU N 341 -48.58 -23.15 36.74
CA GLU N 341 -49.30 -23.11 35.44
C GLU N 341 -50.77 -23.44 35.68
N GLU N 342 -51.05 -24.37 36.58
CA GLU N 342 -52.43 -24.74 36.98
C GLU N 342 -53.09 -23.56 37.73
N LEU N 343 -52.32 -22.79 38.51
CA LEU N 343 -52.85 -21.57 39.17
C LEU N 343 -53.23 -20.54 38.11
N SER N 344 -52.38 -20.35 37.09
CA SER N 344 -52.67 -19.47 35.93
C SER N 344 -53.92 -19.95 35.20
N LEU N 345 -54.12 -21.27 35.11
CA LEU N 345 -55.30 -21.89 34.48
C LEU N 345 -56.57 -21.58 35.29
N LEU N 346 -56.48 -21.63 36.62
CA LEU N 346 -57.58 -21.23 37.53
C LEU N 346 -57.84 -19.73 37.39
N ALA N 347 -56.78 -18.93 37.19
CA ALA N 347 -56.87 -17.47 37.00
C ALA N 347 -57.62 -17.15 35.72
N GLN N 348 -57.38 -17.92 34.65
CA GLN N 348 -58.00 -17.69 33.33
C GLN N 348 -59.44 -18.24 33.33
N ASN N 349 -59.70 -19.31 34.08
CA ASN N 349 -61.07 -19.87 34.20
C ASN N 349 -61.96 -18.93 35.00
N LYS N 350 -61.40 -18.24 36.00
CA LYS N 350 -62.16 -17.28 36.83
C LYS N 350 -62.36 -15.97 36.07
N GLN N 351 -61.47 -15.63 35.14
CA GLN N 351 -61.54 -14.37 34.38
C GLN N 351 -62.64 -14.46 33.31
N SER N 352 -62.67 -15.55 32.54
CA SER N 352 -63.65 -15.72 31.44
C SER N 352 -65.05 -15.95 32.00
N SER N 353 -65.17 -16.58 33.17
CA SER N 353 -66.47 -16.89 33.80
C SER N 353 -67.02 -15.66 34.53
N PRO N 360 -68.29 -14.36 47.77
CA PRO N 360 -68.34 -15.72 48.32
C PRO N 360 -67.00 -16.44 48.29
N THR N 361 -65.93 -15.73 47.93
CA THR N 361 -64.56 -16.30 47.85
C THR N 361 -63.85 -16.08 49.19
N LYS N 362 -64.51 -16.47 50.28
CA LYS N 362 -63.99 -16.30 51.65
C LYS N 362 -63.41 -17.63 52.15
N LEU N 363 -62.42 -18.14 51.41
CA LEU N 363 -61.74 -19.42 51.70
C LEU N 363 -60.86 -19.34 52.95
N VAL N 364 -60.69 -18.15 53.54
CA VAL N 364 -59.78 -17.93 54.70
C VAL N 364 -60.55 -18.02 56.01
N LYS N 365 -61.83 -18.39 55.97
CA LYS N 365 -62.69 -18.45 57.17
C LYS N 365 -62.20 -19.51 58.15
N ASN N 366 -61.83 -20.69 57.65
CA ASN N 366 -61.47 -21.85 58.51
C ASN N 366 -60.11 -21.63 59.19
N CYS N 367 -59.26 -20.76 58.65
CA CYS N 367 -57.88 -20.54 59.16
C CYS N 367 -57.87 -19.90 60.56
N PHE N 368 -58.97 -19.28 60.99
CA PHE N 368 -59.05 -18.55 62.27
C PHE N 368 -59.36 -19.48 63.46
N LEU N 369 -59.56 -20.78 63.22
CA LEU N 369 -59.98 -21.74 64.27
C LEU N 369 -58.99 -21.86 65.42
N PRO N 370 -57.64 -21.85 65.23
CA PRO N 370 -56.73 -21.87 66.39
C PRO N 370 -56.86 -20.71 67.39
N LEU N 371 -57.38 -19.55 66.98
CA LEU N 371 -57.57 -18.39 67.88
C LEU N 371 -58.52 -18.73 69.03
N ARG N 372 -59.40 -19.73 68.85
CA ARG N 372 -60.35 -20.19 69.90
C ARG N 372 -59.61 -20.60 71.17
N GLU N 373 -58.37 -21.09 71.05
CA GLU N 373 -57.59 -21.61 72.19
C GLU N 373 -57.11 -20.47 73.09
N TYR N 374 -57.06 -19.24 72.58
CA TYR N 374 -56.54 -18.07 73.33
C TYR N 374 -57.66 -17.12 73.76
N PHE N 375 -58.65 -16.88 72.90
CA PHE N 375 -59.65 -15.81 73.11
C PHE N 375 -61.06 -16.38 73.27
N LYS N 376 -61.96 -15.48 73.64
CA LYS N 376 -63.36 -15.81 74.03
C LYS N 376 -64.14 -16.24 72.79
N TYR N 377 -65.04 -17.20 72.99
CA TYR N 377 -65.94 -17.75 71.96
C TYR N 377 -67.37 -17.32 72.28
N PHE N 378 -68.07 -16.79 71.28
CA PHE N 378 -69.46 -16.31 71.42
C PHE N 378 -70.44 -17.31 70.80
N SER N 379 -71.66 -17.30 71.33
CA SER N 379 -72.81 -18.14 70.89
C SER N 379 -72.44 -19.62 70.86
ZN ZN O . 27.53 -28.06 16.51
ZN ZN P . 17.84 -31.27 21.60
ZN ZN Q . 12.76 -28.84 34.80
N SAH R . 10.18 1.75 26.58
CA SAH R . 8.82 2.23 26.70
CB SAH R . 7.91 1.56 25.67
CG SAH R . 8.66 0.79 24.58
SD SAH R . 7.54 0.06 23.35
C SAH R . 8.27 2.03 28.11
O SAH R . 9.02 1.71 29.03
OXT SAH R . 7.07 2.19 28.35
C5' SAH R . 7.95 1.35 22.15
C4' SAH R . 6.90 2.46 22.12
O4' SAH R . 7.16 3.35 21.05
C3' SAH R . 5.51 1.91 21.91
O3' SAH R . 4.75 2.02 23.08
C2' SAH R . 4.90 2.76 20.81
O2' SAH R . 3.72 3.37 21.26
C1' SAH R . 5.95 3.81 20.50
N9 SAH R . 6.08 3.98 19.04
C8 SAH R . 5.86 3.03 18.09
N7 SAH R . 6.08 3.58 16.87
C5 SAH R . 6.43 4.86 17.04
C6 SAH R . 6.77 5.87 16.14
N6 SAH R . 6.77 5.62 14.83
N1 SAH R . 7.10 7.12 16.60
C2 SAH R . 7.10 7.37 17.96
N3 SAH R . 6.76 6.37 18.85
C4 SAH R . 6.44 5.13 18.40
ZN ZN S . 29.24 32.75 -20.93
ZN ZN T . 40.34 23.21 -16.32
ZN ZN U . 22.70 40.20 -16.59
N SAH V . -24.69 3.72 47.80
CA SAH V . -23.66 3.10 46.99
CB SAH V . -24.23 2.64 45.65
CG SAH V . -25.70 2.97 45.41
SD SAH V . -26.25 2.44 43.77
C SAH V . -22.47 4.04 46.76
O SAH V . -22.49 5.19 47.19
OXT SAH V . -21.48 3.66 46.13
C5' SAH V . -27.00 0.94 44.46
C4' SAH V . -26.10 -0.28 44.31
O4' SAH V . -26.77 -1.45 44.75
C3' SAH V . -25.70 -0.51 42.86
O3' SAH V . -24.34 -0.20 42.68
C2' SAH V . -25.94 -2.00 42.62
O2' SAH V . -24.73 -2.61 42.23
C1' SAH V . -26.42 -2.55 43.94
N9 SAH V . -27.59 -3.42 43.72
C8 SAH V . -28.53 -3.27 42.74
N7 SAH V . -29.44 -4.27 42.88
C5 SAH V . -29.09 -5.04 43.93
C6 SAH V . -29.66 -6.17 44.48
N6 SAH V . -30.78 -6.68 43.97
N1 SAH V . -29.06 -6.77 45.58
C2 SAH V . -27.90 -6.24 46.10
N3 SAH V . -27.34 -5.12 45.54
C4 SAH V . -27.92 -4.52 44.47
#